data_4N6B
#
_entry.id   4N6B
#
_cell.length_a   207.077
_cell.length_b   99.181
_cell.length_c   120.256
_cell.angle_alpha   90.00
_cell.angle_beta   117.23
_cell.angle_gamma   90.00
#
_symmetry.space_group_name_H-M   'C 1 2 1'
#
loop_
_entity.id
_entity.type
_entity.pdbx_description
1 polymer 'Serine Acetyltransferase Apoenzyme'
2 non-polymer 'COENZYME A'
#
_entity_poly.entity_id   1
_entity_poly.type   'polypeptide(L)'
_entity_poly.pdbx_seq_one_letter_code
;MPTGLPAANSLVAPDEEGWVWGQIKAEARRDAESEPALASYLYSTILSHSSLERSLSFHLGNKLCSSTLLSTLLYDLFLN
AFSSDPSLRSAAVADLRAARERDPACVSYSHCLLNYKGFLACQAHRVAHLLWRQSRRPLALALHSRIANVFAVDIHPAAR
IGKGILFDHATGVVVGETAVIGNNVSILHHVTLGGTGKVGGDRHPKIGDGVLIGAGATILGNIKIGEGAKVGAGSVVLID
VPPRTTAVGNPARLVGGKEKPSKHEDVPGESMDHTSFISEWSDYII
;
_entity_poly.pdbx_strand_id   A,B,C,D,E,F
#
# COMPACT_ATOMS: atom_id res chain seq x y z
N GLU A 17 -6.50 -23.51 -27.68
CA GLU A 17 -5.85 -22.58 -26.77
C GLU A 17 -4.42 -22.25 -27.19
N GLY A 18 -3.67 -23.29 -27.54
CA GLY A 18 -2.27 -23.16 -27.90
C GLY A 18 -1.96 -22.09 -28.93
N TRP A 19 -2.98 -21.61 -29.63
CA TRP A 19 -2.80 -20.51 -30.54
C TRP A 19 -3.27 -19.20 -29.94
N VAL A 20 -4.43 -19.23 -29.28
CA VAL A 20 -4.99 -18.02 -28.70
C VAL A 20 -4.02 -17.46 -27.68
N TRP A 21 -3.26 -18.34 -27.07
CA TRP A 21 -2.19 -17.91 -26.20
C TRP A 21 -1.05 -17.38 -27.02
N GLY A 22 -0.83 -17.97 -28.19
CA GLY A 22 0.28 -17.54 -29.02
C GLY A 22 0.00 -16.19 -29.61
N GLN A 23 -1.27 -15.84 -29.64
CA GLN A 23 -1.71 -14.58 -30.23
C GLN A 23 -1.67 -13.51 -29.18
N ILE A 24 -1.97 -13.88 -27.94
CA ILE A 24 -1.86 -12.96 -26.83
C ILE A 24 -0.43 -12.55 -26.63
N LYS A 25 0.47 -13.52 -26.60
CA LYS A 25 1.89 -13.24 -26.44
C LYS A 25 2.40 -12.37 -27.56
N ALA A 26 1.68 -12.37 -28.67
CA ALA A 26 2.06 -11.59 -29.82
C ALA A 26 1.63 -10.15 -29.63
N GLU A 27 0.34 -9.97 -29.33
CA GLU A 27 -0.21 -8.65 -29.12
C GLU A 27 0.39 -7.96 -27.92
N ALA A 28 0.73 -8.74 -26.90
CA ALA A 28 1.32 -8.18 -25.68
C ALA A 28 2.75 -7.71 -25.91
N ARG A 29 3.50 -8.42 -26.75
CA ARG A 29 4.88 -8.05 -27.00
C ARG A 29 4.91 -6.79 -27.84
N ARG A 30 3.78 -6.46 -28.43
CA ARG A 30 3.65 -5.32 -29.30
C ARG A 30 3.42 -4.06 -28.48
N ASP A 31 2.47 -4.14 -27.57
CA ASP A 31 2.14 -3.01 -26.70
C ASP A 31 3.28 -2.74 -25.76
N ALA A 32 4.06 -3.77 -25.46
CA ALA A 32 5.20 -3.62 -24.57
C ALA A 32 6.30 -2.79 -25.18
N GLU A 33 6.37 -2.81 -26.50
CA GLU A 33 7.39 -2.04 -27.18
C GLU A 33 6.85 -0.69 -27.61
N SER A 34 5.53 -0.55 -27.61
CA SER A 34 4.93 0.71 -28.04
C SER A 34 4.40 1.55 -26.88
N GLU A 35 4.62 1.07 -25.66
CA GLU A 35 4.35 1.87 -24.48
C GLU A 35 5.08 1.34 -23.27
N PRO A 36 6.29 1.86 -23.02
CA PRO A 36 7.09 1.40 -21.89
C PRO A 36 6.50 1.82 -20.56
N ALA A 37 5.30 2.40 -20.56
CA ALA A 37 4.64 2.70 -19.31
C ALA A 37 4.01 1.44 -18.78
N LEU A 38 3.82 0.46 -19.66
CA LEU A 38 3.15 -0.78 -19.35
C LEU A 38 4.03 -1.97 -19.61
N ALA A 39 5.30 -1.72 -19.87
CA ALA A 39 6.20 -2.75 -20.36
C ALA A 39 6.57 -3.79 -19.31
N SER A 40 6.83 -3.35 -18.09
CA SER A 40 7.21 -4.30 -17.05
C SER A 40 6.00 -5.14 -16.63
N TYR A 41 4.85 -4.49 -16.58
CA TYR A 41 3.59 -5.11 -16.20
C TYR A 41 3.10 -6.14 -17.18
N LEU A 42 3.44 -5.95 -18.45
CA LEU A 42 3.08 -6.90 -19.49
C LEU A 42 4.00 -8.09 -19.45
N TYR A 43 5.27 -7.81 -19.23
CA TYR A 43 6.25 -8.87 -19.12
C TYR A 43 5.93 -9.75 -17.93
N SER A 44 5.66 -9.13 -16.78
CA SER A 44 5.38 -9.87 -15.57
C SER A 44 4.11 -10.68 -15.74
N THR A 45 3.10 -10.06 -16.33
CA THR A 45 1.80 -10.71 -16.46
C THR A 45 1.77 -11.77 -17.54
N ILE A 46 2.16 -11.40 -18.76
CA ILE A 46 1.98 -12.26 -19.93
C ILE A 46 3.26 -12.88 -20.48
N LEU A 47 4.24 -12.05 -20.78
CA LEU A 47 5.41 -12.50 -21.52
C LEU A 47 6.41 -13.35 -20.74
N SER A 48 6.30 -13.37 -19.42
CA SER A 48 7.23 -14.16 -18.62
C SER A 48 6.64 -15.51 -18.28
N HIS A 49 5.52 -15.83 -18.92
CA HIS A 49 4.80 -17.04 -18.63
C HIS A 49 4.62 -17.83 -19.90
N SER A 50 4.39 -19.14 -19.75
CA SER A 50 4.32 -20.03 -20.88
C SER A 50 2.95 -20.66 -21.00
N SER A 51 1.98 -20.11 -20.28
CA SER A 51 0.63 -20.63 -20.33
C SER A 51 -0.37 -19.52 -20.10
N LEU A 52 -1.59 -19.74 -20.56
CA LEU A 52 -2.63 -18.75 -20.43
C LEU A 52 -3.19 -18.75 -19.01
N GLU A 53 -3.12 -19.91 -18.37
CA GLU A 53 -3.64 -20.06 -17.03
C GLU A 53 -2.75 -19.37 -16.03
N ARG A 54 -1.45 -19.43 -16.24
CA ARG A 54 -0.52 -18.85 -15.29
C ARG A 54 -0.60 -17.34 -15.35
N SER A 55 -0.70 -16.81 -16.56
CA SER A 55 -0.81 -15.37 -16.76
C SER A 55 -2.16 -14.86 -16.28
N LEU A 56 -3.19 -15.67 -16.45
CA LEU A 56 -4.50 -15.28 -15.98
C LEU A 56 -4.54 -15.30 -14.47
N SER A 57 -3.80 -16.23 -13.89
CA SER A 57 -3.82 -16.41 -12.45
C SER A 57 -3.04 -15.30 -11.79
N PHE A 58 -1.88 -15.01 -12.37
CA PHE A 58 -1.04 -13.90 -11.97
C PHE A 58 -1.85 -12.62 -11.96
N HIS A 59 -2.50 -12.33 -13.07
CA HIS A 59 -3.25 -11.10 -13.25
C HIS A 59 -4.41 -10.98 -12.28
N LEU A 60 -5.26 -11.99 -12.23
CA LEU A 60 -6.43 -11.97 -11.38
C LEU A 60 -6.07 -11.84 -9.92
N GLY A 61 -4.83 -12.14 -9.58
CA GLY A 61 -4.36 -12.08 -8.22
C GLY A 61 -4.03 -10.67 -7.80
N ASN A 62 -3.36 -9.95 -8.69
CA ASN A 62 -3.06 -8.56 -8.44
C ASN A 62 -4.29 -7.67 -8.55
N LYS A 63 -5.27 -8.08 -9.35
CA LYS A 63 -6.44 -7.24 -9.56
C LYS A 63 -7.43 -7.34 -8.41
N LEU A 64 -7.27 -8.36 -7.59
CA LEU A 64 -8.29 -8.68 -6.60
C LEU A 64 -7.76 -8.70 -5.19
N CYS A 65 -6.49 -8.39 -5.03
CA CYS A 65 -5.87 -8.49 -3.73
C CYS A 65 -6.34 -7.37 -2.82
N SER A 66 -6.16 -7.57 -1.53
CA SER A 66 -6.48 -6.57 -0.53
C SER A 66 -5.73 -6.90 0.74
N SER A 67 -6.08 -6.23 1.82
CA SER A 67 -5.41 -6.42 3.10
C SER A 67 -5.76 -7.78 3.67
N THR A 68 -6.96 -8.25 3.36
CA THR A 68 -7.40 -9.56 3.81
C THR A 68 -6.67 -10.66 3.05
N LEU A 69 -6.52 -10.45 1.75
CA LEU A 69 -6.02 -11.48 0.86
C LEU A 69 -4.80 -11.04 0.07
N LEU A 70 -3.68 -11.69 0.31
CA LEU A 70 -2.44 -11.41 -0.39
C LEU A 70 -2.53 -11.73 -1.87
N SER A 71 -1.78 -11.01 -2.69
CA SER A 71 -1.80 -11.24 -4.13
C SER A 71 -1.10 -12.52 -4.49
N THR A 72 -0.11 -12.90 -3.68
CA THR A 72 0.63 -14.12 -3.90
C THR A 72 -0.15 -15.32 -3.41
N LEU A 73 -1.17 -15.07 -2.59
CA LEU A 73 -2.04 -16.12 -2.12
C LEU A 73 -3.08 -16.44 -3.16
N LEU A 74 -3.71 -15.40 -3.69
CA LEU A 74 -4.72 -15.59 -4.71
C LEU A 74 -4.13 -16.10 -6.01
N TYR A 75 -2.84 -15.85 -6.21
CA TYR A 75 -2.13 -16.33 -7.39
C TYR A 75 -1.86 -17.82 -7.26
N ASP A 76 -1.80 -18.27 -6.02
CA ASP A 76 -1.66 -19.69 -5.72
C ASP A 76 -3.01 -20.36 -5.86
N LEU A 77 -4.06 -19.64 -5.50
CA LEU A 77 -5.39 -20.21 -5.53
C LEU A 77 -5.89 -20.38 -6.95
N PHE A 78 -5.78 -19.33 -7.75
CA PHE A 78 -6.24 -19.39 -9.12
C PHE A 78 -5.43 -20.38 -9.95
N LEU A 79 -4.15 -20.49 -9.65
CA LEU A 79 -3.26 -21.36 -10.39
C LEU A 79 -3.60 -22.81 -10.15
N ASN A 80 -3.95 -23.13 -8.92
CA ASN A 80 -4.27 -24.49 -8.54
C ASN A 80 -5.65 -24.90 -8.98
N ALA A 81 -6.50 -23.93 -9.29
CA ALA A 81 -7.82 -24.24 -9.80
C ALA A 81 -7.73 -24.56 -11.28
N PHE A 82 -7.17 -23.65 -12.06
CA PHE A 82 -7.05 -23.86 -13.49
C PHE A 82 -6.27 -25.12 -13.80
N SER A 83 -5.39 -25.50 -12.88
CA SER A 83 -4.53 -26.65 -13.11
C SER A 83 -5.22 -27.95 -12.70
N SER A 84 -6.29 -27.81 -11.94
CA SER A 84 -7.03 -28.95 -11.44
C SER A 84 -8.22 -29.23 -12.33
N ASP A 85 -8.61 -28.23 -13.10
CA ASP A 85 -9.84 -28.34 -13.86
C ASP A 85 -9.66 -27.89 -15.30
N PRO A 86 -9.74 -28.83 -16.23
CA PRO A 86 -9.53 -28.55 -17.65
C PRO A 86 -10.70 -27.81 -18.27
N SER A 87 -11.84 -27.78 -17.58
CA SER A 87 -13.04 -27.16 -18.12
C SER A 87 -13.02 -25.68 -17.79
N LEU A 88 -12.09 -25.30 -16.93
CA LEU A 88 -11.86 -23.90 -16.64
C LEU A 88 -11.05 -23.28 -17.75
N ARG A 89 -9.97 -23.95 -18.13
CA ARG A 89 -9.12 -23.46 -19.19
C ARG A 89 -9.90 -23.33 -20.48
N SER A 90 -10.84 -24.23 -20.70
CA SER A 90 -11.63 -24.20 -21.91
C SER A 90 -12.60 -23.03 -21.87
N ALA A 91 -13.29 -22.88 -20.74
CA ALA A 91 -14.25 -21.81 -20.55
C ALA A 91 -13.62 -20.44 -20.64
N ALA A 92 -12.32 -20.39 -20.41
CA ALA A 92 -11.60 -19.13 -20.50
C ALA A 92 -11.36 -18.80 -21.95
N VAL A 93 -10.86 -19.77 -22.70
CA VAL A 93 -10.60 -19.57 -24.11
C VAL A 93 -11.89 -19.30 -24.85
N ALA A 94 -12.97 -19.92 -24.41
CA ALA A 94 -14.27 -19.68 -25.02
C ALA A 94 -14.67 -18.23 -24.84
N ASP A 95 -14.57 -17.76 -23.61
CA ASP A 95 -14.94 -16.39 -23.26
C ASP A 95 -14.09 -15.38 -24.00
N LEU A 96 -12.84 -15.76 -24.25
CA LEU A 96 -11.92 -14.93 -24.99
C LEU A 96 -12.30 -14.83 -26.45
N ARG A 97 -12.63 -15.96 -27.06
CA ARG A 97 -13.04 -15.96 -28.45
C ARG A 97 -14.30 -15.13 -28.62
N ALA A 98 -15.18 -15.20 -27.64
CA ALA A 98 -16.45 -14.53 -27.71
C ALA A 98 -16.30 -13.03 -27.75
N ALA A 99 -15.38 -12.48 -26.97
CA ALA A 99 -15.23 -11.05 -26.90
C ALA A 99 -14.55 -10.54 -28.14
N ARG A 100 -13.57 -11.30 -28.60
CA ARG A 100 -12.86 -10.97 -29.82
C ARG A 100 -13.82 -10.97 -30.99
N GLU A 101 -14.71 -11.94 -31.04
CA GLU A 101 -15.69 -12.04 -32.12
C GLU A 101 -16.82 -11.02 -32.00
N ARG A 102 -17.36 -10.86 -30.80
CA ARG A 102 -18.62 -10.16 -30.66
C ARG A 102 -18.54 -8.69 -30.28
N ASP A 103 -17.49 -8.30 -29.57
CA ASP A 103 -17.45 -6.96 -29.00
C ASP A 103 -17.39 -5.86 -30.06
N VAL A 107 -11.79 -5.80 -29.14
CA VAL A 107 -10.57 -5.90 -28.36
C VAL A 107 -9.45 -6.55 -29.14
N SER A 108 -8.22 -6.27 -28.74
CA SER A 108 -7.09 -7.11 -29.09
C SER A 108 -7.04 -8.09 -27.95
N TYR A 109 -6.71 -9.34 -28.25
CA TYR A 109 -6.73 -10.42 -27.27
C TYR A 109 -6.07 -10.08 -25.95
N SER A 110 -4.87 -9.52 -26.04
CA SER A 110 -4.16 -9.07 -24.86
C SER A 110 -5.01 -8.10 -24.08
N HIS A 111 -5.64 -7.16 -24.78
CA HIS A 111 -6.42 -6.13 -24.11
C HIS A 111 -7.63 -6.72 -23.43
N CYS A 112 -8.22 -7.73 -24.05
CA CYS A 112 -9.40 -8.35 -23.47
C CYS A 112 -9.00 -9.09 -22.21
N LEU A 113 -7.82 -9.68 -22.20
CA LEU A 113 -7.33 -10.43 -21.07
C LEU A 113 -7.07 -9.56 -19.85
N LEU A 114 -6.61 -8.34 -20.08
CA LEU A 114 -6.05 -7.53 -19.01
C LEU A 114 -6.93 -6.39 -18.55
N ASN A 115 -7.89 -5.99 -19.37
CA ASN A 115 -8.67 -4.81 -19.06
C ASN A 115 -10.17 -5.01 -19.15
N TYR A 116 -10.60 -6.24 -19.43
CA TYR A 116 -12.02 -6.49 -19.62
C TYR A 116 -12.69 -7.06 -18.39
N LYS A 117 -13.46 -6.21 -17.71
CA LYS A 117 -13.99 -6.51 -16.40
C LYS A 117 -14.92 -7.70 -16.42
N GLY A 118 -15.62 -7.86 -17.52
CA GLY A 118 -16.58 -8.94 -17.65
C GLY A 118 -15.86 -10.25 -17.74
N PHE A 119 -14.81 -10.29 -18.53
CA PHE A 119 -14.06 -11.51 -18.71
C PHE A 119 -13.42 -11.93 -17.41
N LEU A 120 -12.65 -11.02 -16.84
CA LEU A 120 -11.91 -11.30 -15.61
C LEU A 120 -12.82 -11.68 -14.47
N ALA A 121 -14.04 -11.17 -14.48
CA ALA A 121 -15.01 -11.54 -13.46
C ALA A 121 -15.41 -12.99 -13.60
N CYS A 122 -15.83 -13.37 -14.81
CA CYS A 122 -16.27 -14.72 -15.12
C CYS A 122 -15.27 -15.74 -14.63
N GLN A 123 -14.02 -15.57 -15.05
CA GLN A 123 -12.99 -16.53 -14.74
C GLN A 123 -12.64 -16.56 -13.26
N ALA A 124 -13.10 -15.55 -12.53
CA ALA A 124 -12.87 -15.52 -11.10
C ALA A 124 -14.07 -16.10 -10.42
N HIS A 125 -15.21 -15.96 -11.08
CA HIS A 125 -16.45 -16.46 -10.53
C HIS A 125 -16.50 -17.97 -10.55
N ARG A 126 -16.04 -18.55 -11.65
CA ARG A 126 -16.06 -20.00 -11.78
C ARG A 126 -15.20 -20.63 -10.70
N VAL A 127 -14.14 -19.93 -10.31
CA VAL A 127 -13.27 -20.43 -9.25
C VAL A 127 -13.97 -20.36 -7.90
N ALA A 128 -14.81 -19.35 -7.72
CA ALA A 128 -15.59 -19.22 -6.50
C ALA A 128 -16.66 -20.28 -6.48
N HIS A 129 -17.15 -20.60 -7.66
CA HIS A 129 -18.21 -21.58 -7.81
C HIS A 129 -17.68 -22.95 -7.47
N LEU A 130 -16.42 -23.17 -7.80
CA LEU A 130 -15.76 -24.43 -7.50
C LEU A 130 -15.61 -24.58 -6.00
N LEU A 131 -15.23 -23.49 -5.33
CA LEU A 131 -15.07 -23.48 -3.89
C LEU A 131 -16.38 -23.69 -3.19
N TRP A 132 -17.44 -23.19 -3.80
CA TRP A 132 -18.77 -23.30 -3.24
C TRP A 132 -19.27 -24.75 -3.31
N ARG A 133 -18.79 -25.49 -4.31
CA ARG A 133 -19.09 -26.91 -4.44
C ARG A 133 -18.15 -27.74 -3.57
N GLN A 134 -16.88 -27.36 -3.56
CA GLN A 134 -15.88 -28.03 -2.73
C GLN A 134 -16.00 -27.65 -1.26
N SER A 135 -17.10 -27.00 -0.92
CA SER A 135 -17.39 -26.59 0.46
C SER A 135 -16.33 -25.73 1.14
N ARG A 136 -15.73 -24.81 0.39
CA ARG A 136 -14.97 -23.73 0.99
C ARG A 136 -15.78 -22.46 0.79
N ARG A 137 -17.01 -22.50 1.24
CA ARG A 137 -17.93 -21.38 1.08
C ARG A 137 -17.56 -20.08 1.81
N PRO A 138 -16.77 -20.13 2.90
CA PRO A 138 -16.40 -18.81 3.42
C PRO A 138 -15.42 -18.10 2.51
N LEU A 139 -14.58 -18.87 1.84
CA LEU A 139 -13.58 -18.31 0.96
C LEU A 139 -14.22 -17.89 -0.34
N ALA A 140 -15.18 -18.68 -0.78
CA ALA A 140 -15.91 -18.43 -2.00
C ALA A 140 -16.65 -17.11 -1.93
N LEU A 141 -17.27 -16.83 -0.81
CA LEU A 141 -18.04 -15.61 -0.64
C LEU A 141 -17.11 -14.43 -0.40
N ALA A 142 -15.91 -14.74 0.04
CA ALA A 142 -14.90 -13.71 0.26
C ALA A 142 -14.40 -13.27 -1.09
N LEU A 143 -14.11 -14.26 -1.92
CA LEU A 143 -13.65 -14.04 -3.27
C LEU A 143 -14.79 -13.46 -4.08
N HIS A 144 -16.01 -13.79 -3.71
CA HIS A 144 -17.17 -13.25 -4.37
C HIS A 144 -17.32 -11.78 -4.07
N SER A 145 -16.93 -11.38 -2.88
CA SER A 145 -17.17 -10.00 -2.48
C SER A 145 -16.13 -9.02 -3.00
N ARG A 146 -15.01 -9.55 -3.48
CA ARG A 146 -13.96 -8.78 -4.14
C ARG A 146 -14.32 -8.53 -5.58
N ILE A 147 -14.85 -9.56 -6.20
CA ILE A 147 -15.32 -9.51 -7.57
C ILE A 147 -16.43 -8.48 -7.70
N ALA A 148 -17.14 -8.21 -6.61
CA ALA A 148 -18.18 -7.20 -6.67
C ALA A 148 -17.60 -5.81 -6.51
N ASN A 149 -16.50 -5.73 -5.76
CA ASN A 149 -15.77 -4.49 -5.60
C ASN A 149 -15.01 -4.12 -6.86
N VAL A 150 -14.02 -4.94 -7.18
CA VAL A 150 -13.12 -4.63 -8.27
C VAL A 150 -13.80 -4.61 -9.62
N PHE A 151 -14.53 -5.67 -9.93
CA PHE A 151 -15.05 -5.85 -11.28
C PHE A 151 -16.48 -5.37 -11.47
N ALA A 152 -17.13 -4.98 -10.39
CA ALA A 152 -18.50 -4.49 -10.43
C ALA A 152 -19.47 -5.48 -11.05
N VAL A 153 -19.23 -6.76 -10.81
CA VAL A 153 -20.14 -7.82 -11.24
C VAL A 153 -20.52 -8.67 -10.04
N ASP A 154 -21.80 -8.73 -9.74
CA ASP A 154 -22.30 -9.44 -8.57
C ASP A 154 -22.98 -10.74 -8.96
N ILE A 155 -22.19 -11.80 -9.00
CA ILE A 155 -22.74 -13.12 -9.30
C ILE A 155 -22.53 -14.00 -8.10
N HIS A 156 -23.62 -14.55 -7.60
CA HIS A 156 -23.57 -15.47 -6.49
C HIS A 156 -22.81 -16.70 -6.93
N PRO A 157 -21.87 -17.15 -6.11
CA PRO A 157 -21.08 -18.35 -6.41
C PRO A 157 -21.94 -19.57 -6.73
N ALA A 158 -23.17 -19.59 -6.26
CA ALA A 158 -24.08 -20.68 -6.53
C ALA A 158 -24.59 -20.66 -7.95
N ALA A 159 -24.52 -19.50 -8.59
CA ALA A 159 -25.05 -19.35 -9.94
C ALA A 159 -24.26 -20.16 -10.94
N ARG A 160 -24.97 -20.90 -11.78
CA ARG A 160 -24.33 -21.69 -12.80
C ARG A 160 -24.23 -20.90 -14.09
N ILE A 161 -23.00 -20.70 -14.55
CA ILE A 161 -22.80 -20.07 -15.84
C ILE A 161 -22.09 -21.02 -16.79
N GLY A 162 -22.48 -20.99 -18.05
CA GLY A 162 -21.82 -21.77 -19.06
C GLY A 162 -20.59 -21.05 -19.55
N LYS A 163 -20.23 -21.29 -20.80
CA LYS A 163 -19.07 -20.62 -21.36
C LYS A 163 -19.39 -19.97 -22.70
N GLY A 164 -18.45 -19.15 -23.18
CA GLY A 164 -18.68 -18.30 -24.33
C GLY A 164 -19.51 -17.11 -23.93
N ILE A 165 -19.26 -16.62 -22.72
CA ILE A 165 -20.09 -15.57 -22.13
C ILE A 165 -19.47 -14.20 -22.27
N LEU A 166 -20.31 -13.22 -22.60
CA LEU A 166 -19.86 -11.87 -22.79
C LEU A 166 -20.59 -10.91 -21.86
N PHE A 167 -19.82 -10.23 -21.04
CA PHE A 167 -20.32 -9.13 -20.25
C PHE A 167 -19.72 -7.85 -20.83
N ASP A 168 -20.55 -7.00 -21.41
CA ASP A 168 -20.10 -5.78 -22.05
C ASP A 168 -20.22 -4.58 -21.13
N HIS A 169 -19.09 -3.97 -20.79
CA HIS A 169 -19.04 -2.90 -19.80
C HIS A 169 -19.67 -3.41 -18.53
N ALA A 170 -19.04 -4.42 -17.98
CA ALA A 170 -19.66 -5.32 -17.01
C ALA A 170 -20.21 -4.69 -15.77
N THR A 171 -20.08 -3.38 -15.63
CA THR A 171 -20.50 -2.73 -14.42
C THR A 171 -21.98 -2.97 -14.17
N GLY A 172 -22.34 -3.16 -12.91
CA GLY A 172 -23.73 -3.13 -12.48
C GLY A 172 -24.53 -4.41 -12.64
N VAL A 173 -23.85 -5.50 -12.98
CA VAL A 173 -24.52 -6.78 -13.18
C VAL A 173 -24.75 -7.51 -11.88
N VAL A 174 -25.98 -7.97 -11.69
CA VAL A 174 -26.42 -8.70 -10.52
C VAL A 174 -27.06 -10.00 -10.94
N VAL A 175 -26.54 -11.11 -10.43
CA VAL A 175 -27.03 -12.42 -10.80
C VAL A 175 -27.32 -13.24 -9.56
N GLY A 176 -28.57 -13.68 -9.43
CA GLY A 176 -29.04 -14.39 -8.24
C GLY A 176 -28.45 -15.76 -7.98
N GLU A 177 -28.90 -16.38 -6.91
CA GLU A 177 -28.36 -17.64 -6.40
C GLU A 177 -28.77 -18.87 -7.22
N THR A 178 -29.93 -18.83 -7.84
CA THR A 178 -30.42 -19.97 -8.59
C THR A 178 -30.58 -19.63 -10.06
N ALA A 179 -29.80 -18.65 -10.50
CA ALA A 179 -29.81 -18.28 -11.90
C ALA A 179 -28.96 -19.25 -12.65
N VAL A 180 -29.29 -19.46 -13.92
CA VAL A 180 -28.50 -20.29 -14.79
C VAL A 180 -28.32 -19.58 -16.12
N ILE A 181 -27.06 -19.46 -16.53
CA ILE A 181 -26.72 -18.75 -17.75
C ILE A 181 -26.06 -19.71 -18.73
N GLY A 182 -26.72 -19.93 -19.85
CA GLY A 182 -26.28 -20.90 -20.83
C GLY A 182 -25.11 -20.45 -21.66
N ASN A 183 -24.65 -21.31 -22.56
CA ASN A 183 -23.53 -20.98 -23.40
C ASN A 183 -23.84 -19.89 -24.42
N ASN A 184 -22.83 -19.14 -24.81
CA ASN A 184 -22.95 -18.12 -25.85
C ASN A 184 -23.99 -17.05 -25.57
N VAL A 185 -24.04 -16.59 -24.33
CA VAL A 185 -24.98 -15.55 -23.95
C VAL A 185 -24.24 -14.23 -23.81
N SER A 186 -24.88 -13.16 -24.25
CA SER A 186 -24.34 -11.83 -24.12
C SER A 186 -25.16 -11.05 -23.12
N ILE A 187 -24.55 -10.76 -21.98
CA ILE A 187 -25.20 -10.00 -20.95
C ILE A 187 -24.58 -8.63 -20.95
N LEU A 188 -25.41 -7.59 -20.90
CA LEU A 188 -24.89 -6.25 -21.06
C LEU A 188 -24.87 -5.40 -19.80
N HIS A 189 -24.69 -4.11 -20.02
CA HIS A 189 -24.66 -3.09 -18.99
C HIS A 189 -25.91 -3.08 -18.12
N HIS A 190 -25.73 -3.14 -16.80
CA HIS A 190 -26.82 -2.98 -15.84
C HIS A 190 -27.93 -4.02 -15.86
N VAL A 191 -27.58 -5.25 -16.19
CA VAL A 191 -28.55 -6.32 -16.24
C VAL A 191 -28.76 -6.90 -14.84
N THR A 192 -30.00 -7.23 -14.53
CA THR A 192 -30.33 -7.85 -13.27
C THR A 192 -31.03 -9.17 -13.52
N LEU A 193 -30.41 -10.25 -13.07
CA LEU A 193 -31.03 -11.55 -13.14
C LEU A 193 -31.44 -11.93 -11.73
N GLY A 194 -32.58 -11.44 -11.31
CA GLY A 194 -32.94 -11.53 -9.91
C GLY A 194 -34.27 -12.19 -9.63
N GLY A 195 -34.83 -11.83 -8.49
CA GLY A 195 -35.95 -12.58 -7.96
C GLY A 195 -37.17 -11.75 -7.67
N THR A 196 -38.15 -12.36 -7.03
CA THR A 196 -39.42 -11.69 -6.84
C THR A 196 -40.17 -12.22 -5.61
N GLY A 200 -36.87 -18.61 -0.75
CA GLY A 200 -35.95 -19.71 -1.00
C GLY A 200 -36.35 -20.57 -2.19
N GLY A 201 -35.52 -21.56 -2.50
CA GLY A 201 -35.78 -22.46 -3.60
C GLY A 201 -35.41 -21.83 -4.93
N ASP A 202 -35.69 -22.51 -6.02
CA ASP A 202 -35.44 -21.94 -7.33
C ASP A 202 -36.28 -20.69 -7.50
N ARG A 203 -35.66 -19.59 -7.89
CA ARG A 203 -36.39 -18.33 -7.91
C ARG A 203 -35.73 -17.27 -8.76
N HIS A 204 -34.78 -17.69 -9.60
CA HIS A 204 -34.04 -16.79 -10.46
C HIS A 204 -34.07 -17.25 -11.90
N PRO A 205 -33.74 -16.35 -12.84
CA PRO A 205 -33.75 -16.66 -14.26
C PRO A 205 -32.92 -17.85 -14.70
N LYS A 206 -33.36 -18.45 -15.79
CA LYS A 206 -32.66 -19.50 -16.46
C LYS A 206 -32.49 -19.05 -17.91
N ILE A 207 -31.26 -18.71 -18.27
CA ILE A 207 -30.96 -18.14 -19.58
C ILE A 207 -30.40 -19.18 -20.54
N GLY A 208 -31.15 -19.42 -21.61
CA GLY A 208 -30.75 -20.42 -22.59
C GLY A 208 -29.54 -20.02 -23.41
N ASP A 209 -29.05 -20.94 -24.22
CA ASP A 209 -27.90 -20.66 -25.06
C ASP A 209 -28.24 -19.59 -26.09
N GLY A 210 -27.28 -18.74 -26.40
CA GLY A 210 -27.41 -17.78 -27.48
C GLY A 210 -28.19 -16.50 -27.22
N VAL A 211 -28.64 -16.30 -26.00
CA VAL A 211 -29.48 -15.16 -25.69
C VAL A 211 -28.69 -13.86 -25.58
N LEU A 212 -29.30 -12.76 -26.01
CA LEU A 212 -28.72 -11.44 -25.88
C LEU A 212 -29.58 -10.58 -24.98
N ILE A 213 -29.03 -10.17 -23.85
CA ILE A 213 -29.78 -9.35 -22.90
C ILE A 213 -29.35 -7.91 -22.99
N GLY A 214 -30.32 -7.02 -23.13
CA GLY A 214 -30.07 -5.61 -23.35
C GLY A 214 -29.54 -4.89 -22.14
N ALA A 215 -29.13 -3.64 -22.34
CA ALA A 215 -28.60 -2.84 -21.26
C ALA A 215 -29.70 -2.25 -20.40
N GLY A 216 -29.59 -2.45 -19.09
CA GLY A 216 -30.52 -1.87 -18.14
C GLY A 216 -31.70 -2.76 -17.86
N ALA A 217 -31.72 -3.90 -18.54
CA ALA A 217 -32.81 -4.85 -18.43
C ALA A 217 -32.82 -5.55 -17.09
N THR A 218 -34.02 -5.81 -16.58
CA THR A 218 -34.18 -6.56 -15.35
C THR A 218 -35.13 -7.72 -15.57
N ILE A 219 -34.65 -8.91 -15.27
CA ILE A 219 -35.45 -10.11 -15.44
C ILE A 219 -35.69 -10.72 -14.08
N LEU A 220 -36.96 -10.97 -13.77
CA LEU A 220 -37.35 -11.35 -12.43
C LEU A 220 -38.17 -12.61 -12.39
N GLY A 221 -37.72 -13.57 -11.59
CA GLY A 221 -38.49 -14.76 -11.31
C GLY A 221 -37.85 -16.01 -11.86
N ASN A 222 -38.38 -17.17 -11.47
CA ASN A 222 -37.94 -18.42 -12.05
C ASN A 222 -38.62 -18.61 -13.38
N ILE A 223 -38.35 -17.66 -14.28
CA ILE A 223 -38.87 -17.68 -15.62
C ILE A 223 -37.76 -18.09 -16.55
N LYS A 224 -38.11 -18.53 -17.74
CA LYS A 224 -37.14 -19.04 -18.69
C LYS A 224 -37.04 -18.15 -19.91
N ILE A 225 -35.81 -17.88 -20.32
CA ILE A 225 -35.55 -17.14 -21.54
C ILE A 225 -35.01 -18.15 -22.52
N GLY A 226 -35.80 -18.45 -23.55
CA GLY A 226 -35.48 -19.51 -24.49
C GLY A 226 -34.22 -19.27 -25.29
N GLU A 227 -33.75 -20.30 -25.96
CA GLU A 227 -32.56 -20.19 -26.80
C GLU A 227 -32.72 -19.13 -27.88
N GLY A 228 -31.64 -18.40 -28.14
CA GLY A 228 -31.62 -17.44 -29.21
C GLY A 228 -32.62 -16.31 -29.08
N ALA A 229 -33.13 -16.11 -27.87
CA ALA A 229 -34.08 -15.03 -27.66
C ALA A 229 -33.34 -13.72 -27.52
N LYS A 230 -34.11 -12.64 -27.38
CA LYS A 230 -33.53 -11.32 -27.25
C LYS A 230 -34.37 -10.49 -26.31
N VAL A 231 -33.74 -9.92 -25.30
CA VAL A 231 -34.42 -9.02 -24.41
C VAL A 231 -33.87 -7.62 -24.58
N GLY A 232 -34.76 -6.70 -24.92
CA GLY A 232 -34.36 -5.34 -25.23
C GLY A 232 -33.74 -4.62 -24.07
N ALA A 233 -33.35 -3.38 -24.31
CA ALA A 233 -32.74 -2.56 -23.28
C ALA A 233 -33.82 -1.98 -22.39
N GLY A 234 -33.50 -1.86 -21.11
CA GLY A 234 -34.41 -1.27 -20.14
C GLY A 234 -35.68 -2.05 -19.93
N SER A 235 -35.75 -3.25 -20.48
CA SER A 235 -36.96 -4.05 -20.39
C SER A 235 -37.10 -4.65 -19.01
N VAL A 236 -38.34 -4.85 -18.61
CA VAL A 236 -38.62 -5.55 -17.39
C VAL A 236 -39.37 -6.82 -17.70
N VAL A 237 -38.74 -7.94 -17.44
CA VAL A 237 -39.25 -9.23 -17.83
C VAL A 237 -39.81 -9.98 -16.64
N LEU A 238 -41.09 -10.32 -16.71
CA LEU A 238 -41.72 -11.06 -15.62
C LEU A 238 -42.29 -12.38 -16.09
N ILE A 239 -42.48 -12.54 -17.39
CA ILE A 239 -43.05 -13.74 -17.96
C ILE A 239 -41.97 -14.47 -18.73
N ASP A 240 -42.21 -15.72 -19.08
CA ASP A 240 -41.22 -16.50 -19.81
C ASP A 240 -41.07 -15.91 -21.22
N VAL A 241 -39.98 -16.24 -21.88
CA VAL A 241 -39.74 -15.77 -23.24
C VAL A 241 -39.37 -16.93 -24.16
N PRO A 242 -40.25 -17.22 -25.13
CA PRO A 242 -40.12 -18.33 -26.07
C PRO A 242 -38.91 -18.17 -26.98
N PRO A 243 -38.23 -19.28 -27.30
CA PRO A 243 -37.02 -19.28 -28.10
C PRO A 243 -37.14 -18.47 -29.37
N ARG A 244 -36.02 -17.84 -29.74
CA ARG A 244 -35.90 -17.13 -31.02
C ARG A 244 -36.92 -16.02 -31.18
N THR A 245 -37.42 -15.48 -30.08
CA THR A 245 -38.29 -14.32 -30.15
C THR A 245 -37.71 -13.20 -29.32
N THR A 246 -38.33 -12.02 -29.40
CA THR A 246 -37.80 -10.83 -28.76
C THR A 246 -38.76 -10.24 -27.75
N ALA A 247 -38.26 -10.02 -26.53
CA ALA A 247 -39.04 -9.39 -25.47
C ALA A 247 -38.56 -7.98 -25.27
N VAL A 248 -39.48 -7.06 -25.02
CA VAL A 248 -39.12 -5.65 -24.96
C VAL A 248 -40.14 -4.81 -24.19
N GLY A 249 -39.64 -3.82 -23.46
CA GLY A 249 -40.51 -2.84 -22.83
C GLY A 249 -40.70 -2.99 -21.34
N ASN A 250 -41.51 -2.11 -20.77
CA ASN A 250 -41.81 -2.13 -19.34
C ASN A 250 -43.30 -1.92 -19.10
N PRO A 251 -44.04 -3.02 -18.82
CA PRO A 251 -43.55 -4.40 -18.78
C PRO A 251 -43.32 -4.99 -20.18
N ALA A 252 -42.45 -5.99 -20.23
CA ALA A 252 -42.00 -6.56 -21.49
C ALA A 252 -43.09 -7.30 -22.24
N ARG A 253 -43.21 -6.98 -23.52
CA ARG A 253 -44.12 -7.64 -24.42
C ARG A 253 -43.31 -8.31 -25.50
N LEU A 254 -43.84 -9.40 -26.02
CA LEU A 254 -43.19 -10.09 -27.12
C LEU A 254 -43.39 -9.31 -28.38
N VAL A 255 -42.42 -9.40 -29.27
CA VAL A 255 -42.45 -8.66 -30.53
C VAL A 255 -42.46 -9.61 -31.70
N GLU B 16 2.42 13.44 37.21
CA GLU B 16 3.67 13.38 36.46
C GLU B 16 3.39 13.20 34.98
N GLU B 17 2.70 12.12 34.64
CA GLU B 17 2.42 11.83 33.26
C GLU B 17 1.56 12.92 32.63
N GLY B 18 0.41 13.17 33.24
CA GLY B 18 -0.52 14.18 32.77
C GLY B 18 0.14 15.52 32.55
N TRP B 19 1.27 15.72 33.22
CA TRP B 19 2.06 16.91 33.03
C TRP B 19 2.77 16.80 31.70
N VAL B 20 3.53 15.72 31.55
CA VAL B 20 4.34 15.50 30.36
C VAL B 20 3.45 15.44 29.15
N TRP B 21 2.28 14.85 29.32
CA TRP B 21 1.35 14.78 28.21
C TRP B 21 1.00 16.19 27.72
N GLY B 22 0.76 17.11 28.65
CA GLY B 22 0.32 18.45 28.30
C GLY B 22 1.26 19.27 27.45
N GLN B 23 2.53 18.89 27.45
CA GLN B 23 3.55 19.57 26.66
C GLN B 23 3.49 19.11 25.23
N ILE B 24 3.40 17.79 25.09
CA ILE B 24 3.38 17.17 23.80
C ILE B 24 2.24 17.72 22.98
N LYS B 25 1.07 17.84 23.60
CA LYS B 25 -0.05 18.44 22.92
C LYS B 25 0.24 19.88 22.57
N ALA B 26 0.92 20.56 23.49
CA ALA B 26 1.25 21.96 23.28
C ALA B 26 2.31 22.07 22.20
N GLU B 27 3.35 21.26 22.33
CA GLU B 27 4.44 21.30 21.37
C GLU B 27 3.96 20.89 19.99
N ALA B 28 3.10 19.89 19.94
CA ALA B 28 2.60 19.38 18.67
C ALA B 28 1.67 20.37 18.00
N ARG B 29 0.97 21.15 18.81
CA ARG B 29 0.06 22.16 18.27
C ARG B 29 0.81 23.23 17.50
N ARG B 30 2.06 23.46 17.88
CA ARG B 30 2.90 24.45 17.22
C ARG B 30 3.26 24.03 15.81
N ASP B 31 3.92 22.89 15.73
CA ASP B 31 4.39 22.32 14.48
C ASP B 31 3.25 22.16 13.50
N ALA B 32 2.11 21.75 14.01
CA ALA B 32 0.93 21.53 13.20
C ALA B 32 0.48 22.81 12.53
N GLU B 33 0.47 23.90 13.28
CA GLU B 33 0.13 25.18 12.69
C GLU B 33 1.30 25.70 11.88
N SER B 34 2.50 25.27 12.25
CA SER B 34 3.70 25.75 11.60
C SER B 34 4.00 25.07 10.28
N GLU B 35 3.79 23.76 10.23
CA GLU B 35 4.02 23.01 9.00
C GLU B 35 2.80 22.18 8.63
N PRO B 36 2.11 22.56 7.57
CA PRO B 36 0.86 21.94 7.14
C PRO B 36 1.07 20.57 6.51
N ALA B 37 2.31 20.24 6.21
CA ALA B 37 2.66 18.94 5.66
C ALA B 37 2.74 17.89 6.75
N LEU B 38 2.45 18.28 7.97
CA LEU B 38 2.43 17.36 9.09
C LEU B 38 1.22 17.64 9.94
N ALA B 39 0.29 18.40 9.38
CA ALA B 39 -0.87 18.87 10.11
C ALA B 39 -1.83 17.75 10.48
N SER B 40 -2.26 17.00 9.47
CA SER B 40 -3.23 15.94 9.69
C SER B 40 -2.59 14.82 10.49
N TYR B 41 -1.33 14.57 10.16
CA TYR B 41 -0.53 13.58 10.85
C TYR B 41 -0.45 13.83 12.36
N LEU B 42 -0.04 15.04 12.73
CA LEU B 42 0.07 15.40 14.14
C LEU B 42 -1.28 15.46 14.82
N TYR B 43 -2.31 15.82 14.06
CA TYR B 43 -3.65 15.87 14.63
C TYR B 43 -4.15 14.49 14.92
N SER B 44 -3.81 13.55 14.06
CA SER B 44 -4.33 12.22 14.17
C SER B 44 -3.59 11.53 15.30
N THR B 45 -2.26 11.56 15.22
CA THR B 45 -1.41 10.84 16.15
C THR B 45 -1.44 11.37 17.57
N ILE B 46 -1.47 12.69 17.71
CA ILE B 46 -1.34 13.29 19.02
C ILE B 46 -2.52 14.13 19.45
N LEU B 47 -2.85 15.13 18.64
CA LEU B 47 -3.80 16.15 19.06
C LEU B 47 -5.22 15.68 19.26
N SER B 48 -5.61 14.61 18.57
CA SER B 48 -7.00 14.17 18.63
C SER B 48 -7.25 13.16 19.72
N HIS B 49 -6.22 12.88 20.50
CA HIS B 49 -6.35 11.95 21.60
C HIS B 49 -6.23 12.67 22.91
N SER B 50 -6.44 11.95 24.00
CA SER B 50 -6.39 12.54 25.32
C SER B 50 -5.58 11.66 26.24
N SER B 51 -4.62 10.94 25.66
CA SER B 51 -3.82 10.02 26.42
C SER B 51 -2.44 9.86 25.80
N LEU B 52 -1.49 9.46 26.62
CA LEU B 52 -0.16 9.19 26.12
C LEU B 52 -0.15 7.79 25.57
N GLU B 53 -1.01 6.95 26.12
CA GLU B 53 -1.09 5.56 25.72
C GLU B 53 -1.84 5.41 24.41
N ARG B 54 -2.91 6.16 24.28
CA ARG B 54 -3.69 6.08 23.06
C ARG B 54 -2.93 6.69 21.91
N SER B 55 -1.94 7.51 22.23
CA SER B 55 -1.22 8.23 21.19
C SER B 55 0.12 7.59 20.89
N LEU B 56 0.48 6.62 21.70
CA LEU B 56 1.71 5.87 21.49
C LEU B 56 1.36 4.59 20.75
N SER B 57 0.23 4.01 21.13
CA SER B 57 -0.27 2.78 20.53
C SER B 57 -0.72 3.04 19.11
N PHE B 58 -1.14 4.27 18.86
CA PHE B 58 -1.58 4.70 17.55
C PHE B 58 -0.37 4.77 16.66
N HIS B 59 0.62 5.51 17.11
CA HIS B 59 1.82 5.75 16.34
C HIS B 59 2.58 4.46 16.11
N LEU B 60 2.77 3.70 17.17
CA LEU B 60 3.46 2.42 17.08
C LEU B 60 2.77 1.48 16.13
N GLY B 61 1.46 1.62 16.02
CA GLY B 61 0.67 0.84 15.12
C GLY B 61 1.08 1.10 13.69
N ASN B 62 1.05 2.36 13.28
CA ASN B 62 1.38 2.74 11.92
C ASN B 62 2.83 2.54 11.54
N LYS B 63 3.70 2.36 12.52
CA LYS B 63 5.12 2.23 12.24
C LYS B 63 5.54 0.78 12.07
N LEU B 64 4.90 -0.08 12.85
CA LEU B 64 5.25 -1.48 12.85
C LEU B 64 4.28 -2.31 12.04
N CYS B 65 3.49 -1.64 11.20
CA CYS B 65 2.53 -2.36 10.41
C CYS B 65 3.19 -2.92 9.15
N SER B 66 2.58 -3.98 8.64
CA SER B 66 2.99 -4.59 7.38
C SER B 66 1.77 -5.25 6.77
N SER B 67 2.00 -6.21 5.87
CA SER B 67 0.93 -6.94 5.24
C SER B 67 0.40 -8.00 6.20
N THR B 68 1.33 -8.67 6.85
CA THR B 68 1.05 -9.67 7.86
C THR B 68 0.28 -9.10 9.04
N LEU B 69 0.75 -7.96 9.54
CA LEU B 69 0.17 -7.32 10.71
C LEU B 69 -0.46 -5.98 10.40
N LEU B 70 -1.78 -5.90 10.51
CA LEU B 70 -2.50 -4.67 10.24
C LEU B 70 -2.15 -3.61 11.27
N SER B 71 -2.30 -2.35 10.90
CA SER B 71 -1.97 -1.25 11.81
C SER B 71 -3.01 -1.17 12.89
N THR B 72 -4.24 -1.42 12.50
CA THR B 72 -5.36 -1.39 13.43
C THR B 72 -5.28 -2.57 14.39
N LEU B 73 -4.65 -3.66 13.96
CA LEU B 73 -4.48 -4.81 14.82
C LEU B 73 -3.51 -4.46 15.93
N LEU B 74 -2.42 -3.83 15.55
CA LEU B 74 -1.34 -3.51 16.48
C LEU B 74 -1.72 -2.39 17.41
N TYR B 75 -2.50 -1.45 16.89
CA TYR B 75 -3.09 -0.41 17.70
C TYR B 75 -3.84 -1.06 18.86
N ASP B 76 -4.78 -1.93 18.55
CA ASP B 76 -5.50 -2.66 19.59
C ASP B 76 -4.56 -3.47 20.49
N LEU B 77 -3.52 -4.03 19.89
CA LEU B 77 -2.59 -4.86 20.64
C LEU B 77 -1.85 -4.01 21.65
N PHE B 78 -1.39 -2.84 21.20
CA PHE B 78 -0.59 -1.96 22.04
C PHE B 78 -1.45 -1.26 23.07
N LEU B 79 -2.61 -0.83 22.65
CA LEU B 79 -3.52 -0.14 23.53
C LEU B 79 -3.92 -1.03 24.69
N ASN B 80 -4.03 -2.33 24.46
CA ASN B 80 -4.39 -3.25 25.53
C ASN B 80 -3.27 -3.46 26.52
N ALA B 81 -2.04 -3.52 26.01
CA ALA B 81 -0.87 -3.66 26.84
C ALA B 81 -0.77 -2.48 27.78
N PHE B 82 -0.80 -1.29 27.20
CA PHE B 82 -0.70 -0.06 27.96
C PHE B 82 -1.88 0.15 28.87
N SER B 83 -2.97 -0.56 28.63
CA SER B 83 -4.15 -0.39 29.45
C SER B 83 -4.28 -1.46 30.50
N SER B 84 -3.41 -2.46 30.45
CA SER B 84 -3.47 -3.55 31.43
C SER B 84 -2.29 -3.54 32.40
N ASP B 85 -1.17 -2.95 31.98
CA ASP B 85 0.02 -2.90 32.82
C ASP B 85 0.39 -1.45 33.12
N PRO B 86 0.25 -1.02 34.37
CA PRO B 86 0.55 0.36 34.77
C PRO B 86 2.03 0.62 34.71
N SER B 87 2.82 -0.44 34.81
CA SER B 87 4.26 -0.32 34.85
C SER B 87 4.78 0.07 33.48
N LEU B 88 3.99 -0.21 32.45
CA LEU B 88 4.37 0.12 31.10
C LEU B 88 4.24 1.61 30.82
N ARG B 89 3.22 2.23 31.42
CA ARG B 89 2.97 3.64 31.21
C ARG B 89 4.00 4.45 31.95
N SER B 90 4.42 3.92 33.08
CA SER B 90 5.40 4.59 33.92
C SER B 90 6.73 4.61 33.20
N ALA B 91 7.13 3.46 32.67
CA ALA B 91 8.39 3.34 31.96
C ALA B 91 8.41 4.25 30.74
N ALA B 92 7.23 4.55 30.21
CA ALA B 92 7.13 5.37 29.03
C ALA B 92 7.55 6.78 29.36
N VAL B 93 6.94 7.33 30.39
CA VAL B 93 7.23 8.68 30.84
C VAL B 93 8.70 8.80 31.21
N ALA B 94 9.19 7.86 31.99
CA ALA B 94 10.58 7.85 32.42
C ALA B 94 11.52 7.92 31.22
N ASP B 95 11.21 7.14 30.20
CA ASP B 95 12.04 7.08 29.02
C ASP B 95 11.93 8.36 28.22
N LEU B 96 10.76 8.99 28.31
CA LEU B 96 10.55 10.29 27.71
C LEU B 96 11.36 11.33 28.46
N ARG B 97 11.21 11.35 29.79
CA ARG B 97 11.97 12.24 30.64
C ARG B 97 13.46 12.12 30.34
N ALA B 98 13.97 10.90 30.45
CA ALA B 98 15.41 10.67 30.33
C ALA B 98 16.01 11.13 29.02
N ALA B 99 15.19 11.27 27.99
CA ALA B 99 15.67 11.70 26.70
C ALA B 99 15.44 13.18 26.53
N ARG B 100 14.98 13.80 27.61
CA ARG B 100 14.82 15.25 27.61
C ARG B 100 15.94 15.86 28.44
N GLU B 101 16.39 15.11 29.44
CA GLU B 101 17.45 15.59 30.32
C GLU B 101 18.84 15.20 29.82
N ARG B 102 18.96 13.98 29.29
CA ARG B 102 20.27 13.45 28.92
C ARG B 102 20.66 13.76 27.48
N ASP B 103 19.68 13.69 26.59
CA ASP B 103 19.95 13.73 25.16
C ASP B 103 20.81 14.91 24.74
N PRO B 104 22.01 14.62 24.23
CA PRO B 104 22.93 15.64 23.76
C PRO B 104 22.33 16.50 22.66
N ALA B 105 21.48 15.91 21.82
CA ALA B 105 20.84 16.70 20.76
C ALA B 105 19.73 17.54 21.36
N CYS B 106 19.21 17.07 22.49
CA CYS B 106 18.25 17.83 23.29
C CYS B 106 16.92 18.06 22.57
N VAL B 107 16.20 16.99 22.28
CA VAL B 107 14.94 17.06 21.56
C VAL B 107 13.78 17.57 22.40
N SER B 108 12.66 17.88 21.75
CA SER B 108 11.44 18.25 22.45
C SER B 108 10.67 16.99 22.82
N TYR B 109 9.66 17.14 23.67
CA TYR B 109 8.92 15.99 24.16
C TYR B 109 8.06 15.33 23.11
N SER B 110 7.67 16.10 22.11
CA SER B 110 6.88 15.59 21.01
C SER B 110 7.80 14.90 20.01
N HIS B 111 8.88 15.56 19.63
CA HIS B 111 9.78 15.03 18.63
C HIS B 111 10.51 13.80 19.10
N CYS B 112 10.53 13.59 20.41
CA CYS B 112 11.13 12.38 20.95
C CYS B 112 10.12 11.27 20.80
N LEU B 113 8.86 11.63 20.67
CA LEU B 113 7.79 10.65 20.64
C LEU B 113 7.60 10.06 19.25
N LEU B 114 7.63 10.93 18.25
CA LEU B 114 7.29 10.51 16.91
C LEU B 114 8.48 10.08 16.09
N ASN B 115 9.61 10.71 16.30
CA ASN B 115 10.74 10.52 15.40
C ASN B 115 11.92 9.81 16.02
N TYR B 116 11.79 9.37 17.27
CA TYR B 116 12.92 8.77 17.95
C TYR B 116 12.86 7.26 17.98
N LYS B 117 13.61 6.64 17.10
CA LYS B 117 13.56 5.20 16.91
C LYS B 117 13.83 4.44 18.19
N GLY B 118 14.69 4.99 19.03
CA GLY B 118 15.09 4.34 20.25
C GLY B 118 14.00 4.30 21.29
N PHE B 119 13.40 5.45 21.53
CA PHE B 119 12.31 5.52 22.49
C PHE B 119 11.19 4.66 21.98
N LEU B 120 10.91 4.80 20.70
CA LEU B 120 9.85 4.07 20.02
C LEU B 120 10.06 2.57 20.04
N ALA B 121 11.30 2.13 19.86
CA ALA B 121 11.58 0.71 19.88
C ALA B 121 11.53 0.16 21.28
N CYS B 122 12.04 0.94 22.23
CA CYS B 122 12.05 0.56 23.63
C CYS B 122 10.65 0.37 24.18
N GLN B 123 9.70 1.15 23.69
CA GLN B 123 8.34 1.03 24.20
C GLN B 123 7.60 -0.08 23.52
N ALA B 124 8.02 -0.42 22.31
CA ALA B 124 7.39 -1.50 21.57
C ALA B 124 7.87 -2.81 22.14
N HIS B 125 9.15 -2.84 22.49
CA HIS B 125 9.77 -4.03 23.03
C HIS B 125 9.13 -4.51 24.30
N ARG B 126 8.73 -3.58 25.16
CA ARG B 126 8.17 -3.95 26.45
C ARG B 126 6.92 -4.77 26.25
N VAL B 127 6.15 -4.41 25.24
CA VAL B 127 4.96 -5.17 24.90
C VAL B 127 5.37 -6.55 24.42
N ALA B 128 6.38 -6.61 23.57
CA ALA B 128 6.89 -7.88 23.09
C ALA B 128 7.39 -8.72 24.24
N HIS B 129 7.98 -8.07 25.24
CA HIS B 129 8.43 -8.77 26.43
C HIS B 129 7.24 -9.26 27.23
N LEU B 130 6.19 -8.46 27.23
CA LEU B 130 4.98 -8.78 27.96
C LEU B 130 4.26 -9.95 27.31
N LEU B 131 4.18 -9.89 25.98
CA LEU B 131 3.59 -10.97 25.19
C LEU B 131 4.32 -12.27 25.46
N TRP B 132 5.64 -12.23 25.36
CA TRP B 132 6.50 -13.37 25.63
C TRP B 132 6.27 -13.97 27.01
N ARG B 133 5.96 -13.12 27.98
CA ARG B 133 5.70 -13.58 29.33
C ARG B 133 4.30 -14.18 29.42
N GLN B 134 3.40 -13.76 28.55
CA GLN B 134 2.05 -14.30 28.57
C GLN B 134 1.91 -15.52 27.68
N SER B 135 3.05 -16.09 27.33
CA SER B 135 3.13 -17.25 26.44
C SER B 135 2.42 -17.01 25.10
N ARG B 136 2.66 -15.83 24.53
CA ARG B 136 2.29 -15.58 23.15
C ARG B 136 3.57 -15.37 22.35
N ARG B 137 4.50 -16.28 22.52
CA ARG B 137 5.79 -16.17 21.87
C ARG B 137 5.82 -16.10 20.33
N PRO B 138 4.89 -16.79 19.64
CA PRO B 138 4.91 -16.64 18.18
C PRO B 138 4.58 -15.23 17.69
N LEU B 139 3.78 -14.49 18.44
CA LEU B 139 3.42 -13.14 18.07
C LEU B 139 4.52 -12.20 18.47
N ALA B 140 5.11 -12.50 19.62
CA ALA B 140 6.20 -11.73 20.19
C ALA B 140 7.38 -11.67 19.25
N LEU B 141 7.72 -12.81 18.66
CA LEU B 141 8.84 -12.89 17.74
C LEU B 141 8.51 -12.17 16.46
N ALA B 142 7.22 -11.98 16.22
CA ALA B 142 6.78 -11.30 15.02
C ALA B 142 6.93 -9.82 15.21
N LEU B 143 6.67 -9.37 16.43
CA LEU B 143 6.84 -7.98 16.77
C LEU B 143 8.31 -7.68 16.82
N HIS B 144 9.06 -8.58 17.44
CA HIS B 144 10.50 -8.45 17.57
C HIS B 144 11.18 -8.23 16.23
N SER B 145 10.66 -8.87 15.20
CA SER B 145 11.28 -8.80 13.88
C SER B 145 10.88 -7.53 13.16
N ARG B 146 9.74 -6.97 13.54
CA ARG B 146 9.30 -5.71 12.98
C ARG B 146 9.99 -4.56 13.67
N ILE B 147 10.31 -4.75 14.94
CA ILE B 147 11.02 -3.73 15.66
C ILE B 147 12.46 -3.67 15.16
N ALA B 148 13.01 -4.81 14.79
CA ALA B 148 14.36 -4.84 14.26
C ALA B 148 14.41 -4.24 12.87
N ASN B 149 13.29 -4.33 12.16
CA ASN B 149 13.18 -3.78 10.81
C ASN B 149 13.02 -2.26 10.77
N VAL B 150 12.01 -1.77 11.49
CA VAL B 150 11.60 -0.38 11.38
C VAL B 150 12.48 0.59 12.16
N PHE B 151 12.99 0.12 13.29
CA PHE B 151 13.74 1.00 14.18
C PHE B 151 15.19 0.58 14.28
N ALA B 152 15.52 -0.56 13.67
CA ALA B 152 16.85 -1.13 13.72
C ALA B 152 17.32 -1.34 15.15
N VAL B 153 16.46 -1.89 15.99
CA VAL B 153 16.84 -2.19 17.35
C VAL B 153 16.57 -3.65 17.65
N ASP B 154 17.63 -4.42 17.78
CA ASP B 154 17.50 -5.87 17.87
C ASP B 154 17.60 -6.39 19.28
N ILE B 155 16.47 -6.42 19.96
CA ILE B 155 16.40 -6.89 21.32
C ILE B 155 15.52 -8.13 21.42
N HIS B 156 16.12 -9.24 21.83
CA HIS B 156 15.39 -10.47 22.05
C HIS B 156 14.37 -10.27 23.15
N PRO B 157 13.11 -10.63 22.89
CA PRO B 157 11.98 -10.45 23.80
C PRO B 157 12.22 -10.95 25.22
N ALA B 158 13.13 -11.90 25.40
CA ALA B 158 13.42 -12.46 26.71
C ALA B 158 14.11 -11.42 27.58
N ALA B 159 14.91 -10.59 26.94
CA ALA B 159 15.73 -9.59 27.61
C ALA B 159 14.91 -8.68 28.50
N ARG B 160 15.40 -8.46 29.71
CA ARG B 160 14.74 -7.58 30.67
C ARG B 160 15.44 -6.23 30.69
N ILE B 161 14.67 -5.17 30.45
CA ILE B 161 15.22 -3.83 30.50
C ILE B 161 14.52 -3.00 31.58
N GLY B 162 15.29 -2.17 32.26
CA GLY B 162 14.73 -1.23 33.20
C GLY B 162 14.18 -0.02 32.48
N LYS B 163 13.86 1.02 33.23
CA LYS B 163 13.35 2.26 32.62
C LYS B 163 14.33 3.42 32.71
N GLY B 164 14.04 4.47 31.97
CA GLY B 164 14.92 5.62 31.90
C GLY B 164 16.05 5.32 30.96
N ILE B 165 15.75 4.54 29.93
CA ILE B 165 16.77 4.09 29.00
C ILE B 165 16.85 5.00 27.79
N LEU B 166 18.07 5.33 27.41
CA LEU B 166 18.33 6.24 26.31
C LEU B 166 19.02 5.53 25.16
N PHE B 167 18.30 5.35 24.06
CA PHE B 167 18.90 4.75 22.87
C PHE B 167 19.27 5.85 21.89
N ASP B 168 20.52 6.31 22.01
CA ASP B 168 21.04 7.44 21.26
C ASP B 168 21.29 7.05 19.83
N HIS B 169 20.59 7.69 18.90
CA HIS B 169 20.66 7.33 17.50
C HIS B 169 20.41 5.83 17.25
N ALA B 170 19.34 5.26 17.82
CA ALA B 170 19.16 3.79 17.87
C ALA B 170 19.12 3.15 16.55
N THR B 171 20.27 2.78 16.04
CA THR B 171 20.41 1.98 14.83
C THR B 171 21.59 1.02 15.00
N GLY B 172 21.27 -0.27 14.96
CA GLY B 172 22.27 -1.33 15.02
C GLY B 172 22.48 -1.82 16.44
N VAL B 173 21.62 -1.42 17.35
CA VAL B 173 21.72 -1.89 18.72
C VAL B 173 21.25 -3.32 18.84
N VAL B 174 22.14 -4.20 19.30
CA VAL B 174 21.80 -5.61 19.44
C VAL B 174 21.98 -6.08 20.87
N VAL B 175 20.92 -6.64 21.42
CA VAL B 175 20.90 -7.05 22.81
C VAL B 175 20.53 -8.52 22.93
N GLY B 176 21.39 -9.28 23.60
CA GLY B 176 21.25 -10.71 23.72
C GLY B 176 19.99 -11.18 24.42
N GLU B 177 19.80 -12.49 24.45
CA GLU B 177 18.58 -13.09 24.97
C GLU B 177 18.51 -13.07 26.50
N THR B 178 19.65 -13.19 27.13
CA THR B 178 19.71 -13.23 28.59
C THR B 178 20.45 -12.03 29.11
N ALA B 179 20.17 -10.87 28.53
CA ALA B 179 20.81 -9.66 28.97
C ALA B 179 19.87 -8.89 29.86
N VAL B 180 20.43 -8.25 30.87
CA VAL B 180 19.66 -7.41 31.77
C VAL B 180 20.22 -6.00 31.76
N ILE B 181 19.34 -5.04 31.51
CA ILE B 181 19.71 -3.64 31.43
C ILE B 181 19.04 -2.84 32.54
N GLY B 182 19.83 -2.33 33.46
CA GLY B 182 19.31 -1.61 34.61
C GLY B 182 18.68 -0.28 34.26
N ASN B 183 18.16 0.40 35.27
CA ASN B 183 17.48 1.69 35.08
C ASN B 183 18.43 2.84 34.79
N ASN B 184 17.92 3.85 34.11
CA ASN B 184 18.64 5.08 33.84
C ASN B 184 19.92 4.91 33.04
N VAL B 185 19.96 3.88 32.21
CA VAL B 185 21.14 3.54 31.41
C VAL B 185 21.07 4.20 30.05
N SER B 186 22.20 4.64 29.53
CA SER B 186 22.25 5.20 28.20
C SER B 186 23.11 4.36 27.27
N ILE B 187 22.45 3.62 26.38
CA ILE B 187 23.14 2.80 25.42
C ILE B 187 23.15 3.50 24.09
N LEU B 188 24.33 3.65 23.52
CA LEU B 188 24.42 4.47 22.33
C LEU B 188 24.37 3.69 21.03
N HIS B 189 24.88 4.36 20.01
CA HIS B 189 24.88 3.92 18.64
C HIS B 189 25.64 2.61 18.52
N HIS B 190 25.12 1.69 17.72
CA HIS B 190 25.88 0.49 17.33
C HIS B 190 26.37 -0.43 18.43
N VAL B 191 25.72 -0.44 19.58
CA VAL B 191 26.17 -1.27 20.70
C VAL B 191 25.67 -2.69 20.56
N THR B 192 26.46 -3.64 21.06
CA THR B 192 26.08 -5.04 21.06
C THR B 192 26.25 -5.64 22.46
N LEU B 193 25.16 -6.09 23.06
CA LEU B 193 25.28 -6.85 24.28
C LEU B 193 25.18 -8.31 23.91
N GLY B 194 26.31 -8.99 23.86
CA GLY B 194 26.34 -10.34 23.34
C GLY B 194 26.99 -11.37 24.23
N GLY B 195 27.14 -12.56 23.68
CA GLY B 195 27.75 -13.67 24.37
C GLY B 195 28.93 -14.14 23.55
N THR B 196 29.90 -14.77 24.21
CA THR B 196 31.14 -15.15 23.54
C THR B 196 30.97 -16.33 22.62
N GLY B 197 30.36 -17.40 23.13
CA GLY B 197 30.17 -18.61 22.37
C GLY B 197 30.08 -19.84 23.25
N ASP B 202 22.43 -18.77 29.57
CA ASP B 202 22.62 -17.51 30.29
C ASP B 202 24.01 -16.98 30.05
N ARG B 203 24.23 -16.34 28.90
CA ARG B 203 25.56 -16.02 28.46
C ARG B 203 25.71 -14.56 28.08
N HIS B 204 24.89 -13.71 28.68
CA HIS B 204 24.81 -12.31 28.26
C HIS B 204 24.97 -11.26 29.37
N PRO B 205 25.41 -10.05 28.98
CA PRO B 205 25.69 -8.96 29.93
C PRO B 205 24.58 -8.62 30.90
N LYS B 206 24.97 -8.26 32.11
CA LYS B 206 24.06 -7.70 33.10
C LYS B 206 24.45 -6.24 33.35
N ILE B 207 23.64 -5.32 32.85
CA ILE B 207 23.94 -3.89 32.90
C ILE B 207 23.28 -3.18 34.07
N GLY B 208 24.10 -2.76 35.02
CA GLY B 208 23.60 -2.09 36.21
C GLY B 208 23.04 -0.71 35.95
N ASP B 209 22.31 -0.17 36.93
CA ASP B 209 21.67 1.12 36.75
C ASP B 209 22.68 2.22 36.43
N GLY B 210 22.22 3.28 35.80
CA GLY B 210 23.04 4.45 35.55
C GLY B 210 24.20 4.33 34.58
N VAL B 211 24.51 3.11 34.15
CA VAL B 211 25.63 2.87 33.24
C VAL B 211 25.49 3.61 31.91
N LEU B 212 26.61 3.99 31.32
CA LEU B 212 26.64 4.58 29.99
C LEU B 212 27.54 3.78 29.05
N ILE B 213 26.96 3.28 27.97
CA ILE B 213 27.71 2.47 27.02
C ILE B 213 27.94 3.22 25.73
N GLY B 214 29.21 3.49 25.44
CA GLY B 214 29.60 4.27 24.29
C GLY B 214 29.19 3.68 22.97
N ALA B 215 29.45 4.42 21.90
CA ALA B 215 29.06 4.01 20.57
C ALA B 215 30.04 3.00 19.97
N GLY B 216 29.56 1.80 19.73
CA GLY B 216 30.32 0.81 18.97
C GLY B 216 30.89 -0.26 19.86
N ALA B 217 30.60 -0.12 21.16
CA ALA B 217 31.06 -1.07 22.14
C ALA B 217 30.40 -2.41 21.94
N THR B 218 31.11 -3.46 22.30
CA THR B 218 30.55 -4.79 22.28
C THR B 218 30.81 -5.40 23.63
N ILE B 219 29.74 -5.73 24.34
CA ILE B 219 29.90 -6.32 25.65
C ILE B 219 29.53 -7.79 25.59
N LEU B 220 30.51 -8.64 25.85
CA LEU B 220 30.41 -10.05 25.56
C LEU B 220 30.41 -10.95 26.78
N GLY B 221 29.31 -11.67 26.98
CA GLY B 221 29.24 -12.72 27.96
C GLY B 221 28.45 -12.41 29.21
N ASN B 222 28.36 -13.38 30.10
CA ASN B 222 27.67 -13.17 31.38
C ASN B 222 28.56 -12.45 32.36
N ILE B 223 28.97 -11.26 31.97
CA ILE B 223 29.76 -10.39 32.81
C ILE B 223 28.89 -9.29 33.35
N LYS B 224 29.27 -8.74 34.49
CA LYS B 224 28.45 -7.76 35.20
C LYS B 224 29.06 -6.38 35.16
N ILE B 225 28.40 -5.47 34.45
CA ILE B 225 28.81 -4.09 34.40
C ILE B 225 28.14 -3.37 35.55
N GLY B 226 28.93 -2.98 36.55
CA GLY B 226 28.42 -2.45 37.79
C GLY B 226 27.80 -1.07 37.67
N GLU B 227 27.05 -0.67 38.69
CA GLU B 227 26.37 0.62 38.70
C GLU B 227 27.28 1.78 38.34
N GLY B 228 26.70 2.76 37.66
CA GLY B 228 27.38 4.00 37.34
C GLY B 228 28.65 3.88 36.54
N ALA B 229 28.94 2.70 36.03
CA ALA B 229 30.13 2.49 35.22
C ALA B 229 30.02 3.21 33.89
N LYS B 230 31.14 3.29 33.17
CA LYS B 230 31.16 3.94 31.87
C LYS B 230 32.04 3.16 30.91
N VAL B 231 31.51 2.84 29.74
CA VAL B 231 32.25 2.05 28.76
C VAL B 231 32.57 2.85 27.52
N GLY B 232 33.85 3.01 27.26
CA GLY B 232 34.32 3.79 26.13
C GLY B 232 33.75 3.33 24.81
N ALA B 233 33.78 4.21 23.83
CA ALA B 233 33.31 3.90 22.50
C ALA B 233 34.33 3.07 21.76
N GLY B 234 33.88 1.97 21.16
CA GLY B 234 34.74 1.12 20.36
C GLY B 234 35.34 -0.01 21.18
N SER B 235 34.94 -0.08 22.44
CA SER B 235 35.52 -1.03 23.36
C SER B 235 35.05 -2.45 23.11
N VAL B 236 35.81 -3.39 23.64
CA VAL B 236 35.43 -4.78 23.64
C VAL B 236 35.59 -5.31 25.05
N VAL B 237 34.47 -5.38 25.75
CA VAL B 237 34.48 -5.70 27.17
C VAL B 237 34.30 -7.18 27.40
N LEU B 238 35.37 -7.84 27.85
CA LEU B 238 35.33 -9.27 28.09
C LEU B 238 35.31 -9.59 29.57
N ILE B 239 35.71 -8.63 30.38
CA ILE B 239 35.77 -8.84 31.82
C ILE B 239 34.73 -7.97 32.53
N ASP B 240 34.38 -8.34 33.75
CA ASP B 240 33.44 -7.57 34.54
C ASP B 240 33.93 -6.16 34.75
N VAL B 241 33.02 -5.25 35.07
CA VAL B 241 33.40 -3.87 35.35
C VAL B 241 32.84 -3.44 36.70
N PRO B 242 33.73 -3.15 37.65
CA PRO B 242 33.33 -2.73 38.98
C PRO B 242 32.62 -1.39 38.96
N PRO B 243 31.61 -1.22 39.82
CA PRO B 243 30.79 -0.01 39.90
C PRO B 243 31.60 1.27 39.83
N ARG B 244 31.03 2.28 39.19
CA ARG B 244 31.60 3.62 39.18
C ARG B 244 32.96 3.71 38.48
N THR B 245 33.39 2.61 37.87
CA THR B 245 34.66 2.63 37.16
C THR B 245 34.48 2.72 35.65
N THR B 246 35.57 2.97 34.96
CA THR B 246 35.54 3.16 33.52
C THR B 246 36.49 2.19 32.83
N ALA B 247 35.99 1.55 31.78
CA ALA B 247 36.74 0.59 31.01
C ALA B 247 36.79 1.03 29.56
N VAL B 248 37.95 0.90 28.94
CA VAL B 248 38.13 1.31 27.56
C VAL B 248 39.16 0.43 26.88
N GLY B 249 39.20 0.50 25.56
CA GLY B 249 40.22 -0.18 24.79
C GLY B 249 39.75 -1.50 24.24
N ASN B 250 40.51 -2.03 23.30
CA ASN B 250 40.26 -3.34 22.71
C ASN B 250 41.45 -4.26 22.99
N PRO B 251 41.36 -5.07 24.05
CA PRO B 251 40.21 -5.24 24.93
C PRO B 251 40.12 -4.21 26.05
N ALA B 252 39.04 -4.29 26.82
CA ALA B 252 38.69 -3.28 27.80
C ALA B 252 39.52 -3.38 29.07
N ARG B 253 40.29 -2.34 29.32
CA ARG B 253 41.07 -2.22 30.53
C ARG B 253 40.45 -1.14 31.40
N LEU B 254 40.44 -1.37 32.71
CA LEU B 254 39.88 -0.39 33.63
C LEU B 254 40.77 0.84 33.65
N VAL B 255 40.16 2.00 33.85
CA VAL B 255 40.91 3.25 33.85
C VAL B 255 40.64 4.07 35.11
N ASP C 15 13.29 -38.12 3.72
CA ASP C 15 14.65 -37.72 3.37
C ASP C 15 15.13 -36.62 4.28
N GLU C 16 16.25 -36.01 3.92
CA GLU C 16 16.83 -34.95 4.75
C GLU C 16 16.01 -33.67 4.69
N GLU C 17 15.92 -33.12 3.50
CA GLU C 17 15.04 -31.98 3.28
C GLU C 17 13.64 -32.33 3.68
N GLY C 18 13.18 -33.49 3.24
CA GLY C 18 11.82 -33.93 3.48
C GLY C 18 11.43 -34.01 4.94
N TRP C 19 12.43 -34.10 5.79
CA TRP C 19 12.18 -34.16 7.22
C TRP C 19 12.04 -32.74 7.74
N VAL C 20 13.01 -31.91 7.37
CA VAL C 20 13.01 -30.50 7.77
C VAL C 20 11.74 -29.82 7.32
N TRP C 21 11.29 -30.14 6.11
CA TRP C 21 10.03 -29.58 5.64
C TRP C 21 8.86 -30.08 6.48
N GLY C 22 8.95 -31.30 6.95
CA GLY C 22 7.93 -31.87 7.80
C GLY C 22 7.89 -31.15 9.12
N GLN C 23 9.06 -30.75 9.62
CA GLN C 23 9.16 -30.03 10.88
C GLN C 23 8.59 -28.65 10.70
N ILE C 24 8.97 -27.99 9.62
CA ILE C 24 8.51 -26.65 9.34
C ILE C 24 6.99 -26.61 9.32
N LYS C 25 6.36 -27.58 8.67
CA LYS C 25 4.90 -27.60 8.64
C LYS C 25 4.34 -27.97 10.00
N ALA C 26 5.02 -28.89 10.67
CA ALA C 26 4.61 -29.36 11.97
C ALA C 26 4.64 -28.23 12.96
N GLU C 27 5.68 -27.43 12.85
CA GLU C 27 5.84 -26.29 13.71
C GLU C 27 4.85 -25.20 13.37
N ALA C 28 4.73 -24.90 12.08
CA ALA C 28 3.87 -23.82 11.64
C ALA C 28 2.42 -24.13 11.94
N ARG C 29 2.10 -25.42 12.01
CA ARG C 29 0.73 -25.82 12.25
C ARG C 29 0.37 -25.57 13.69
N ARG C 30 1.38 -25.53 14.55
CA ARG C 30 1.16 -25.36 15.98
C ARG C 30 1.00 -23.89 16.35
N ASP C 31 1.92 -23.07 15.84
CA ASP C 31 1.85 -21.63 16.04
C ASP C 31 0.54 -21.08 15.49
N ALA C 32 0.12 -21.57 14.34
CA ALA C 32 -1.08 -21.08 13.67
C ALA C 32 -2.34 -21.30 14.49
N GLU C 33 -2.27 -22.23 15.42
CA GLU C 33 -3.43 -22.54 16.24
C GLU C 33 -3.34 -21.79 17.52
N SER C 34 -2.12 -21.46 17.91
CA SER C 34 -1.88 -20.76 19.16
C SER C 34 -1.87 -19.25 18.95
N GLU C 35 -1.54 -18.82 17.75
CA GLU C 35 -1.57 -17.40 17.44
C GLU C 35 -2.42 -17.07 16.22
N PRO C 36 -3.71 -16.82 16.43
CA PRO C 36 -4.64 -16.49 15.34
C PRO C 36 -4.26 -15.28 14.52
N ALA C 37 -3.39 -14.44 15.02
CA ALA C 37 -3.03 -13.21 14.33
C ALA C 37 -1.96 -13.51 13.31
N LEU C 38 -1.42 -14.72 13.41
CA LEU C 38 -0.41 -15.18 12.47
C LEU C 38 -0.93 -16.35 11.65
N ALA C 39 -2.18 -16.73 11.88
CA ALA C 39 -2.69 -17.95 11.31
C ALA C 39 -2.77 -17.92 9.80
N SER C 40 -3.51 -16.98 9.25
CA SER C 40 -3.73 -16.91 7.81
C SER C 40 -2.44 -16.81 7.03
N TYR C 41 -1.47 -16.08 7.57
CA TYR C 41 -0.20 -15.91 6.89
C TYR C 41 0.62 -17.17 6.95
N LEU C 42 0.52 -17.88 8.06
CA LEU C 42 1.30 -19.09 8.27
C LEU C 42 0.76 -20.18 7.38
N TYR C 43 -0.54 -20.14 7.15
CA TYR C 43 -1.15 -21.05 6.20
C TYR C 43 -0.71 -20.70 4.79
N SER C 44 -0.87 -19.44 4.43
CA SER C 44 -0.62 -18.99 3.07
C SER C 44 0.84 -19.14 2.68
N THR C 45 1.73 -19.10 3.66
CA THR C 45 3.15 -19.14 3.34
C THR C 45 3.70 -20.55 3.43
N ILE C 46 3.15 -21.36 4.32
CA ILE C 46 3.75 -22.64 4.63
C ILE C 46 2.80 -23.81 4.53
N LEU C 47 1.68 -23.70 5.25
CA LEU C 47 0.75 -24.81 5.32
C LEU C 47 0.06 -25.07 4.01
N SER C 48 -0.18 -24.01 3.24
CA SER C 48 -0.91 -24.16 1.99
C SER C 48 -0.02 -24.67 0.89
N HIS C 49 1.21 -25.00 1.25
CA HIS C 49 2.19 -25.43 0.28
C HIS C 49 2.65 -26.83 0.55
N SER C 50 3.33 -27.41 -0.41
CA SER C 50 3.66 -28.82 -0.38
C SER C 50 5.17 -29.01 -0.38
N SER C 51 5.89 -27.96 -0.75
CA SER C 51 7.33 -28.02 -0.80
C SER C 51 7.95 -26.90 0.00
N LEU C 52 9.25 -26.99 0.23
CA LEU C 52 9.99 -25.93 0.90
C LEU C 52 10.33 -24.84 -0.10
N GLU C 53 10.48 -25.24 -1.36
CA GLU C 53 10.89 -24.31 -2.40
C GLU C 53 9.78 -23.36 -2.80
N ARG C 54 8.55 -23.77 -2.58
CA ARG C 54 7.44 -22.94 -3.00
C ARG C 54 7.04 -22.02 -1.86
N SER C 55 7.41 -22.42 -0.65
CA SER C 55 7.13 -21.63 0.53
C SER C 55 8.20 -20.57 0.66
N LEU C 56 9.41 -20.93 0.29
CA LEU C 56 10.53 -20.04 0.38
C LEU C 56 10.45 -18.95 -0.65
N SER C 57 9.89 -19.27 -1.82
CA SER C 57 9.78 -18.29 -2.87
C SER C 57 8.64 -17.34 -2.55
N PHE C 58 7.61 -17.87 -1.91
CA PHE C 58 6.40 -17.13 -1.58
C PHE C 58 6.72 -16.11 -0.53
N HIS C 59 7.63 -16.48 0.37
CA HIS C 59 8.00 -15.62 1.47
C HIS C 59 8.92 -14.51 1.00
N LEU C 60 9.99 -14.87 0.29
CA LEU C 60 10.90 -13.86 -0.21
C LEU C 60 10.17 -12.90 -1.10
N GLY C 61 9.25 -13.44 -1.89
CA GLY C 61 8.49 -12.65 -2.82
C GLY C 61 7.79 -11.49 -2.17
N ASN C 62 7.21 -11.73 -1.00
CA ASN C 62 6.51 -10.68 -0.28
C ASN C 62 7.47 -9.73 0.42
N LYS C 63 8.45 -10.29 1.11
CA LYS C 63 9.38 -9.49 1.88
C LYS C 63 10.14 -8.49 1.01
N LEU C 64 10.36 -8.85 -0.24
CA LEU C 64 11.22 -8.04 -1.09
C LEU C 64 10.50 -7.23 -2.14
N CYS C 65 9.19 -7.07 -2.00
CA CYS C 65 8.45 -6.42 -3.06
C CYS C 65 8.38 -4.93 -2.82
N SER C 66 8.40 -4.17 -3.91
CA SER C 66 8.23 -2.73 -3.82
C SER C 66 7.23 -2.27 -4.85
N SER C 67 7.42 -1.07 -5.37
CA SER C 67 6.60 -0.57 -6.45
C SER C 67 7.22 -1.06 -7.73
N THR C 68 8.55 -1.02 -7.76
CA THR C 68 9.32 -1.46 -8.91
C THR C 68 8.99 -2.89 -9.23
N LEU C 69 9.10 -3.73 -8.20
CA LEU C 69 8.91 -5.17 -8.34
C LEU C 69 7.67 -5.60 -7.59
N LEU C 70 6.79 -6.32 -8.28
CA LEU C 70 5.57 -6.83 -7.68
C LEU C 70 5.88 -8.00 -6.78
N SER C 71 4.93 -8.41 -5.95
CA SER C 71 5.16 -9.52 -5.07
C SER C 71 5.07 -10.81 -5.84
N THR C 72 4.21 -10.80 -6.84
CA THR C 72 3.95 -11.99 -7.61
C THR C 72 5.10 -12.25 -8.58
N LEU C 73 5.67 -11.19 -9.14
CA LEU C 73 6.78 -11.30 -10.06
C LEU C 73 8.01 -11.92 -9.41
N LEU C 74 8.28 -11.54 -8.18
CA LEU C 74 9.44 -12.07 -7.48
C LEU C 74 9.21 -13.51 -7.10
N TYR C 75 7.98 -13.82 -6.73
CA TYR C 75 7.57 -15.17 -6.42
C TYR C 75 8.00 -16.04 -7.59
N ASP C 76 7.48 -15.76 -8.77
CA ASP C 76 7.87 -16.48 -9.97
C ASP C 76 9.38 -16.54 -10.12
N LEU C 77 10.03 -15.39 -9.95
CA LEU C 77 11.46 -15.29 -10.17
C LEU C 77 12.25 -16.23 -9.26
N PHE C 78 11.84 -16.32 -8.01
CA PHE C 78 12.53 -17.19 -7.06
C PHE C 78 12.15 -18.64 -7.25
N LEU C 79 10.95 -18.87 -7.75
CA LEU C 79 10.48 -20.23 -7.92
C LEU C 79 11.20 -20.88 -9.06
N ASN C 80 11.35 -20.16 -10.16
CA ASN C 80 12.06 -20.65 -11.33
C ASN C 80 13.50 -20.95 -11.01
N ALA C 81 14.09 -20.20 -10.09
CA ALA C 81 15.47 -20.41 -9.73
C ALA C 81 15.59 -21.71 -8.97
N PHE C 82 14.69 -21.92 -8.02
CA PHE C 82 14.78 -23.10 -7.17
C PHE C 82 14.43 -24.37 -7.93
N SER C 83 13.75 -24.18 -9.05
CA SER C 83 13.35 -25.30 -9.88
C SER C 83 14.36 -25.54 -10.99
N SER C 84 15.32 -24.63 -11.13
CA SER C 84 16.36 -24.81 -12.15
C SER C 84 17.74 -25.03 -11.55
N ASP C 85 17.79 -25.30 -10.24
CA ASP C 85 19.06 -25.59 -9.59
C ASP C 85 18.83 -26.33 -8.29
N PRO C 86 19.08 -27.64 -8.30
CA PRO C 86 18.96 -28.51 -7.12
C PRO C 86 19.92 -28.14 -6.02
N SER C 87 20.99 -27.41 -6.36
CA SER C 87 21.97 -27.06 -5.35
C SER C 87 21.42 -25.96 -4.45
N LEU C 88 20.58 -25.11 -5.01
CA LEU C 88 19.98 -24.02 -4.24
C LEU C 88 19.14 -24.51 -3.08
N ARG C 89 18.32 -25.52 -3.30
CA ARG C 89 17.50 -26.07 -2.24
C ARG C 89 18.36 -26.86 -1.29
N SER C 90 19.43 -27.44 -1.83
CA SER C 90 20.37 -28.20 -1.04
C SER C 90 21.04 -27.25 -0.10
N ALA C 91 21.26 -26.04 -0.58
CA ALA C 91 21.87 -24.98 0.21
C ALA C 91 20.90 -24.51 1.27
N ALA C 92 19.68 -24.25 0.85
CA ALA C 92 18.68 -23.67 1.73
C ALA C 92 18.40 -24.55 2.94
N VAL C 93 18.50 -25.85 2.77
CA VAL C 93 18.26 -26.75 3.89
C VAL C 93 19.50 -26.81 4.74
N ALA C 94 20.65 -26.62 4.11
CA ALA C 94 21.90 -26.65 4.83
C ALA C 94 21.85 -25.52 5.82
N ASP C 95 21.55 -24.34 5.30
CA ASP C 95 21.44 -23.13 6.10
C ASP C 95 20.37 -23.22 7.18
N LEU C 96 19.26 -23.84 6.85
CA LEU C 96 18.21 -24.07 7.83
C LEU C 96 18.71 -24.95 8.94
N ARG C 97 19.58 -25.89 8.62
CA ARG C 97 20.16 -26.75 9.63
C ARG C 97 21.20 -25.97 10.41
N ALA C 98 21.95 -25.15 9.70
CA ALA C 98 23.10 -24.45 10.29
C ALA C 98 22.71 -23.44 11.36
N ALA C 99 21.43 -23.13 11.43
CA ALA C 99 20.95 -22.10 12.34
C ALA C 99 20.08 -22.70 13.42
N ARG C 100 19.91 -24.01 13.38
CA ARG C 100 19.17 -24.70 14.41
C ARG C 100 20.20 -25.30 15.34
N GLU C 101 21.29 -25.75 14.75
CA GLU C 101 22.38 -26.37 15.49
C GLU C 101 23.27 -25.32 16.14
N ARG C 102 23.80 -24.42 15.32
CA ARG C 102 24.81 -23.47 15.77
C ARG C 102 24.25 -22.31 16.58
N ASP C 103 23.22 -21.66 16.04
CA ASP C 103 22.69 -20.44 16.63
C ASP C 103 22.22 -20.62 18.05
N PRO C 104 22.83 -19.86 18.98
CA PRO C 104 22.60 -19.94 20.42
C PRO C 104 21.12 -20.00 20.75
N ALA C 105 20.35 -19.05 20.26
CA ALA C 105 18.94 -18.94 20.62
C ALA C 105 18.16 -20.16 20.18
N SER C 108 13.43 -22.91 16.39
CA SER C 108 12.68 -23.85 15.57
C SER C 108 12.90 -23.54 14.10
N TYR C 109 12.81 -24.56 13.25
CA TYR C 109 13.06 -24.40 11.82
C TYR C 109 12.16 -23.40 11.15
N SER C 110 10.92 -23.35 11.58
CA SER C 110 9.93 -22.50 10.92
C SER C 110 10.24 -21.03 11.14
N HIS C 111 10.68 -20.71 12.36
CA HIS C 111 10.99 -19.34 12.71
C HIS C 111 12.18 -18.82 11.91
N CYS C 112 13.13 -19.72 11.65
CA CYS C 112 14.29 -19.39 10.85
C CYS C 112 13.87 -19.06 9.43
N LEU C 113 12.91 -19.80 8.92
CA LEU C 113 12.45 -19.60 7.56
C LEU C 113 11.75 -18.26 7.40
N LEU C 114 11.07 -17.83 8.45
CA LEU C 114 10.19 -16.67 8.38
C LEU C 114 10.76 -15.40 8.97
N ASN C 115 11.45 -15.53 10.09
CA ASN C 115 11.86 -14.34 10.82
C ASN C 115 13.32 -13.95 10.62
N TYR C 116 14.13 -14.91 10.20
CA TYR C 116 15.57 -14.68 10.16
C TYR C 116 16.05 -13.93 8.94
N LYS C 117 16.39 -12.65 9.13
CA LYS C 117 16.84 -11.79 8.05
C LYS C 117 18.08 -12.36 7.40
N GLY C 118 18.87 -13.04 8.19
CA GLY C 118 20.12 -13.58 7.69
C GLY C 118 19.87 -14.64 6.66
N PHE C 119 19.22 -15.71 7.11
CA PHE C 119 18.88 -16.84 6.26
C PHE C 119 18.23 -16.36 4.99
N LEU C 120 17.18 -15.56 5.14
CA LEU C 120 16.44 -15.06 4.00
C LEU C 120 17.29 -14.29 3.02
N ALA C 121 18.28 -13.57 3.51
CA ALA C 121 19.11 -12.73 2.66
C ALA C 121 20.14 -13.57 1.95
N CYS C 122 20.47 -14.69 2.58
CA CYS C 122 21.46 -15.60 2.02
C CYS C 122 20.87 -16.30 0.83
N GLN C 123 19.62 -16.71 0.97
CA GLN C 123 18.93 -17.44 -0.09
C GLN C 123 18.56 -16.54 -1.25
N ALA C 124 18.21 -15.30 -0.96
CA ALA C 124 17.87 -14.36 -2.02
C ALA C 124 19.13 -13.97 -2.75
N HIS C 125 20.27 -14.21 -2.12
CA HIS C 125 21.54 -13.90 -2.74
C HIS C 125 21.92 -14.93 -3.77
N ARG C 126 21.71 -16.19 -3.44
CA ARG C 126 22.03 -17.29 -4.34
C ARG C 126 21.27 -17.11 -5.65
N VAL C 127 20.09 -16.52 -5.58
CA VAL C 127 19.30 -16.25 -6.75
C VAL C 127 19.85 -15.03 -7.47
N ALA C 128 20.44 -14.11 -6.71
CA ALA C 128 21.03 -12.92 -7.29
C ALA C 128 22.31 -13.29 -8.00
N HIS C 129 23.12 -14.11 -7.33
CA HIS C 129 24.38 -14.59 -7.86
C HIS C 129 24.15 -15.39 -9.12
N LEU C 130 22.98 -15.99 -9.18
CA LEU C 130 22.60 -16.80 -10.32
C LEU C 130 22.31 -15.90 -11.50
N LEU C 131 21.53 -14.86 -11.27
CA LEU C 131 21.17 -13.91 -12.32
C LEU C 131 22.38 -13.14 -12.82
N TRP C 132 23.42 -13.07 -11.99
CA TRP C 132 24.64 -12.39 -12.36
C TRP C 132 25.38 -13.24 -13.36
N ARG C 133 25.43 -14.54 -13.08
CA ARG C 133 26.12 -15.47 -13.94
C ARG C 133 25.33 -15.73 -15.21
N GLN C 134 24.01 -15.69 -15.12
CA GLN C 134 23.16 -15.89 -16.29
C GLN C 134 23.15 -14.65 -17.17
N SER C 135 23.99 -13.70 -16.84
CA SER C 135 24.14 -12.45 -17.58
C SER C 135 22.85 -11.62 -17.57
N ARG C 136 22.22 -11.57 -16.41
CA ARG C 136 21.11 -10.64 -16.20
C ARG C 136 21.45 -9.70 -15.06
N ARG C 137 22.61 -9.07 -15.18
CA ARG C 137 23.18 -8.24 -14.14
C ARG C 137 22.39 -7.01 -13.66
N PRO C 138 21.59 -6.38 -14.52
CA PRO C 138 20.77 -5.27 -14.00
C PRO C 138 19.71 -5.70 -13.01
N LEU C 139 19.12 -6.86 -13.23
CA LEU C 139 18.07 -7.35 -12.36
C LEU C 139 18.66 -7.84 -11.05
N ALA C 140 19.81 -8.48 -11.13
CA ALA C 140 20.46 -9.03 -9.95
C ALA C 140 20.79 -7.92 -8.97
N LEU C 141 21.23 -6.78 -9.49
CA LEU C 141 21.55 -5.66 -8.65
C LEU C 141 20.28 -5.00 -8.17
N ALA C 142 19.22 -5.11 -8.95
CA ALA C 142 17.93 -4.57 -8.56
C ALA C 142 17.42 -5.39 -7.40
N LEU C 143 17.72 -6.68 -7.41
CA LEU C 143 17.33 -7.56 -6.34
C LEU C 143 18.29 -7.42 -5.18
N HIS C 144 19.55 -7.15 -5.50
CA HIS C 144 20.57 -6.97 -4.48
C HIS C 144 20.23 -5.80 -3.59
N SER C 145 19.68 -4.76 -4.20
CA SER C 145 19.39 -3.53 -3.49
C SER C 145 18.16 -3.63 -2.60
N ARG C 146 17.29 -4.61 -2.87
CA ARG C 146 16.14 -4.85 -2.02
C ARG C 146 16.60 -5.63 -0.80
N ILE C 147 17.58 -6.48 -1.01
CA ILE C 147 18.12 -7.30 0.08
C ILE C 147 18.77 -6.40 1.12
N ALA C 148 19.43 -5.35 0.64
CA ALA C 148 20.09 -4.43 1.55
C ALA C 148 19.08 -3.54 2.26
N ASN C 149 18.02 -3.17 1.57
CA ASN C 149 16.98 -2.37 2.18
C ASN C 149 16.22 -3.13 3.25
N VAL C 150 15.75 -4.32 2.89
CA VAL C 150 14.83 -5.05 3.74
C VAL C 150 15.50 -5.91 4.79
N PHE C 151 16.59 -6.57 4.43
CA PHE C 151 17.23 -7.49 5.34
C PHE C 151 18.51 -6.92 5.94
N ALA C 152 18.87 -5.71 5.49
CA ALA C 152 20.06 -5.03 5.96
C ALA C 152 21.33 -5.82 5.70
N VAL C 153 21.39 -6.48 4.55
CA VAL C 153 22.55 -7.28 4.19
C VAL C 153 23.06 -6.92 2.81
N ASP C 154 24.33 -6.56 2.72
CA ASP C 154 24.89 -6.03 1.49
C ASP C 154 25.97 -6.92 0.91
N ILE C 155 25.55 -7.89 0.10
CA ILE C 155 26.48 -8.82 -0.53
C ILE C 155 26.41 -8.65 -2.03
N HIS C 156 27.55 -8.38 -2.66
CA HIS C 156 27.59 -8.21 -4.09
C HIS C 156 27.14 -9.48 -4.78
N PRO C 157 26.40 -9.35 -5.88
CA PRO C 157 25.94 -10.50 -6.64
C PRO C 157 27.06 -11.42 -7.10
N ALA C 158 28.27 -10.88 -7.23
CA ALA C 158 29.38 -11.64 -7.80
C ALA C 158 30.02 -12.55 -6.78
N ALA C 159 29.85 -12.21 -5.51
CA ALA C 159 30.49 -12.95 -4.44
C ALA C 159 30.03 -14.39 -4.37
N ARG C 160 30.99 -15.27 -4.11
CA ARG C 160 30.72 -16.69 -4.00
C ARG C 160 30.58 -17.04 -2.53
N ILE C 161 29.42 -17.53 -2.14
CA ILE C 161 29.21 -18.02 -0.79
C ILE C 161 28.88 -19.49 -0.84
N GLY C 162 29.24 -20.22 0.19
CA GLY C 162 28.96 -21.64 0.24
C GLY C 162 27.61 -21.91 0.83
N LYS C 163 27.48 -23.05 1.51
CA LYS C 163 26.27 -23.35 2.25
C LYS C 163 26.60 -23.79 3.66
N GLY C 164 25.63 -23.73 4.56
CA GLY C 164 25.86 -24.01 5.96
C GLY C 164 26.25 -22.74 6.67
N ILE C 165 25.99 -21.62 6.01
CA ILE C 165 26.35 -20.29 6.51
C ILE C 165 25.38 -19.77 7.54
N LEU C 166 25.92 -19.25 8.62
CA LEU C 166 25.13 -18.65 9.67
C LEU C 166 25.20 -17.13 9.59
N PHE C 167 24.08 -16.47 9.82
CA PHE C 167 24.00 -15.03 9.75
C PHE C 167 23.26 -14.50 10.96
N ASP C 168 23.90 -14.56 12.12
CA ASP C 168 23.29 -14.17 13.37
C ASP C 168 23.16 -12.66 13.49
N HIS C 169 21.94 -12.19 13.74
CA HIS C 169 21.63 -10.76 13.76
C HIS C 169 22.16 -10.10 12.50
N ALA C 170 21.44 -10.28 11.39
CA ALA C 170 22.01 -10.07 10.08
C ALA C 170 22.48 -8.65 9.81
N THR C 171 21.89 -7.71 10.52
CA THR C 171 22.06 -6.30 10.19
C THR C 171 23.51 -5.87 10.05
N GLY C 172 23.79 -5.13 8.99
CA GLY C 172 25.05 -4.44 8.81
C GLY C 172 26.14 -5.23 8.15
N VAL C 173 25.83 -6.44 7.71
CA VAL C 173 26.83 -7.26 7.05
C VAL C 173 27.12 -6.75 5.65
N VAL C 174 28.39 -6.53 5.36
CA VAL C 174 28.80 -6.11 4.04
C VAL C 174 29.90 -7.01 3.51
N VAL C 175 29.68 -7.56 2.34
CA VAL C 175 30.58 -8.51 1.72
C VAL C 175 30.95 -8.04 0.32
N GLY C 176 32.25 -8.03 0.02
CA GLY C 176 32.75 -7.49 -1.22
C GLY C 176 32.40 -8.28 -2.45
N GLU C 177 32.95 -7.86 -3.59
CA GLU C 177 32.63 -8.45 -4.89
C GLU C 177 33.51 -9.65 -5.21
N THR C 178 34.73 -9.64 -4.72
CA THR C 178 35.67 -10.71 -5.02
C THR C 178 35.86 -11.62 -3.82
N ALA C 179 34.95 -11.51 -2.86
CA ALA C 179 35.04 -12.30 -1.64
C ALA C 179 34.48 -13.70 -1.83
N VAL C 180 35.04 -14.64 -1.10
CA VAL C 180 34.61 -16.02 -1.14
C VAL C 180 34.46 -16.53 0.28
N ILE C 181 33.31 -17.10 0.55
CA ILE C 181 33.01 -17.63 1.87
C ILE C 181 32.75 -19.09 1.73
N GLY C 182 33.49 -19.89 2.47
CA GLY C 182 33.34 -21.34 2.40
C GLY C 182 32.07 -21.82 3.05
N ASN C 183 32.08 -23.09 3.45
CA ASN C 183 30.92 -23.70 4.06
C ASN C 183 31.05 -23.75 5.59
N ASN C 184 29.91 -23.90 6.27
CA ASN C 184 29.84 -23.97 7.72
C ASN C 184 30.39 -22.76 8.44
N VAL C 185 30.38 -21.62 7.76
CA VAL C 185 30.93 -20.39 8.29
C VAL C 185 29.86 -19.61 9.00
N SER C 186 30.18 -19.15 10.20
CA SER C 186 29.28 -18.29 10.95
C SER C 186 29.76 -16.85 10.82
N ILE C 187 28.95 -16.00 10.19
CA ILE C 187 29.28 -14.58 10.07
C ILE C 187 28.30 -13.79 10.90
N LEU C 188 28.80 -13.12 11.92
CA LEU C 188 27.91 -12.44 12.86
C LEU C 188 27.66 -10.97 12.52
N HIS C 189 27.00 -10.31 13.46
CA HIS C 189 26.49 -8.96 13.28
C HIS C 189 27.57 -7.95 12.88
N HIS C 190 27.24 -7.12 11.89
CA HIS C 190 28.06 -5.96 11.51
C HIS C 190 29.47 -6.24 10.99
N VAL C 191 29.65 -7.40 10.37
CA VAL C 191 30.93 -7.80 9.83
C VAL C 191 31.10 -7.22 8.43
N THR C 192 32.32 -6.83 8.11
CA THR C 192 32.62 -6.26 6.81
C THR C 192 33.70 -7.05 6.09
N LEU C 193 33.32 -7.87 5.11
CA LEU C 193 34.30 -8.51 4.26
C LEU C 193 34.53 -7.66 3.04
N GLY C 194 35.46 -6.73 3.15
CA GLY C 194 35.76 -5.85 2.04
C GLY C 194 37.24 -5.77 1.79
N GLY C 195 37.62 -4.88 0.90
CA GLY C 195 39.03 -4.72 0.58
C GLY C 195 39.43 -3.28 0.36
N THR C 196 40.56 -2.91 0.93
CA THR C 196 41.10 -1.57 0.78
C THR C 196 41.68 -1.36 -0.62
N ARG C 203 40.33 -8.55 -4.42
CA ARG C 203 40.73 -7.53 -3.48
C ARG C 203 40.18 -7.86 -2.11
N HIS C 204 39.22 -8.78 -2.14
CA HIS C 204 38.35 -9.11 -0.99
C HIS C 204 38.69 -10.47 -0.41
N PRO C 205 38.44 -10.65 0.89
CA PRO C 205 38.94 -11.80 1.62
C PRO C 205 38.33 -13.10 1.16
N LYS C 206 39.08 -14.18 1.34
CA LYS C 206 38.64 -15.54 1.04
C LYS C 206 38.54 -16.30 2.36
N ILE C 207 37.32 -16.75 2.69
CA ILE C 207 37.06 -17.42 3.95
C ILE C 207 36.99 -18.93 3.81
N GLY C 208 37.84 -19.62 4.55
CA GLY C 208 37.86 -21.07 4.53
C GLY C 208 36.65 -21.64 5.24
N ASP C 209 36.50 -22.96 5.19
CA ASP C 209 35.34 -23.57 5.82
C ASP C 209 35.44 -23.50 7.33
N GLY C 210 34.30 -23.68 7.99
CA GLY C 210 34.25 -23.81 9.43
C GLY C 210 34.81 -22.64 10.21
N VAL C 211 34.72 -21.45 9.63
CA VAL C 211 35.25 -20.25 10.24
C VAL C 211 34.15 -19.46 10.93
N LEU C 212 34.41 -19.01 12.15
CA LEU C 212 33.51 -18.12 12.84
C LEU C 212 34.04 -16.70 12.77
N ILE C 213 33.23 -15.78 12.30
CA ILE C 213 33.60 -14.37 12.28
C ILE C 213 32.76 -13.60 13.28
N GLY C 214 33.42 -13.09 14.31
CA GLY C 214 32.76 -12.41 15.39
C GLY C 214 32.11 -11.10 15.00
N ALA C 215 31.34 -10.53 15.91
CA ALA C 215 30.61 -9.31 15.65
C ALA C 215 31.49 -8.11 15.35
N GLY C 216 31.10 -7.33 14.35
CA GLY C 216 31.74 -6.07 14.08
C GLY C 216 33.15 -6.15 13.54
N ALA C 217 33.63 -7.37 13.31
CA ALA C 217 34.96 -7.58 12.82
C ALA C 217 35.11 -7.11 11.38
N THR C 218 36.18 -6.40 11.10
CA THR C 218 36.49 -5.95 9.75
C THR C 218 37.64 -6.78 9.20
N ILE C 219 37.49 -7.26 7.98
CA ILE C 219 38.52 -8.09 7.36
C ILE C 219 38.84 -7.53 6.00
N LEU C 220 40.05 -7.03 5.83
CA LEU C 220 40.36 -6.28 4.62
C LEU C 220 41.44 -6.85 3.73
N GLY C 221 41.23 -6.72 2.42
CA GLY C 221 42.18 -7.09 1.39
C GLY C 221 42.01 -8.51 0.88
N ASN C 222 42.56 -8.80 -0.29
CA ASN C 222 42.54 -10.17 -0.79
C ASN C 222 43.41 -11.11 0.07
N ILE C 223 43.04 -11.27 1.33
CA ILE C 223 43.76 -12.12 2.27
C ILE C 223 42.97 -13.40 2.50
N LYS C 224 43.48 -14.26 3.38
CA LYS C 224 42.89 -15.59 3.54
C LYS C 224 42.69 -15.98 5.01
N ILE C 225 41.45 -16.31 5.34
CA ILE C 225 41.11 -16.81 6.66
C ILE C 225 41.04 -18.33 6.62
N GLY C 226 41.96 -18.98 7.34
CA GLY C 226 42.16 -20.41 7.24
C GLY C 226 41.02 -21.25 7.75
N GLU C 227 40.98 -22.50 7.31
CA GLU C 227 39.96 -23.44 7.76
C GLU C 227 39.89 -23.56 9.26
N GLY C 228 38.69 -23.39 9.81
CA GLY C 228 38.46 -23.66 11.21
C GLY C 228 38.99 -22.59 12.13
N ALA C 229 39.29 -21.44 11.55
CA ALA C 229 39.80 -20.32 12.33
C ALA C 229 38.67 -19.60 13.04
N LYS C 230 39.04 -18.67 13.91
CA LYS C 230 38.07 -17.89 14.65
C LYS C 230 38.55 -16.47 14.74
N VAL C 231 37.75 -15.55 14.22
CA VAL C 231 38.07 -14.14 14.25
C VAL C 231 37.13 -13.45 15.23
N GLY C 232 37.69 -13.01 16.35
CA GLY C 232 36.92 -12.43 17.42
C GLY C 232 36.25 -11.11 17.10
N ALA C 233 35.36 -10.69 17.99
CA ALA C 233 34.61 -9.46 17.83
C ALA C 233 35.51 -8.22 17.77
N GLY C 234 35.04 -7.22 17.06
CA GLY C 234 35.75 -5.96 16.95
C GLY C 234 37.17 -6.09 16.46
N SER C 235 37.44 -7.14 15.71
CA SER C 235 38.77 -7.36 15.20
C SER C 235 38.94 -6.61 13.90
N VAL C 236 40.17 -6.24 13.59
CA VAL C 236 40.47 -5.68 12.29
C VAL C 236 41.62 -6.43 11.70
N VAL C 237 41.32 -7.29 10.73
CA VAL C 237 42.32 -8.18 10.21
C VAL C 237 42.82 -7.75 8.84
N LEU C 238 44.12 -7.61 8.72
CA LEU C 238 44.76 -7.27 7.45
C LEU C 238 45.69 -8.39 7.02
N ILE C 239 46.16 -9.16 7.97
CA ILE C 239 47.08 -10.26 7.67
C ILE C 239 46.29 -11.53 7.42
N ASP C 240 46.98 -12.57 6.94
CA ASP C 240 46.35 -13.87 6.78
C ASP C 240 46.23 -14.54 8.13
N VAL C 241 45.23 -15.41 8.27
CA VAL C 241 45.02 -16.14 9.51
C VAL C 241 44.99 -17.65 9.24
N PRO C 242 46.06 -18.35 9.65
CA PRO C 242 46.28 -19.77 9.43
C PRO C 242 45.19 -20.64 10.05
N PRO C 243 44.94 -21.81 9.46
CA PRO C 243 43.87 -22.72 9.90
C PRO C 243 43.90 -23.01 11.38
N ARG C 244 42.72 -23.20 11.95
CA ARG C 244 42.56 -23.60 13.35
C ARG C 244 43.23 -22.66 14.34
N THR C 245 43.44 -21.41 13.93
CA THR C 245 43.99 -20.40 14.83
C THR C 245 42.96 -19.28 15.10
N THR C 246 43.20 -18.52 16.16
CA THR C 246 42.32 -17.42 16.56
C THR C 246 42.99 -16.07 16.38
N ALA C 247 42.29 -15.15 15.74
CA ALA C 247 42.79 -13.81 15.52
C ALA C 247 41.86 -12.77 16.13
N VAL C 248 42.41 -11.94 17.01
CA VAL C 248 41.61 -10.94 17.70
C VAL C 248 42.38 -9.65 17.86
N GLY C 249 41.67 -8.58 18.18
CA GLY C 249 42.32 -7.32 18.50
C GLY C 249 42.31 -6.31 17.37
N ASN C 250 42.93 -5.16 17.64
CA ASN C 250 43.00 -4.10 16.64
C ASN C 250 44.35 -3.40 16.72
N PRO C 251 45.23 -3.68 15.76
CA PRO C 251 45.00 -4.63 14.67
C PRO C 251 45.04 -6.06 15.18
N ALA C 252 44.53 -6.99 14.39
CA ALA C 252 44.35 -8.36 14.84
C ALA C 252 45.65 -9.11 15.02
N ARG C 253 45.71 -9.90 16.08
CA ARG C 253 46.89 -10.68 16.37
C ARG C 253 46.52 -12.14 16.51
N LEU C 254 47.39 -13.03 16.06
CA LEU C 254 47.13 -14.45 16.21
C LEU C 254 47.32 -14.79 17.66
N VAL C 255 46.88 -15.97 18.06
CA VAL C 255 46.97 -16.35 19.47
C VAL C 255 47.67 -17.69 19.65
N GLU D 17 -28.71 -6.74 21.39
CA GLU D 17 -27.36 -6.55 20.90
C GLU D 17 -26.39 -7.53 21.53
N GLY D 18 -26.44 -7.64 22.85
CA GLY D 18 -25.53 -8.49 23.59
C GLY D 18 -25.62 -9.93 23.17
N TRP D 19 -26.77 -10.33 22.68
CA TRP D 19 -26.91 -11.68 22.22
C TRP D 19 -26.50 -11.79 20.77
N VAL D 20 -26.97 -10.83 19.97
CA VAL D 20 -26.58 -10.71 18.57
C VAL D 20 -25.08 -10.76 18.49
N TRP D 21 -24.41 -10.02 19.36
CA TRP D 21 -22.96 -10.08 19.40
C TRP D 21 -22.46 -11.46 19.75
N GLY D 22 -23.21 -12.19 20.55
CA GLY D 22 -22.82 -13.53 20.95
C GLY D 22 -22.87 -14.50 19.79
N GLN D 23 -23.77 -14.22 18.85
CA GLN D 23 -23.92 -15.03 17.66
C GLN D 23 -22.72 -14.87 16.77
N ILE D 24 -22.42 -13.62 16.46
CA ILE D 24 -21.37 -13.27 15.53
C ILE D 24 -20.05 -13.87 15.93
N LYS D 25 -19.75 -13.83 17.22
CA LYS D 25 -18.52 -14.46 17.70
C LYS D 25 -18.50 -15.95 17.39
N ALA D 26 -19.58 -16.63 17.72
CA ALA D 26 -19.63 -18.07 17.51
C ALA D 26 -19.60 -18.38 16.03
N GLU D 27 -20.33 -17.60 15.25
CA GLU D 27 -20.40 -17.79 13.82
C GLU D 27 -19.11 -17.43 13.11
N ALA D 28 -18.40 -16.43 13.62
CA ALA D 28 -17.13 -16.06 13.04
C ALA D 28 -16.06 -17.01 13.52
N ARG D 29 -16.31 -17.69 14.63
CA ARG D 29 -15.33 -18.61 15.15
C ARG D 29 -15.31 -19.89 14.35
N ARG D 30 -16.44 -20.22 13.72
CA ARG D 30 -16.51 -21.41 12.91
C ARG D 30 -15.82 -21.17 11.57
N ASP D 31 -16.13 -20.05 10.96
CA ASP D 31 -15.52 -19.70 9.69
C ASP D 31 -14.02 -19.54 9.82
N ALA D 32 -13.56 -19.24 11.03
CA ALA D 32 -12.15 -19.12 11.27
C ALA D 32 -11.48 -20.48 11.25
N GLU D 33 -12.06 -21.43 11.96
CA GLU D 33 -11.40 -22.71 12.13
C GLU D 33 -11.52 -23.58 10.89
N SER D 34 -12.45 -23.22 10.02
CA SER D 34 -12.69 -24.00 8.82
C SER D 34 -12.04 -23.37 7.61
N GLU D 35 -11.83 -22.07 7.64
CA GLU D 35 -11.09 -21.40 6.58
C GLU D 35 -9.92 -20.60 7.13
N PRO D 36 -8.74 -21.21 7.17
CA PRO D 36 -7.51 -20.59 7.64
C PRO D 36 -7.08 -19.34 6.87
N ALA D 37 -7.48 -19.20 5.62
CA ALA D 37 -7.06 -18.02 4.88
C ALA D 37 -7.89 -16.80 5.23
N LEU D 38 -8.82 -16.96 6.16
CA LEU D 38 -9.62 -15.85 6.65
C LEU D 38 -9.56 -15.78 8.16
N ALA D 39 -8.69 -16.57 8.75
CA ALA D 39 -8.66 -16.73 10.18
C ALA D 39 -8.13 -15.48 10.86
N SER D 40 -7.01 -14.99 10.37
CA SER D 40 -6.36 -13.84 10.98
C SER D 40 -7.28 -12.65 10.98
N TYR D 41 -7.79 -12.29 9.81
CA TYR D 41 -8.66 -11.12 9.67
C TYR D 41 -9.92 -11.21 10.50
N LEU D 42 -10.38 -12.42 10.77
CA LEU D 42 -11.61 -12.61 11.50
C LEU D 42 -11.35 -12.44 12.97
N TYR D 43 -10.14 -12.79 13.38
CA TYR D 43 -9.75 -12.64 14.77
C TYR D 43 -9.63 -11.16 15.13
N SER D 44 -8.81 -10.46 14.37
CA SER D 44 -8.60 -9.04 14.61
C SER D 44 -9.91 -8.27 14.45
N THR D 45 -10.68 -8.59 13.44
CA THR D 45 -11.89 -7.83 13.17
C THR D 45 -12.99 -8.12 14.16
N ILE D 46 -13.17 -9.39 14.52
CA ILE D 46 -14.32 -9.77 15.34
C ILE D 46 -13.95 -10.42 16.65
N LEU D 47 -13.12 -11.45 16.57
CA LEU D 47 -12.93 -12.36 17.69
C LEU D 47 -12.09 -11.80 18.80
N SER D 48 -11.31 -10.77 18.51
CA SER D 48 -10.42 -10.21 19.49
C SER D 48 -11.09 -9.13 20.31
N HIS D 49 -12.29 -8.75 19.91
CA HIS D 49 -13.00 -7.68 20.57
C HIS D 49 -14.06 -8.20 21.50
N SER D 50 -14.73 -7.28 22.18
CA SER D 50 -15.76 -7.66 23.13
C SER D 50 -17.00 -6.82 22.94
N SER D 51 -17.12 -6.18 21.79
CA SER D 51 -18.28 -5.36 21.51
C SER D 51 -18.47 -5.15 20.02
N LEU D 52 -19.71 -5.19 19.58
CA LEU D 52 -20.06 -4.99 18.19
C LEU D 52 -19.61 -3.62 17.72
N GLU D 53 -19.60 -2.67 18.63
CA GLU D 53 -19.26 -1.30 18.27
C GLU D 53 -17.81 -1.20 17.86
N ARG D 54 -16.96 -1.87 18.61
CA ARG D 54 -15.54 -1.82 18.35
C ARG D 54 -15.21 -2.63 17.12
N SER D 55 -15.94 -3.72 16.94
CA SER D 55 -15.72 -4.62 15.81
C SER D 55 -16.23 -4.05 14.51
N LEU D 56 -17.17 -3.13 14.60
CA LEU D 56 -17.73 -2.52 13.41
C LEU D 56 -16.93 -1.30 12.99
N SER D 57 -16.28 -0.67 13.96
CA SER D 57 -15.44 0.47 13.68
C SER D 57 -14.13 0.01 13.09
N PHE D 58 -13.68 -1.15 13.54
CA PHE D 58 -12.40 -1.70 13.14
C PHE D 58 -12.49 -2.10 11.71
N HIS D 59 -13.69 -2.51 11.31
CA HIS D 59 -13.90 -2.99 9.98
C HIS D 59 -14.04 -1.82 9.03
N LEU D 60 -14.91 -0.89 9.40
CA LEU D 60 -15.17 0.28 8.59
C LEU D 60 -13.94 1.12 8.38
N GLY D 61 -13.01 1.04 9.33
CA GLY D 61 -11.77 1.77 9.20
C GLY D 61 -10.93 1.16 8.12
N ASN D 62 -10.72 -0.14 8.20
CA ASN D 62 -9.91 -0.85 7.23
C ASN D 62 -10.50 -0.87 5.83
N LYS D 63 -11.82 -0.72 5.74
CA LYS D 63 -12.49 -0.80 4.46
C LYS D 63 -12.48 0.53 3.74
N LEU D 64 -12.60 1.61 4.51
CA LEU D 64 -12.77 2.93 3.93
C LEU D 64 -11.49 3.74 3.88
N CYS D 65 -10.40 3.13 4.30
CA CYS D 65 -9.16 3.85 4.42
C CYS D 65 -8.65 4.24 3.04
N SER D 66 -7.72 5.20 3.03
CA SER D 66 -7.08 5.67 1.81
C SER D 66 -5.83 6.44 2.18
N SER D 67 -5.20 7.05 1.19
CA SER D 67 -3.99 7.84 1.40
C SER D 67 -4.33 9.08 2.18
N THR D 68 -5.47 9.67 1.83
CA THR D 68 -5.98 10.85 2.49
C THR D 68 -6.38 10.53 3.91
N LEU D 69 -6.85 9.31 4.14
CA LEU D 69 -7.41 8.92 5.42
C LEU D 69 -6.86 7.61 5.94
N LEU D 70 -6.12 7.65 7.04
CA LEU D 70 -5.55 6.46 7.63
C LEU D 70 -6.63 5.51 8.09
N SER D 71 -6.27 4.25 8.30
CA SER D 71 -7.23 3.27 8.77
C SER D 71 -7.42 3.46 10.26
N THR D 72 -6.33 3.83 10.90
CA THR D 72 -6.32 4.03 12.34
C THR D 72 -7.15 5.25 12.73
N LEU D 73 -7.04 6.31 11.94
CA LEU D 73 -7.79 7.54 12.17
C LEU D 73 -9.28 7.27 12.15
N LEU D 74 -9.71 6.44 11.22
CA LEU D 74 -11.12 6.15 11.05
C LEU D 74 -11.64 5.15 12.06
N TYR D 75 -10.76 4.26 12.51
CA TYR D 75 -11.08 3.36 13.60
C TYR D 75 -11.40 4.21 14.80
N ASP D 76 -10.55 5.20 15.05
CA ASP D 76 -10.78 6.15 16.13
C ASP D 76 -12.05 6.93 15.89
N LEU D 77 -12.29 7.30 14.64
CA LEU D 77 -13.41 8.17 14.34
C LEU D 77 -14.75 7.48 14.54
N PHE D 78 -14.86 6.24 14.09
CA PHE D 78 -16.11 5.51 14.21
C PHE D 78 -16.32 5.01 15.63
N LEU D 79 -15.23 4.84 16.37
CA LEU D 79 -15.34 4.30 17.70
C LEU D 79 -15.93 5.33 18.64
N ASN D 80 -15.49 6.57 18.47
CA ASN D 80 -16.00 7.69 19.26
C ASN D 80 -17.47 7.90 18.98
N ALA D 81 -17.80 7.92 17.69
CA ALA D 81 -19.17 8.10 17.25
C ALA D 81 -20.09 7.04 17.84
N PHE D 82 -19.67 5.78 17.78
CA PHE D 82 -20.51 4.71 18.28
C PHE D 82 -20.65 4.78 19.79
N SER D 83 -19.63 5.29 20.46
CA SER D 83 -19.66 5.35 21.92
C SER D 83 -20.26 6.65 22.41
N SER D 84 -20.51 7.58 21.49
CA SER D 84 -21.13 8.84 21.87
C SER D 84 -22.62 8.89 21.57
N ASP D 85 -23.11 7.98 20.73
CA ASP D 85 -24.53 7.95 20.39
C ASP D 85 -25.11 6.54 20.49
N PRO D 86 -26.06 6.35 21.41
CA PRO D 86 -26.68 5.04 21.65
C PRO D 86 -27.61 4.64 20.53
N SER D 87 -28.13 5.64 19.81
CA SER D 87 -29.05 5.36 18.72
C SER D 87 -28.34 4.59 17.61
N LEU D 88 -27.08 4.95 17.37
CA LEU D 88 -26.31 4.32 16.31
C LEU D 88 -26.14 2.82 16.52
N ARG D 89 -25.85 2.43 17.75
CA ARG D 89 -25.71 1.02 18.06
C ARG D 89 -27.08 0.39 17.94
N SER D 90 -28.11 1.16 18.28
CA SER D 90 -29.47 0.65 18.19
C SER D 90 -29.87 0.45 16.75
N ALA D 91 -29.26 1.22 15.86
CA ALA D 91 -29.54 1.14 14.45
C ALA D 91 -28.80 -0.02 13.84
N ALA D 92 -27.51 -0.10 14.15
CA ALA D 92 -26.64 -1.12 13.58
C ALA D 92 -27.17 -2.51 13.89
N VAL D 93 -27.75 -2.65 15.06
CA VAL D 93 -28.33 -3.91 15.45
C VAL D 93 -29.63 -4.12 14.71
N ALA D 94 -30.40 -3.05 14.55
CA ALA D 94 -31.68 -3.12 13.88
C ALA D 94 -31.50 -3.41 12.41
N ASP D 95 -30.41 -2.92 11.83
CA ASP D 95 -30.11 -3.15 10.44
C ASP D 95 -29.57 -4.56 10.22
N LEU D 96 -29.13 -5.18 11.30
CA LEU D 96 -28.58 -6.52 11.24
C LEU D 96 -29.65 -7.56 11.43
N ARG D 97 -30.67 -7.21 12.21
CA ARG D 97 -31.81 -8.10 12.38
C ARG D 97 -32.61 -8.08 11.10
N ALA D 98 -32.58 -6.94 10.41
CA ALA D 98 -33.39 -6.77 9.21
C ALA D 98 -32.87 -7.63 8.10
N ALA D 99 -31.59 -7.94 8.14
CA ALA D 99 -31.00 -8.75 7.09
C ALA D 99 -31.23 -10.21 7.39
N ARG D 100 -30.88 -10.63 8.59
CA ARG D 100 -31.05 -12.01 8.99
C ARG D 100 -32.51 -12.46 8.85
N GLU D 101 -33.43 -11.51 8.93
CA GLU D 101 -34.84 -11.83 8.73
C GLU D 101 -35.31 -11.70 7.29
N ARG D 102 -35.01 -10.58 6.65
CA ARG D 102 -35.60 -10.25 5.36
C ARG D 102 -34.82 -10.71 4.15
N ASP D 103 -33.50 -10.78 4.26
CA ASP D 103 -32.68 -11.09 3.09
C ASP D 103 -33.01 -12.46 2.49
N VAL D 107 -28.59 -14.55 5.33
CA VAL D 107 -27.14 -14.73 5.37
C VAL D 107 -26.72 -15.01 6.79
N SER D 108 -25.47 -15.39 7.01
CA SER D 108 -24.94 -15.45 8.37
C SER D 108 -24.86 -14.04 8.96
N TYR D 109 -24.90 -13.95 10.29
CA TYR D 109 -24.84 -12.64 10.94
C TYR D 109 -23.46 -12.03 10.72
N SER D 110 -22.44 -12.87 10.74
CA SER D 110 -21.07 -12.38 10.61
C SER D 110 -20.73 -12.00 9.17
N HIS D 111 -21.27 -12.75 8.21
CA HIS D 111 -21.07 -12.43 6.81
C HIS D 111 -21.67 -11.08 6.50
N CYS D 112 -22.86 -10.83 7.02
CA CYS D 112 -23.53 -9.56 6.80
C CYS D 112 -22.72 -8.44 7.42
N LEU D 113 -21.93 -8.77 8.44
CA LEU D 113 -21.14 -7.76 9.12
C LEU D 113 -19.94 -7.34 8.27
N LEU D 114 -19.34 -8.32 7.59
CA LEU D 114 -18.07 -8.10 6.91
C LEU D 114 -18.18 -8.12 5.40
N ASN D 115 -19.33 -8.46 4.87
CA ASN D 115 -19.46 -8.63 3.44
C ASN D 115 -20.59 -7.85 2.77
N TYR D 116 -21.52 -7.33 3.57
CA TYR D 116 -22.70 -6.68 3.01
C TYR D 116 -22.56 -5.16 2.89
N LYS D 117 -22.29 -4.70 1.67
CA LYS D 117 -22.04 -3.29 1.40
C LYS D 117 -23.20 -2.41 1.83
N GLY D 118 -24.40 -2.96 1.76
CA GLY D 118 -25.57 -2.19 2.11
C GLY D 118 -25.65 -1.91 3.59
N PHE D 119 -25.24 -2.89 4.38
CA PHE D 119 -25.25 -2.75 5.82
C PHE D 119 -24.16 -1.81 6.25
N LEU D 120 -22.94 -2.13 5.83
CA LEU D 120 -21.79 -1.33 6.16
C LEU D 120 -21.96 0.13 5.82
N ALA D 121 -22.50 0.40 4.63
CA ALA D 121 -22.58 1.78 4.17
C ALA D 121 -23.65 2.58 4.89
N CYS D 122 -24.70 1.89 5.30
CA CYS D 122 -25.78 2.51 6.05
C CYS D 122 -25.24 3.01 7.37
N GLN D 123 -24.41 2.19 8.01
CA GLN D 123 -23.83 2.53 9.29
C GLN D 123 -22.80 3.63 9.16
N ALA D 124 -22.00 3.57 8.10
CA ALA D 124 -20.96 4.55 7.91
C ALA D 124 -21.56 5.86 7.46
N HIS D 125 -22.85 5.84 7.18
CA HIS D 125 -23.55 7.03 6.77
C HIS D 125 -24.07 7.78 7.98
N ARG D 126 -24.49 7.03 8.99
CA ARG D 126 -25.04 7.64 10.18
C ARG D 126 -23.97 8.47 10.85
N VAL D 127 -22.75 7.96 10.86
CA VAL D 127 -21.59 8.71 11.30
C VAL D 127 -21.38 9.93 10.43
N ALA D 128 -21.58 9.78 9.12
CA ALA D 128 -21.41 10.91 8.23
C ALA D 128 -22.55 11.88 8.43
N HIS D 129 -23.68 11.37 8.89
CA HIS D 129 -24.81 12.23 9.14
C HIS D 129 -24.55 13.02 10.40
N LEU D 130 -23.98 12.32 11.38
CA LEU D 130 -23.62 12.93 12.65
C LEU D 130 -22.62 14.04 12.43
N LEU D 131 -21.56 13.73 11.70
CA LEU D 131 -20.54 14.72 11.39
C LEU D 131 -21.11 15.93 10.71
N TRP D 132 -22.19 15.75 9.97
CA TRP D 132 -22.75 16.84 9.20
C TRP D 132 -23.61 17.69 10.11
N ARG D 133 -24.13 17.08 11.16
CA ARG D 133 -24.93 17.83 12.13
C ARG D 133 -24.01 18.60 13.06
N GLN D 134 -22.87 18.00 13.38
CA GLN D 134 -21.94 18.62 14.31
C GLN D 134 -21.01 19.59 13.60
N SER D 135 -21.43 20.06 12.43
CA SER D 135 -20.66 21.03 11.66
C SER D 135 -19.25 20.56 11.38
N ARG D 136 -19.11 19.32 10.95
CA ARG D 136 -17.84 18.85 10.42
C ARG D 136 -18.04 18.47 8.98
N ARG D 137 -18.72 19.34 8.26
CA ARG D 137 -19.07 19.10 6.86
C ARG D 137 -17.92 18.80 5.89
N PRO D 138 -16.71 19.38 6.09
CA PRO D 138 -15.68 19.00 5.13
C PRO D 138 -15.24 17.54 5.27
N LEU D 139 -15.33 17.02 6.49
CA LEU D 139 -14.89 15.67 6.74
C LEU D 139 -16.01 14.72 6.38
N ALA D 140 -17.23 15.16 6.59
CA ALA D 140 -18.40 14.33 6.36
C ALA D 140 -18.57 14.06 4.88
N LEU D 141 -18.21 15.03 4.05
CA LEU D 141 -18.31 14.84 2.62
C LEU D 141 -17.16 14.00 2.11
N ALA D 142 -16.07 13.98 2.86
CA ALA D 142 -14.92 13.20 2.46
C ALA D 142 -15.23 11.75 2.74
N LEU D 143 -15.80 11.51 3.90
CA LEU D 143 -16.21 10.19 4.30
C LEU D 143 -17.33 9.72 3.38
N HIS D 144 -18.17 10.64 2.93
CA HIS D 144 -19.25 10.32 2.03
C HIS D 144 -18.71 9.91 0.67
N SER D 145 -17.52 10.39 0.34
CA SER D 145 -16.93 10.08 -0.95
C SER D 145 -16.33 8.69 -0.95
N ARG D 146 -15.79 8.26 0.18
CA ARG D 146 -15.25 6.92 0.31
C ARG D 146 -16.36 5.91 0.18
N ILE D 147 -17.49 6.24 0.77
CA ILE D 147 -18.62 5.33 0.78
C ILE D 147 -19.12 5.08 -0.62
N ALA D 148 -19.10 6.10 -1.45
CA ALA D 148 -19.53 5.94 -2.83
C ALA D 148 -18.47 5.19 -3.62
N ASN D 149 -17.21 5.31 -3.22
CA ASN D 149 -16.12 4.62 -3.88
C ASN D 149 -16.09 3.14 -3.53
N VAL D 150 -16.17 2.84 -2.24
CA VAL D 150 -16.00 1.47 -1.78
C VAL D 150 -17.29 0.66 -1.82
N PHE D 151 -18.33 1.16 -1.17
CA PHE D 151 -19.57 0.42 -1.07
C PHE D 151 -20.53 0.75 -2.21
N ALA D 152 -20.10 1.63 -3.10
CA ALA D 152 -20.89 2.05 -4.25
C ALA D 152 -22.26 2.60 -3.85
N VAL D 153 -22.39 3.06 -2.62
CA VAL D 153 -23.63 3.64 -2.14
C VAL D 153 -23.47 5.14 -2.01
N ASP D 154 -24.42 5.87 -2.57
CA ASP D 154 -24.31 7.32 -2.67
C ASP D 154 -25.43 8.01 -1.92
N ILE D 155 -25.26 8.12 -0.61
CA ILE D 155 -26.22 8.84 0.21
C ILE D 155 -25.60 10.13 0.69
N HIS D 156 -26.21 11.25 0.34
CA HIS D 156 -25.74 12.53 0.83
C HIS D 156 -25.89 12.56 2.34
N PRO D 157 -24.86 13.05 3.04
CA PRO D 157 -24.86 13.10 4.50
C PRO D 157 -26.09 13.74 5.14
N ALA D 158 -26.71 14.68 4.44
CA ALA D 158 -27.86 15.40 4.98
C ALA D 158 -29.11 14.55 4.99
N ALA D 159 -29.09 13.47 4.22
CA ALA D 159 -30.26 12.62 4.11
C ALA D 159 -30.57 11.97 5.45
N ARG D 160 -31.84 11.95 5.78
CA ARG D 160 -32.30 11.38 7.03
C ARG D 160 -32.82 9.98 6.80
N ILE D 161 -32.11 8.99 7.33
CA ILE D 161 -32.51 7.61 7.20
C ILE D 161 -32.91 7.05 8.55
N GLY D 162 -33.80 6.06 8.54
CA GLY D 162 -34.23 5.40 9.76
C GLY D 162 -33.42 4.17 10.07
N LYS D 163 -33.96 3.30 10.91
CA LYS D 163 -33.27 2.06 11.23
C LYS D 163 -34.06 0.84 10.80
N GLY D 164 -33.36 -0.28 10.63
CA GLY D 164 -33.97 -1.47 10.09
C GLY D 164 -34.04 -1.37 8.59
N ILE D 165 -33.09 -0.67 8.00
CA ILE D 165 -33.05 -0.50 6.56
C ILE D 165 -32.26 -1.62 5.91
N LEU D 166 -32.82 -2.18 4.86
CA LEU D 166 -32.16 -3.23 4.12
C LEU D 166 -31.77 -2.74 2.74
N PHE D 167 -30.50 -2.95 2.38
CA PHE D 167 -29.99 -2.56 1.09
C PHE D 167 -29.49 -3.78 0.34
N ASP D 168 -30.36 -4.37 -0.46
CA ASP D 168 -30.01 -5.59 -1.19
C ASP D 168 -29.11 -5.32 -2.38
N HIS D 169 -27.86 -5.78 -2.30
CA HIS D 169 -26.89 -5.59 -3.35
C HIS D 169 -26.65 -4.12 -3.63
N ALA D 170 -26.36 -3.36 -2.57
CA ALA D 170 -26.38 -1.89 -2.59
C ALA D 170 -25.59 -1.21 -3.68
N THR D 171 -24.95 -1.97 -4.53
CA THR D 171 -24.24 -1.38 -5.64
C THR D 171 -25.22 -0.58 -6.49
N GLY D 172 -25.02 0.73 -6.56
CA GLY D 172 -25.74 1.57 -7.49
C GLY D 172 -26.80 2.47 -6.89
N VAL D 173 -26.88 2.50 -5.57
CA VAL D 173 -27.89 3.29 -4.88
C VAL D 173 -27.51 4.77 -4.85
N VAL D 174 -28.50 5.63 -5.05
CA VAL D 174 -28.32 7.06 -4.98
C VAL D 174 -29.45 7.69 -4.17
N VAL D 175 -29.09 8.33 -3.07
CA VAL D 175 -30.07 9.04 -2.26
C VAL D 175 -29.72 10.51 -2.18
N GLY D 176 -30.68 11.36 -2.52
CA GLY D 176 -30.47 12.79 -2.59
C GLY D 176 -30.29 13.46 -1.25
N GLU D 177 -30.15 14.78 -1.29
CA GLU D 177 -29.84 15.59 -0.11
C GLU D 177 -31.00 15.75 0.87
N THR D 178 -32.21 15.92 0.34
CA THR D 178 -33.35 16.25 1.19
C THR D 178 -34.33 15.11 1.21
N ALA D 179 -33.83 13.90 1.08
CA ALA D 179 -34.69 12.73 1.11
C ALA D 179 -34.84 12.21 2.53
N VAL D 180 -35.93 11.52 2.79
CA VAL D 180 -36.16 10.90 4.09
C VAL D 180 -36.59 9.46 3.95
N ILE D 181 -35.89 8.57 4.65
CA ILE D 181 -36.18 7.14 4.60
C ILE D 181 -36.61 6.63 5.95
N GLY D 182 -37.87 6.23 6.03
CA GLY D 182 -38.44 5.73 7.27
C GLY D 182 -37.81 4.43 7.75
N ASN D 183 -38.48 3.76 8.67
CA ASN D 183 -37.94 2.55 9.24
C ASN D 183 -38.40 1.29 8.51
N ASN D 184 -37.62 0.23 8.63
CA ASN D 184 -37.95 -1.06 8.04
C ASN D 184 -38.27 -0.99 6.56
N VAL D 185 -37.55 -0.11 5.86
CA VAL D 185 -37.69 0.03 4.42
C VAL D 185 -36.70 -0.91 3.76
N SER D 186 -37.09 -1.46 2.63
CA SER D 186 -36.19 -2.28 1.84
C SER D 186 -35.94 -1.61 0.51
N ILE D 187 -34.69 -1.20 0.30
CA ILE D 187 -34.30 -0.52 -0.91
C ILE D 187 -33.35 -1.43 -1.68
N LEU D 188 -33.76 -1.86 -2.86
CA LEU D 188 -32.98 -2.84 -3.59
C LEU D 188 -31.93 -2.17 -4.44
N HIS D 189 -31.24 -2.94 -5.25
CA HIS D 189 -30.12 -2.39 -6.01
C HIS D 189 -30.59 -1.38 -7.03
N HIS D 190 -29.72 -0.44 -7.34
CA HIS D 190 -29.95 0.55 -8.39
C HIS D 190 -31.13 1.48 -8.21
N VAL D 191 -31.51 1.74 -6.97
CA VAL D 191 -32.61 2.64 -6.70
C VAL D 191 -32.12 4.08 -6.66
N THR D 192 -32.97 5.00 -7.10
CA THR D 192 -32.64 6.40 -7.15
C THR D 192 -33.72 7.24 -6.53
N LEU D 193 -33.38 7.90 -5.43
CA LEU D 193 -34.27 8.84 -4.78
C LEU D 193 -33.70 10.22 -4.99
N GLY D 194 -34.22 10.92 -5.99
CA GLY D 194 -33.66 12.20 -6.36
C GLY D 194 -34.70 13.24 -6.70
N GLY D 195 -34.24 14.37 -7.21
CA GLY D 195 -35.10 15.50 -7.52
C GLY D 195 -35.54 15.54 -8.96
N THR D 196 -36.36 16.53 -9.29
CA THR D 196 -36.89 16.66 -10.64
C THR D 196 -36.57 18.02 -11.23
N GLY D 201 -34.96 23.31 -3.35
CA GLY D 201 -35.13 23.37 -1.91
C GLY D 201 -35.26 22.01 -1.27
N ASP D 202 -36.46 21.70 -0.76
CA ASP D 202 -36.76 20.37 -0.27
C ASP D 202 -37.33 19.61 -1.44
N ARG D 203 -36.46 18.96 -2.21
CA ARG D 203 -36.84 18.47 -3.53
C ARG D 203 -36.71 16.97 -3.69
N HIS D 204 -36.50 16.26 -2.59
CA HIS D 204 -36.27 14.82 -2.64
C HIS D 204 -37.29 13.99 -1.87
N PRO D 205 -37.56 12.77 -2.34
CA PRO D 205 -38.64 11.93 -1.82
C PRO D 205 -38.58 11.60 -0.34
N LYS D 206 -39.76 11.39 0.23
CA LYS D 206 -39.91 10.98 1.61
C LYS D 206 -40.49 9.58 1.61
N ILE D 207 -39.76 8.64 2.22
CA ILE D 207 -40.13 7.22 2.20
C ILE D 207 -40.70 6.76 3.52
N GLY D 208 -41.93 6.27 3.47
CA GLY D 208 -42.61 5.83 4.68
C GLY D 208 -42.06 4.55 5.27
N ASP D 209 -42.52 4.22 6.47
CA ASP D 209 -42.06 3.02 7.14
C ASP D 209 -42.60 1.76 6.47
N GLY D 210 -41.71 0.81 6.21
CA GLY D 210 -42.09 -0.48 5.67
C GLY D 210 -42.35 -0.50 4.18
N VAL D 211 -41.69 0.39 3.44
CA VAL D 211 -41.84 0.47 2.00
C VAL D 211 -40.85 -0.47 1.32
N LEU D 212 -41.27 -1.10 0.23
CA LEU D 212 -40.38 -1.92 -0.58
C LEU D 212 -40.17 -1.29 -1.96
N ILE D 213 -38.95 -0.85 -2.22
CA ILE D 213 -38.62 -0.23 -3.49
C ILE D 213 -37.86 -1.19 -4.38
N GLY D 214 -38.38 -1.37 -5.59
CA GLY D 214 -37.86 -2.37 -6.51
C GLY D 214 -36.55 -2.03 -7.18
N ALA D 215 -35.95 -3.02 -7.82
CA ALA D 215 -34.66 -2.83 -8.46
C ALA D 215 -34.78 -1.90 -9.65
N GLY D 216 -33.84 -0.97 -9.75
CA GLY D 216 -33.81 -0.04 -10.87
C GLY D 216 -34.93 0.97 -10.86
N ALA D 217 -35.57 1.11 -9.72
CA ALA D 217 -36.64 2.07 -9.57
C ALA D 217 -36.08 3.45 -9.31
N THR D 218 -36.70 4.45 -9.91
CA THR D 218 -36.29 5.82 -9.69
C THR D 218 -37.48 6.58 -9.20
N ILE D 219 -37.32 7.27 -8.09
CA ILE D 219 -38.39 8.06 -7.54
C ILE D 219 -37.89 9.48 -7.47
N LEU D 220 -38.63 10.39 -8.08
CA LEU D 220 -38.14 11.73 -8.33
C LEU D 220 -39.00 12.80 -7.69
N GLY D 221 -38.35 13.86 -7.23
CA GLY D 221 -39.06 15.00 -6.66
C GLY D 221 -39.57 14.80 -5.25
N ASN D 222 -39.81 15.90 -4.56
CA ASN D 222 -40.34 15.86 -3.20
C ASN D 222 -41.74 15.28 -3.18
N ILE D 223 -41.81 13.96 -3.22
CA ILE D 223 -43.08 13.26 -3.12
C ILE D 223 -43.06 12.29 -1.97
N LYS D 224 -44.24 11.75 -1.68
CA LYS D 224 -44.44 10.98 -0.47
C LYS D 224 -44.86 9.55 -0.78
N ILE D 225 -44.02 8.60 -0.41
CA ILE D 225 -44.36 7.20 -0.53
C ILE D 225 -44.97 6.74 0.78
N GLY D 226 -46.15 6.15 0.70
CA GLY D 226 -46.90 5.83 1.90
C GLY D 226 -46.37 4.62 2.62
N GLU D 227 -46.71 4.51 3.90
CA GLU D 227 -46.34 3.36 4.69
C GLU D 227 -46.82 2.06 4.06
N GLY D 228 -45.97 1.06 4.10
CA GLY D 228 -46.33 -0.27 3.66
C GLY D 228 -46.54 -0.41 2.16
N ALA D 229 -46.28 0.66 1.43
CA ALA D 229 -46.42 0.64 -0.01
C ALA D 229 -45.32 -0.20 -0.65
N LYS D 230 -45.45 -0.43 -1.94
CA LYS D 230 -44.48 -1.21 -2.68
C LYS D 230 -44.28 -0.61 -4.05
N VAL D 231 -43.05 -0.53 -4.49
CA VAL D 231 -42.73 0.02 -5.80
C VAL D 231 -42.03 -1.01 -6.65
N GLY D 232 -42.62 -1.31 -7.79
CA GLY D 232 -42.11 -2.34 -8.67
C GLY D 232 -40.79 -2.00 -9.30
N ALA D 233 -40.10 -3.01 -9.81
CA ALA D 233 -38.82 -2.82 -10.46
C ALA D 233 -38.99 -1.99 -11.72
N GLY D 234 -37.97 -1.20 -12.04
CA GLY D 234 -37.96 -0.40 -13.24
C GLY D 234 -38.99 0.70 -13.24
N SER D 235 -39.62 0.95 -12.11
CA SER D 235 -40.66 1.95 -12.03
C SER D 235 -40.08 3.34 -12.02
N VAL D 236 -40.85 4.31 -12.49
CA VAL D 236 -40.45 5.71 -12.46
C VAL D 236 -41.55 6.52 -11.84
N VAL D 237 -41.48 6.69 -10.54
CA VAL D 237 -42.56 7.29 -9.81
C VAL D 237 -42.40 8.81 -9.77
N LEU D 238 -43.43 9.51 -10.21
CA LEU D 238 -43.42 10.95 -10.20
C LEU D 238 -44.47 11.48 -9.24
N ILE D 239 -45.51 10.68 -9.04
CA ILE D 239 -46.66 11.07 -8.25
C ILE D 239 -46.62 10.40 -6.88
N ASP D 240 -47.41 10.93 -5.95
CA ASP D 240 -47.46 10.39 -4.60
C ASP D 240 -48.00 8.97 -4.63
N VAL D 241 -47.57 8.15 -3.69
CA VAL D 241 -48.05 6.77 -3.56
C VAL D 241 -48.66 6.55 -2.19
N PRO D 242 -49.99 6.46 -2.14
CA PRO D 242 -50.73 6.27 -0.90
C PRO D 242 -50.33 4.98 -0.20
N PRO D 243 -50.38 4.97 1.14
CA PRO D 243 -49.98 3.82 1.94
C PRO D 243 -50.58 2.52 1.46
N ARG D 244 -49.84 1.44 1.68
CA ARG D 244 -50.32 0.09 1.44
C ARG D 244 -50.71 -0.19 -0.01
N THR D 245 -50.47 0.77 -0.90
CA THR D 245 -50.76 0.57 -2.31
C THR D 245 -49.50 0.20 -3.09
N THR D 246 -49.69 -0.43 -4.24
CA THR D 246 -48.58 -0.83 -5.09
C THR D 246 -48.54 -0.01 -6.36
N ALA D 247 -47.39 0.58 -6.65
CA ALA D 247 -47.23 1.41 -7.83
C ALA D 247 -46.20 0.79 -8.77
N VAL D 248 -46.42 0.93 -10.08
CA VAL D 248 -45.57 0.26 -11.05
C VAL D 248 -45.71 0.87 -12.43
N GLY D 249 -44.63 0.79 -13.22
CA GLY D 249 -44.67 1.24 -14.60
C GLY D 249 -43.80 2.44 -14.90
N ASN D 250 -43.69 2.76 -16.19
CA ASN D 250 -42.96 3.94 -16.64
C ASN D 250 -43.79 4.69 -17.67
N PRO D 251 -44.62 5.63 -17.22
CA PRO D 251 -44.72 6.09 -15.83
C PRO D 251 -45.51 5.16 -14.93
N ALA D 252 -45.31 5.31 -13.61
CA ALA D 252 -45.91 4.42 -12.65
C ALA D 252 -47.30 4.87 -12.27
N ARG D 253 -48.23 3.92 -12.26
CA ARG D 253 -49.56 4.19 -11.78
C ARG D 253 -49.92 3.22 -10.67
N LEU D 254 -50.98 3.55 -9.95
CA LEU D 254 -51.41 2.78 -8.80
C LEU D 254 -52.17 1.53 -9.20
N VAL D 255 -51.74 0.40 -8.68
CA VAL D 255 -52.34 -0.88 -9.01
C VAL D 255 -53.50 -1.21 -8.08
N GLU E 17 -10.52 32.05 -14.94
CA GLU E 17 -9.83 30.92 -14.33
C GLU E 17 -9.12 31.32 -13.05
N GLY E 18 -8.37 32.42 -13.12
CA GLY E 18 -7.64 32.94 -11.98
C GLY E 18 -8.56 33.33 -10.84
N TRP E 19 -9.82 33.54 -11.16
CA TRP E 19 -10.82 33.77 -10.14
C TRP E 19 -11.23 32.44 -9.54
N VAL E 20 -11.47 31.47 -10.41
CA VAL E 20 -11.86 30.16 -9.96
C VAL E 20 -10.74 29.54 -9.14
N TRP E 21 -9.52 29.64 -9.66
CA TRP E 21 -8.37 29.13 -8.93
C TRP E 21 -8.21 29.86 -7.59
N GLY E 22 -8.53 31.14 -7.58
CA GLY E 22 -8.44 31.93 -6.38
C GLY E 22 -9.55 31.60 -5.40
N GLN E 23 -10.68 31.16 -5.93
CA GLN E 23 -11.81 30.77 -5.09
C GLN E 23 -11.55 29.43 -4.45
N ILE E 24 -10.94 28.53 -5.21
CA ILE E 24 -10.62 27.21 -4.71
C ILE E 24 -9.64 27.31 -3.56
N LYS E 25 -8.57 28.07 -3.76
CA LYS E 25 -7.53 28.20 -2.75
C LYS E 25 -8.07 28.78 -1.46
N ALA E 26 -9.09 29.62 -1.59
CA ALA E 26 -9.69 30.29 -0.45
C ALA E 26 -10.56 29.33 0.33
N GLU E 27 -11.40 28.60 -0.37
CA GLU E 27 -12.29 27.65 0.26
C GLU E 27 -11.50 26.54 0.89
N ALA E 28 -10.39 26.18 0.26
CA ALA E 28 -9.54 25.11 0.75
C ALA E 28 -8.89 25.56 2.04
N ARG E 29 -8.54 26.84 2.07
CA ARG E 29 -7.90 27.43 3.23
C ARG E 29 -8.84 27.40 4.42
N ARG E 30 -10.12 27.65 4.17
CA ARG E 30 -11.13 27.61 5.22
C ARG E 30 -11.34 26.21 5.77
N ASP E 31 -11.25 25.21 4.91
CA ASP E 31 -11.50 23.83 5.32
C ASP E 31 -10.31 23.25 6.07
N ALA E 32 -9.13 23.74 5.73
CA ALA E 32 -7.90 23.26 6.36
C ALA E 32 -7.78 23.73 7.81
N GLU E 33 -8.56 24.74 8.17
CA GLU E 33 -8.52 25.25 9.53
C GLU E 33 -9.72 24.78 10.32
N SER E 34 -10.73 24.31 9.60
CA SER E 34 -11.96 23.82 10.22
C SER E 34 -11.89 22.32 10.47
N GLU E 35 -11.04 21.64 9.70
CA GLU E 35 -10.83 20.22 9.87
C GLU E 35 -9.37 19.87 9.68
N PRO E 36 -8.66 19.63 10.77
CA PRO E 36 -7.24 19.27 10.74
C PRO E 36 -6.96 17.99 9.99
N ALA E 37 -7.87 17.03 10.06
CA ALA E 37 -7.63 15.71 9.49
C ALA E 37 -7.45 15.77 7.99
N LEU E 38 -8.04 16.79 7.38
CA LEU E 38 -7.99 16.98 5.94
C LEU E 38 -6.98 18.05 5.58
N ALA E 39 -6.28 18.57 6.57
CA ALA E 39 -5.41 19.72 6.37
C ALA E 39 -4.28 19.43 5.44
N SER E 40 -3.44 18.47 5.82
CA SER E 40 -2.23 18.16 5.07
C SER E 40 -2.53 17.87 3.61
N TYR E 41 -3.55 17.06 3.38
CA TYR E 41 -3.92 16.68 2.03
C TYR E 41 -4.36 17.88 1.19
N LEU E 42 -5.09 18.79 1.81
CA LEU E 42 -5.58 19.99 1.13
C LEU E 42 -4.45 20.95 0.82
N TYR E 43 -3.43 20.95 1.66
CA TYR E 43 -2.26 21.77 1.42
C TYR E 43 -1.56 21.30 0.19
N SER E 44 -1.06 20.06 0.27
CA SER E 44 -0.28 19.44 -0.79
C SER E 44 -0.99 19.50 -2.13
N THR E 45 -2.29 19.25 -2.11
CA THR E 45 -3.05 19.14 -3.34
C THR E 45 -3.36 20.49 -3.93
N ILE E 46 -3.82 21.40 -3.08
CA ILE E 46 -4.30 22.68 -3.56
C ILE E 46 -3.42 23.82 -3.11
N LEU E 47 -3.29 23.97 -1.80
CA LEU E 47 -2.67 25.14 -1.21
C LEU E 47 -1.22 25.30 -1.60
N SER E 48 -0.46 24.23 -1.57
CA SER E 48 0.96 24.32 -1.85
C SER E 48 1.24 24.60 -3.32
N HIS E 49 0.19 24.78 -4.10
CA HIS E 49 0.35 24.96 -5.53
C HIS E 49 -0.05 26.35 -6.00
N SER E 50 0.34 26.68 -7.22
CA SER E 50 0.16 28.01 -7.76
C SER E 50 -0.80 28.05 -8.93
N SER E 51 -1.22 26.89 -9.40
CA SER E 51 -2.11 26.84 -10.55
C SER E 51 -3.19 25.79 -10.38
N LEU E 52 -4.17 25.80 -11.26
CA LEU E 52 -5.21 24.79 -11.26
C LEU E 52 -4.72 23.55 -11.96
N GLU E 53 -3.99 23.75 -13.05
CA GLU E 53 -3.45 22.66 -13.86
C GLU E 53 -2.63 21.72 -13.03
N ARG E 54 -1.86 22.26 -12.12
CA ARG E 54 -0.94 21.42 -11.36
C ARG E 54 -1.66 20.75 -10.20
N SER E 55 -2.69 21.41 -9.69
CA SER E 55 -3.44 20.86 -8.57
C SER E 55 -4.33 19.73 -9.04
N LEU E 56 -4.83 19.85 -10.25
CA LEU E 56 -5.67 18.82 -10.82
C LEU E 56 -4.85 17.58 -11.13
N SER E 57 -3.67 17.80 -11.70
CA SER E 57 -2.79 16.71 -12.10
C SER E 57 -2.32 15.95 -10.88
N PHE E 58 -2.02 16.69 -9.83
CA PHE E 58 -1.54 16.12 -8.58
C PHE E 58 -2.61 15.26 -7.96
N HIS E 59 -3.86 15.64 -8.18
CA HIS E 59 -4.95 14.95 -7.55
C HIS E 59 -5.34 13.71 -8.35
N LEU E 60 -5.43 13.88 -9.66
CA LEU E 60 -5.75 12.76 -10.54
C LEU E 60 -4.75 11.64 -10.41
N GLY E 61 -3.49 12.00 -10.31
CA GLY E 61 -2.43 11.03 -10.18
C GLY E 61 -2.49 10.23 -8.90
N ASN E 62 -3.20 10.74 -7.91
CA ASN E 62 -3.31 10.05 -6.64
C ASN E 62 -4.56 9.20 -6.51
N LYS E 63 -5.56 9.50 -7.32
CA LYS E 63 -6.79 8.75 -7.30
C LYS E 63 -6.81 7.69 -8.39
N LEU E 64 -6.00 7.87 -9.43
CA LEU E 64 -5.99 6.95 -10.56
C LEU E 64 -4.77 6.09 -10.60
N CYS E 65 -4.19 5.81 -9.44
CA CYS E 65 -2.94 5.06 -9.40
C CYS E 65 -3.13 3.61 -9.03
N SER E 66 -2.09 2.82 -9.28
CA SER E 66 -2.08 1.40 -9.00
C SER E 66 -0.64 0.97 -8.94
N SER E 67 -0.40 -0.34 -9.03
CA SER E 67 0.93 -0.88 -9.05
C SER E 67 1.40 -0.90 -10.49
N THR E 68 0.43 -0.85 -11.39
CA THR E 68 0.72 -0.76 -12.81
C THR E 68 1.23 0.64 -13.10
N LEU E 69 0.51 1.63 -12.59
CA LEU E 69 0.87 3.01 -12.80
C LEU E 69 1.14 3.73 -11.48
N LEU E 70 2.37 4.22 -11.35
CA LEU E 70 2.78 4.99 -10.19
C LEU E 70 2.00 6.28 -10.15
N SER E 71 1.89 6.87 -8.96
CA SER E 71 1.18 8.13 -8.84
C SER E 71 2.01 9.23 -9.44
N THR E 72 3.32 9.07 -9.35
CA THR E 72 4.23 10.09 -9.84
C THR E 72 4.32 10.07 -11.36
N LEU E 73 4.17 8.90 -11.96
CA LEU E 73 4.18 8.78 -13.41
C LEU E 73 2.97 9.46 -14.02
N LEU E 74 1.84 9.35 -13.34
CA LEU E 74 0.60 9.92 -13.81
C LEU E 74 0.58 11.41 -13.61
N TYR E 75 1.21 11.83 -12.52
CA TYR E 75 1.33 13.25 -12.21
C TYR E 75 1.92 13.94 -13.41
N ASP E 76 3.08 13.47 -13.86
CA ASP E 76 3.73 14.05 -15.03
C ASP E 76 2.85 13.99 -16.26
N LEU E 77 2.15 12.88 -16.43
CA LEU E 77 1.41 12.65 -17.65
C LEU E 77 0.29 13.67 -17.83
N PHE E 78 -0.50 13.87 -16.78
CA PHE E 78 -1.57 14.86 -16.85
C PHE E 78 -0.98 16.27 -16.92
N LEU E 79 0.15 16.45 -16.27
CA LEU E 79 0.79 17.75 -16.17
C LEU E 79 1.37 18.17 -17.49
N ASN E 80 1.85 17.20 -18.25
CA ASN E 80 2.37 17.46 -19.59
C ASN E 80 1.24 17.72 -20.57
N ALA E 81 0.08 17.17 -20.28
CA ALA E 81 -1.08 17.34 -21.15
C ALA E 81 -1.62 18.76 -21.01
N PHE E 82 -1.98 19.12 -19.78
CA PHE E 82 -2.55 20.43 -19.52
C PHE E 82 -1.63 21.56 -19.91
N SER E 83 -0.33 21.30 -19.91
CA SER E 83 0.62 22.34 -20.24
C SER E 83 0.91 22.36 -21.73
N SER E 84 0.44 21.35 -22.44
CA SER E 84 0.60 21.33 -23.89
C SER E 84 -0.75 21.43 -24.58
N ASP E 85 -1.71 22.02 -23.89
CA ASP E 85 -3.03 22.26 -24.47
C ASP E 85 -3.83 23.22 -23.62
N PRO E 86 -3.93 24.48 -24.07
CA PRO E 86 -4.71 25.51 -23.39
C PRO E 86 -6.16 25.14 -23.32
N SER E 87 -6.65 24.43 -24.33
CA SER E 87 -8.06 24.07 -24.40
C SER E 87 -8.45 23.19 -23.24
N LEU E 88 -7.48 22.41 -22.76
CA LEU E 88 -7.70 21.49 -21.67
C LEU E 88 -7.93 22.21 -20.37
N ARG E 89 -7.23 23.31 -20.18
CA ARG E 89 -7.42 24.12 -19.00
C ARG E 89 -8.75 24.83 -19.10
N SER E 90 -9.11 25.25 -20.30
CA SER E 90 -10.37 25.97 -20.51
C SER E 90 -11.55 25.07 -20.19
N ALA E 91 -11.39 23.80 -20.53
CA ALA E 91 -12.45 22.83 -20.36
C ALA E 91 -12.66 22.52 -18.89
N ALA E 92 -11.57 22.55 -18.13
CA ALA E 92 -11.64 22.24 -16.71
C ALA E 92 -12.32 23.35 -15.94
N VAL E 93 -12.08 24.58 -16.35
CA VAL E 93 -12.69 25.69 -15.67
C VAL E 93 -14.15 25.78 -16.05
N ALA E 94 -14.42 25.61 -17.34
CA ALA E 94 -15.77 25.62 -17.85
C ALA E 94 -16.58 24.55 -17.16
N ASP E 95 -15.93 23.43 -16.87
CA ASP E 95 -16.60 22.34 -16.16
C ASP E 95 -16.80 22.69 -14.69
N LEU E 96 -15.88 23.46 -14.14
CA LEU E 96 -15.97 23.83 -12.74
C LEU E 96 -17.10 24.80 -12.50
N ARG E 97 -17.22 25.78 -13.39
CA ARG E 97 -18.29 26.76 -13.30
C ARG E 97 -19.65 26.10 -13.46
N ALA E 98 -19.68 25.04 -14.26
CA ALA E 98 -20.93 24.37 -14.61
C ALA E 98 -21.43 23.43 -13.52
N ALA E 99 -20.66 23.25 -12.45
CA ALA E 99 -21.11 22.43 -11.35
C ALA E 99 -21.52 23.35 -10.21
N ARG E 100 -21.05 24.59 -10.30
CA ARG E 100 -21.38 25.60 -9.32
C ARG E 100 -22.71 26.27 -9.70
N GLU E 101 -22.91 26.48 -11.00
CA GLU E 101 -24.09 27.15 -11.51
C GLU E 101 -25.28 26.21 -11.65
N ARG E 102 -25.02 24.92 -11.77
CA ARG E 102 -26.05 23.99 -12.19
C ARG E 102 -26.42 22.93 -11.17
N ASP E 103 -25.44 22.42 -10.45
CA ASP E 103 -25.66 21.26 -9.59
C ASP E 103 -26.67 21.48 -8.48
N PRO E 104 -27.61 20.52 -8.34
CA PRO E 104 -28.62 20.51 -7.27
C PRO E 104 -27.98 20.76 -5.92
N ALA E 105 -26.93 20.02 -5.61
CA ALA E 105 -26.31 20.08 -4.29
C ALA E 105 -25.45 21.33 -4.10
N CYS E 106 -25.38 22.16 -5.14
CA CYS E 106 -24.76 23.48 -5.05
C CYS E 106 -23.34 23.49 -4.50
N VAL E 107 -22.44 22.79 -5.18
CA VAL E 107 -21.10 22.60 -4.65
C VAL E 107 -20.16 23.78 -4.77
N SER E 108 -19.33 23.96 -3.75
CA SER E 108 -18.26 24.95 -3.80
C SER E 108 -17.19 24.42 -4.72
N TYR E 109 -16.38 25.33 -5.25
CA TYR E 109 -15.42 24.99 -6.30
C TYR E 109 -14.42 23.93 -5.89
N SER E 110 -14.05 23.93 -4.62
CA SER E 110 -13.02 23.02 -4.15
C SER E 110 -13.58 21.61 -4.00
N HIS E 111 -14.82 21.51 -3.55
CA HIS E 111 -15.43 20.21 -3.32
C HIS E 111 -15.76 19.49 -4.59
N CYS E 112 -16.01 20.25 -5.65
CA CYS E 112 -16.21 19.67 -6.96
C CYS E 112 -14.88 19.15 -7.48
N LEU E 113 -13.84 19.94 -7.27
CA LEU E 113 -12.51 19.59 -7.76
C LEU E 113 -12.02 18.28 -7.16
N LEU E 114 -12.21 18.13 -5.86
CA LEU E 114 -11.61 17.02 -5.15
C LEU E 114 -12.53 15.82 -5.00
N ASN E 115 -13.79 16.08 -4.69
CA ASN E 115 -14.69 15.02 -4.31
C ASN E 115 -15.69 14.58 -5.38
N TYR E 116 -15.67 15.23 -6.53
CA TYR E 116 -16.67 14.91 -7.54
C TYR E 116 -16.19 13.98 -8.65
N LYS E 117 -16.66 12.74 -8.58
CA LYS E 117 -16.28 11.67 -9.49
C LYS E 117 -16.45 12.07 -10.93
N GLY E 118 -17.55 12.73 -11.22
CA GLY E 118 -17.88 13.12 -12.58
C GLY E 118 -16.87 14.04 -13.20
N PHE E 119 -16.82 15.27 -12.68
CA PHE E 119 -15.88 16.28 -13.14
C PHE E 119 -14.46 15.78 -13.24
N LEU E 120 -14.05 15.00 -12.26
CA LEU E 120 -12.70 14.49 -12.23
C LEU E 120 -12.48 13.51 -13.36
N ALA E 121 -13.51 12.74 -13.65
CA ALA E 121 -13.40 11.70 -14.65
C ALA E 121 -13.26 12.33 -16.01
N CYS E 122 -14.08 13.35 -16.23
CA CYS E 122 -14.11 14.08 -17.48
C CYS E 122 -12.76 14.65 -17.86
N GLN E 123 -11.98 15.08 -16.87
CA GLN E 123 -10.68 15.66 -17.17
C GLN E 123 -9.63 14.59 -17.40
N ALA E 124 -9.88 13.40 -16.86
CA ALA E 124 -8.97 12.28 -17.07
C ALA E 124 -9.21 11.73 -18.45
N HIS E 125 -10.43 11.87 -18.93
CA HIS E 125 -10.82 11.36 -20.23
C HIS E 125 -10.20 12.18 -21.32
N ARG E 126 -10.26 13.49 -21.17
CA ARG E 126 -9.77 14.41 -22.18
C ARG E 126 -8.31 14.14 -22.49
N VAL E 127 -7.57 13.71 -21.48
CA VAL E 127 -6.20 13.32 -21.65
C VAL E 127 -6.12 11.99 -22.37
N ALA E 128 -7.04 11.08 -22.05
CA ALA E 128 -7.05 9.77 -22.67
C ALA E 128 -7.42 9.93 -24.13
N HIS E 129 -8.32 10.88 -24.39
CA HIS E 129 -8.75 11.19 -25.74
C HIS E 129 -7.59 11.76 -26.53
N LEU E 130 -6.65 12.31 -25.78
CA LEU E 130 -5.50 12.98 -26.36
C LEU E 130 -4.42 11.98 -26.69
N LEU E 131 -4.31 10.95 -25.87
CA LEU E 131 -3.32 9.90 -26.08
C LEU E 131 -3.74 8.96 -27.19
N TRP E 132 -4.99 9.11 -27.61
CA TRP E 132 -5.56 8.24 -28.64
C TRP E 132 -5.32 8.86 -29.99
N ARG E 133 -5.52 10.17 -30.06
CA ARG E 133 -5.25 10.91 -31.27
C ARG E 133 -3.74 11.03 -31.46
N GLN E 134 -3.01 11.04 -30.36
CA GLN E 134 -1.56 11.12 -30.46
C GLN E 134 -0.91 9.75 -30.57
N SER E 135 -1.69 8.77 -30.98
CA SER E 135 -1.19 7.44 -31.28
C SER E 135 -0.44 6.80 -30.11
N ARG E 136 -0.94 7.00 -28.90
CA ARG E 136 -0.48 6.24 -27.75
C ARG E 136 -1.63 5.44 -27.22
N ARG E 137 -2.24 4.67 -28.10
CA ARG E 137 -3.45 3.91 -27.75
C ARG E 137 -3.33 2.81 -26.67
N PRO E 138 -2.16 2.17 -26.51
CA PRO E 138 -2.13 1.18 -25.43
C PRO E 138 -2.12 1.85 -24.06
N LEU E 139 -1.75 3.12 -24.03
CA LEU E 139 -1.74 3.87 -22.79
C LEU E 139 -3.09 4.51 -22.59
N ALA E 140 -3.73 4.87 -23.69
CA ALA E 140 -5.03 5.53 -23.65
C ALA E 140 -6.12 4.62 -23.15
N LEU E 141 -5.86 3.32 -23.19
CA LEU E 141 -6.83 2.34 -22.76
C LEU E 141 -6.51 1.89 -21.35
N ALA E 142 -5.24 1.96 -21.01
CA ALA E 142 -4.80 1.64 -19.67
C ALA E 142 -5.36 2.68 -18.73
N LEU E 143 -5.39 3.92 -19.21
CA LEU E 143 -5.83 5.02 -18.40
C LEU E 143 -7.33 5.10 -18.42
N HIS E 144 -7.93 4.60 -19.50
CA HIS E 144 -9.37 4.51 -19.61
C HIS E 144 -9.90 3.49 -18.62
N SER E 145 -9.16 2.43 -18.39
CA SER E 145 -9.61 1.41 -17.47
C SER E 145 -9.58 1.90 -16.04
N ARG E 146 -8.50 2.58 -15.67
CA ARG E 146 -8.37 3.15 -14.34
C ARG E 146 -9.52 4.08 -14.01
N ILE E 147 -9.90 4.89 -14.98
CA ILE E 147 -10.99 5.83 -14.81
C ILE E 147 -12.28 5.09 -14.51
N ALA E 148 -12.45 3.93 -15.11
CA ALA E 148 -13.66 3.16 -14.91
C ALA E 148 -13.67 2.52 -13.54
N ASN E 149 -12.52 1.96 -13.15
CA ASN E 149 -12.34 1.40 -11.81
C ASN E 149 -12.64 2.40 -10.71
N VAL E 150 -11.99 3.56 -10.81
CA VAL E 150 -12.01 4.54 -9.74
C VAL E 150 -13.27 5.39 -9.77
N PHE E 151 -13.51 6.05 -10.89
CA PHE E 151 -14.58 7.03 -10.98
C PHE E 151 -15.91 6.45 -11.44
N ALA E 152 -15.89 5.19 -11.87
CA ALA E 152 -17.08 4.52 -12.36
C ALA E 152 -17.68 5.24 -13.56
N VAL E 153 -16.83 5.72 -14.45
CA VAL E 153 -17.28 6.36 -15.68
C VAL E 153 -16.59 5.75 -16.88
N ASP E 154 -17.40 5.19 -17.77
CA ASP E 154 -16.90 4.37 -18.87
C ASP E 154 -17.05 5.05 -20.21
N ILE E 155 -16.12 5.93 -20.52
CA ILE E 155 -16.13 6.64 -21.78
C ILE E 155 -14.97 6.16 -22.62
N HIS E 156 -15.27 5.74 -23.84
CA HIS E 156 -14.21 5.32 -24.75
C HIS E 156 -13.37 6.53 -25.12
N PRO E 157 -12.05 6.33 -25.18
CA PRO E 157 -11.08 7.36 -25.55
C PRO E 157 -11.37 8.06 -26.88
N ALA E 158 -12.04 7.37 -27.79
CA ALA E 158 -12.34 7.92 -29.11
C ALA E 158 -13.62 8.74 -29.10
N ALA E 159 -14.25 8.89 -27.94
CA ALA E 159 -15.48 9.62 -27.88
C ALA E 159 -15.21 11.11 -27.76
N ARG E 160 -16.06 11.90 -28.38
CA ARG E 160 -15.89 13.34 -28.41
C ARG E 160 -16.83 14.00 -27.42
N ILE E 161 -16.26 14.64 -26.41
CA ILE E 161 -17.06 15.42 -25.48
C ILE E 161 -16.70 16.88 -25.62
N GLY E 162 -17.65 17.75 -25.32
CA GLY E 162 -17.41 19.17 -25.34
C GLY E 162 -16.93 19.65 -24.00
N LYS E 163 -17.16 20.92 -23.70
CA LYS E 163 -16.86 21.44 -22.37
C LYS E 163 -18.10 22.01 -21.71
N GLY E 164 -18.03 22.20 -20.40
CA GLY E 164 -19.15 22.66 -19.62
C GLY E 164 -20.08 21.51 -19.28
N ILE E 165 -19.52 20.32 -19.16
CA ILE E 165 -20.31 19.12 -18.92
C ILE E 165 -20.55 18.89 -17.43
N LEU E 166 -21.73 18.38 -17.13
CA LEU E 166 -22.11 18.09 -15.76
C LEU E 166 -22.31 16.59 -15.61
N PHE E 167 -22.00 16.08 -14.42
CA PHE E 167 -22.04 14.66 -14.17
C PHE E 167 -22.49 14.41 -12.73
N ASP E 168 -23.78 14.47 -12.48
CA ASP E 168 -24.30 14.22 -11.13
C ASP E 168 -24.22 12.75 -10.74
N HIS E 169 -23.53 12.49 -9.64
CA HIS E 169 -23.46 11.15 -9.05
C HIS E 169 -22.82 10.12 -9.97
N ALA E 170 -21.78 10.56 -10.68
CA ALA E 170 -21.15 9.87 -11.81
C ALA E 170 -21.39 8.38 -12.00
N THR E 171 -21.35 7.62 -10.92
CA THR E 171 -21.34 6.16 -11.03
C THR E 171 -22.40 5.61 -11.98
N GLY E 172 -21.96 4.79 -12.93
CA GLY E 172 -22.87 4.07 -13.80
C GLY E 172 -22.81 4.45 -15.27
N VAL E 173 -22.29 5.64 -15.57
CA VAL E 173 -22.31 6.19 -16.92
C VAL E 173 -21.47 5.38 -17.90
N VAL E 174 -21.97 5.24 -19.12
CA VAL E 174 -21.27 4.56 -20.20
C VAL E 174 -21.48 5.26 -21.51
N VAL E 175 -20.38 5.58 -22.18
CA VAL E 175 -20.43 6.32 -23.42
C VAL E 175 -19.59 5.62 -24.47
N GLY E 176 -20.16 5.48 -25.66
CA GLY E 176 -19.56 4.70 -26.72
C GLY E 176 -18.45 5.36 -27.51
N GLU E 177 -17.79 4.55 -28.33
CA GLU E 177 -16.66 4.95 -29.13
C GLU E 177 -16.94 6.09 -30.12
N THR E 178 -18.14 6.13 -30.66
CA THR E 178 -18.44 7.11 -31.70
C THR E 178 -19.38 8.20 -31.26
N ALA E 179 -19.78 8.18 -29.99
CA ALA E 179 -20.72 9.15 -29.47
C ALA E 179 -20.11 10.53 -29.43
N VAL E 180 -20.96 11.54 -29.51
CA VAL E 180 -20.53 12.92 -29.45
C VAL E 180 -21.37 13.68 -28.46
N ILE E 181 -20.71 14.35 -27.54
CA ILE E 181 -21.38 15.13 -26.53
C ILE E 181 -20.99 16.58 -26.68
N GLY E 182 -21.97 17.43 -26.97
CA GLY E 182 -21.73 18.84 -27.17
C GLY E 182 -21.47 19.57 -25.87
N ASN E 183 -21.49 20.90 -25.95
CA ASN E 183 -21.21 21.73 -24.80
C ASN E 183 -22.41 21.89 -23.87
N ASN E 184 -22.12 22.11 -22.60
CA ASN E 184 -23.13 22.41 -21.60
C ASN E 184 -24.21 21.36 -21.47
N VAL E 185 -23.84 20.10 -21.72
CA VAL E 185 -24.76 18.99 -21.58
C VAL E 185 -24.74 18.46 -20.16
N SER E 186 -25.90 18.11 -19.65
CA SER E 186 -26.02 17.59 -18.31
C SER E 186 -26.38 16.11 -18.33
N ILE E 187 -25.41 15.28 -18.06
CA ILE E 187 -25.63 13.84 -18.04
C ILE E 187 -25.71 13.36 -16.63
N LEU E 188 -26.78 12.65 -16.30
CA LEU E 188 -26.95 12.20 -14.93
C LEU E 188 -26.50 10.77 -14.76
N HIS E 189 -26.56 10.27 -13.53
CA HIS E 189 -26.01 8.97 -13.20
C HIS E 189 -26.77 7.86 -13.92
N HIS E 190 -26.04 6.80 -14.25
CA HIS E 190 -26.62 5.58 -14.83
C HIS E 190 -27.14 5.71 -16.24
N VAL E 191 -26.62 6.68 -16.96
CA VAL E 191 -27.02 6.93 -18.34
C VAL E 191 -26.14 6.12 -19.26
N THR E 192 -26.73 5.62 -20.34
CA THR E 192 -25.96 4.87 -21.31
C THR E 192 -26.10 5.48 -22.70
N LEU E 193 -24.97 5.91 -23.26
CA LEU E 193 -24.93 6.31 -24.65
C LEU E 193 -24.19 5.23 -25.40
N GLY E 194 -24.92 4.20 -25.78
CA GLY E 194 -24.31 3.04 -26.39
C GLY E 194 -24.96 2.62 -27.69
N GLY E 195 -24.42 1.57 -28.27
CA GLY E 195 -24.82 1.11 -29.58
C GLY E 195 -26.14 0.38 -29.60
N THR E 196 -26.51 -0.09 -30.78
CA THR E 196 -27.74 -0.83 -30.97
C THR E 196 -27.44 -2.24 -31.42
N VAL E 199 -22.04 -2.36 -35.03
CA VAL E 199 -20.72 -2.97 -35.14
C VAL E 199 -19.93 -2.26 -36.21
N GLY E 200 -19.19 -1.22 -35.81
CA GLY E 200 -18.39 -0.44 -36.72
C GLY E 200 -19.15 0.76 -37.21
N GLY E 201 -18.44 1.84 -37.52
CA GLY E 201 -19.05 3.04 -38.07
C GLY E 201 -19.72 3.87 -37.00
N ASP E 202 -20.37 4.95 -37.39
CA ASP E 202 -21.14 5.71 -36.42
C ASP E 202 -22.30 4.86 -35.94
N ARG E 203 -22.30 4.55 -34.65
CA ARG E 203 -23.29 3.65 -34.10
C ARG E 203 -23.76 4.08 -32.73
N HIS E 204 -23.28 5.24 -32.29
CA HIS E 204 -23.60 5.76 -30.98
C HIS E 204 -24.20 7.15 -31.08
N PRO E 205 -24.86 7.62 -30.01
CA PRO E 205 -25.61 8.87 -30.10
C PRO E 205 -24.76 10.13 -30.21
N LYS E 206 -25.32 11.15 -30.85
CA LYS E 206 -24.71 12.46 -30.95
C LYS E 206 -25.56 13.42 -30.14
N ILE E 207 -24.98 13.97 -29.09
CA ILE E 207 -25.68 14.89 -28.21
C ILE E 207 -25.44 16.33 -28.58
N GLY E 208 -26.52 17.07 -28.73
CA GLY E 208 -26.45 18.48 -29.03
C GLY E 208 -26.13 19.26 -27.77
N ASP E 209 -25.94 20.56 -27.91
CA ASP E 209 -25.65 21.40 -26.76
C ASP E 209 -26.88 21.53 -25.88
N GLY E 210 -26.65 21.90 -24.63
CA GLY E 210 -27.73 22.21 -23.71
C GLY E 210 -28.64 21.07 -23.30
N VAL E 211 -28.45 19.89 -23.88
CA VAL E 211 -29.28 18.73 -23.58
C VAL E 211 -29.13 18.27 -22.13
N LEU E 212 -30.26 17.86 -21.54
CA LEU E 212 -30.26 17.23 -20.23
C LEU E 212 -30.69 15.78 -20.34
N ILE E 213 -29.85 14.88 -19.84
CA ILE E 213 -30.13 13.45 -19.92
C ILE E 213 -30.44 12.86 -18.55
N GLY E 214 -31.66 12.38 -18.38
CA GLY E 214 -32.14 11.93 -17.08
C GLY E 214 -31.45 10.70 -16.55
N ALA E 215 -31.56 10.48 -15.24
CA ALA E 215 -30.89 9.36 -14.61
C ALA E 215 -31.40 8.02 -15.12
N GLY E 216 -30.50 7.08 -15.31
CA GLY E 216 -30.87 5.76 -15.77
C GLY E 216 -31.13 5.65 -17.26
N ALA E 217 -31.49 6.77 -17.89
CA ALA E 217 -31.87 6.79 -19.31
C ALA E 217 -30.83 6.18 -20.23
N THR E 218 -31.29 5.44 -21.22
CA THR E 218 -30.40 4.83 -22.19
C THR E 218 -30.77 5.25 -23.60
N ILE E 219 -29.76 5.72 -24.33
CA ILE E 219 -29.96 6.19 -25.67
C ILE E 219 -29.14 5.35 -26.62
N LEU E 220 -29.80 4.71 -27.57
CA LEU E 220 -29.15 3.71 -28.40
C LEU E 220 -29.12 4.07 -29.87
N GLY E 221 -27.95 3.98 -30.47
CA GLY E 221 -27.82 4.07 -31.91
C GLY E 221 -27.32 5.40 -32.43
N ASN E 222 -27.07 5.46 -33.74
CA ASN E 222 -26.59 6.69 -34.36
C ASN E 222 -27.72 7.68 -34.53
N ILE E 223 -28.35 8.02 -33.43
CA ILE E 223 -29.41 9.00 -33.43
C ILE E 223 -28.86 10.29 -32.85
N LYS E 224 -29.62 11.38 -33.01
CA LYS E 224 -29.13 12.69 -32.63
C LYS E 224 -30.11 13.35 -31.69
N ILE E 225 -29.65 13.60 -30.47
CA ILE E 225 -30.44 14.31 -29.48
C ILE E 225 -30.18 15.80 -29.62
N GLY E 226 -31.05 16.48 -30.33
CA GLY E 226 -30.83 17.87 -30.70
C GLY E 226 -30.62 18.82 -29.55
N GLU E 227 -30.17 20.02 -29.87
CA GLU E 227 -29.88 21.06 -28.89
C GLU E 227 -31.00 21.29 -27.89
N GLY E 228 -30.63 21.69 -26.69
CA GLY E 228 -31.58 22.10 -25.67
C GLY E 228 -32.70 21.14 -25.33
N ALA E 229 -32.66 19.95 -25.93
CA ALA E 229 -33.67 18.94 -25.68
C ALA E 229 -33.55 18.38 -24.28
N LYS E 230 -34.51 17.57 -23.88
CA LYS E 230 -34.50 16.96 -22.56
C LYS E 230 -34.94 15.51 -22.64
N VAL E 231 -34.20 14.65 -21.95
CA VAL E 231 -34.48 13.22 -21.91
C VAL E 231 -34.69 12.77 -20.48
N GLY E 232 -35.93 12.46 -20.13
CA GLY E 232 -36.30 12.08 -18.78
C GLY E 232 -35.66 10.80 -18.27
N ALA E 233 -35.76 10.60 -16.95
CA ALA E 233 -35.18 9.44 -16.30
C ALA E 233 -35.83 8.14 -16.73
N GLY E 234 -35.07 7.06 -16.69
CA GLY E 234 -35.55 5.75 -17.07
C GLY E 234 -36.13 5.65 -18.47
N SER E 235 -35.74 6.59 -19.34
CA SER E 235 -36.25 6.60 -20.71
C SER E 235 -35.35 5.79 -21.62
N VAL E 236 -35.95 5.23 -22.65
CA VAL E 236 -35.22 4.46 -23.62
C VAL E 236 -35.45 5.08 -24.98
N VAL E 237 -34.49 5.90 -25.38
CA VAL E 237 -34.61 6.64 -26.61
C VAL E 237 -33.98 5.87 -27.74
N LEU E 238 -34.77 5.61 -28.77
CA LEU E 238 -34.30 4.88 -29.93
C LEU E 238 -34.43 5.70 -31.20
N ILE E 239 -35.14 6.81 -31.11
CA ILE E 239 -35.38 7.66 -32.27
C ILE E 239 -34.75 9.01 -32.05
N ASP E 240 -34.71 9.80 -33.11
CA ASP E 240 -34.14 11.14 -33.02
C ASP E 240 -35.02 12.04 -32.20
N VAL E 241 -34.39 12.88 -31.40
CA VAL E 241 -35.10 13.86 -30.60
C VAL E 241 -34.84 15.26 -31.11
N PRO E 242 -35.87 15.89 -31.67
CA PRO E 242 -35.82 17.25 -32.18
C PRO E 242 -35.50 18.24 -31.08
N PRO E 243 -34.61 19.21 -31.36
CA PRO E 243 -34.17 20.23 -30.41
C PRO E 243 -35.31 20.90 -29.65
N ARG E 244 -35.00 21.31 -28.42
CA ARG E 244 -35.91 22.07 -27.59
C ARG E 244 -37.21 21.33 -27.26
N THR E 245 -37.18 20.01 -27.34
CA THR E 245 -38.33 19.21 -26.91
C THR E 245 -37.93 18.23 -25.82
N THR E 246 -38.92 17.47 -25.35
CA THR E 246 -38.74 16.54 -24.26
C THR E 246 -39.08 15.11 -24.66
N ALA E 247 -38.15 14.19 -24.42
CA ALA E 247 -38.32 12.79 -24.71
C ALA E 247 -38.45 11.97 -23.42
N VAL E 248 -39.43 11.08 -23.38
CA VAL E 248 -39.74 10.38 -22.15
C VAL E 248 -40.47 9.06 -22.35
N GLY E 249 -40.16 8.08 -21.52
CA GLY E 249 -40.87 6.82 -21.52
C GLY E 249 -40.05 5.64 -22.01
N ASN E 250 -40.62 4.45 -21.87
CA ASN E 250 -40.06 3.22 -22.43
C ASN E 250 -41.14 2.47 -23.19
N PRO E 251 -41.17 2.62 -24.52
CA PRO E 251 -40.20 3.40 -25.29
C PRO E 251 -40.52 4.89 -25.31
N ALA E 252 -39.47 5.70 -25.37
CA ALA E 252 -39.61 7.14 -25.23
C ALA E 252 -40.45 7.77 -26.31
N ARG E 253 -41.26 8.74 -25.89
CA ARG E 253 -42.08 9.49 -26.81
C ARG E 253 -41.76 10.96 -26.66
N LEU E 254 -42.08 11.74 -27.67
CA LEU E 254 -41.89 13.17 -27.61
C LEU E 254 -43.09 13.80 -26.94
N VAL E 255 -42.86 14.86 -26.17
CA VAL E 255 -43.91 15.52 -25.43
C VAL E 255 -44.14 16.94 -25.90
N GLU F 17 27.12 18.47 -16.32
CA GLU F 17 25.82 17.82 -16.13
C GLU F 17 25.26 17.29 -17.45
N GLY F 18 25.12 18.17 -18.43
CA GLY F 18 24.56 17.82 -19.73
C GLY F 18 25.17 16.59 -20.37
N TRP F 19 26.40 16.29 -20.02
CA TRP F 19 27.03 15.09 -20.52
C TRP F 19 26.67 13.90 -19.65
N VAL F 20 26.73 14.10 -18.34
CA VAL F 20 26.43 13.03 -17.40
C VAL F 20 24.98 12.61 -17.56
N TRP F 21 24.09 13.60 -17.61
CA TRP F 21 22.67 13.34 -17.81
C TRP F 21 22.41 12.62 -19.12
N GLY F 22 23.33 12.78 -20.06
CA GLY F 22 23.26 12.06 -21.32
C GLY F 22 23.75 10.64 -21.20
N GLN F 23 24.68 10.41 -20.27
CA GLN F 23 25.19 9.07 -20.04
C GLN F 23 24.12 8.23 -19.39
N ILE F 24 23.53 8.80 -18.33
CA ILE F 24 22.49 8.14 -17.57
C ILE F 24 21.37 7.68 -18.47
N LYS F 25 20.90 8.56 -19.34
CA LYS F 25 19.79 8.24 -20.23
C LYS F 25 20.13 7.15 -21.23
N ALA F 26 21.41 6.92 -21.47
CA ALA F 26 21.84 5.92 -22.43
C ALA F 26 22.25 4.64 -21.72
N GLU F 27 22.63 4.78 -20.45
CA GLU F 27 22.88 3.62 -19.62
C GLU F 27 21.54 3.00 -19.24
N ALA F 28 20.50 3.82 -19.14
CA ALA F 28 19.19 3.35 -18.73
C ALA F 28 18.38 2.88 -19.92
N ARG F 29 18.66 3.45 -21.08
CA ARG F 29 17.99 3.02 -22.29
C ARG F 29 18.52 1.65 -22.67
N ARG F 30 19.75 1.38 -22.26
CA ARG F 30 20.36 0.10 -22.54
C ARG F 30 19.88 -0.96 -21.58
N ASP F 31 19.73 -0.56 -20.33
CA ASP F 31 19.26 -1.47 -19.29
C ASP F 31 17.81 -1.85 -19.52
N ALA F 32 17.05 -0.96 -20.13
CA ALA F 32 15.63 -1.20 -20.33
C ALA F 32 15.37 -2.19 -21.45
N GLU F 33 16.22 -2.18 -22.46
CA GLU F 33 16.06 -3.09 -23.58
C GLU F 33 16.41 -4.51 -23.22
N SER F 34 17.19 -4.69 -22.17
CA SER F 34 17.72 -5.99 -21.85
C SER F 34 17.18 -6.56 -20.55
N GLU F 35 16.24 -5.84 -19.95
CA GLU F 35 15.63 -6.30 -18.71
C GLU F 35 14.27 -5.66 -18.54
N PRO F 36 13.24 -6.25 -19.16
CA PRO F 36 11.88 -5.74 -19.10
C PRO F 36 11.29 -5.66 -17.70
N ALA F 37 11.87 -6.35 -16.74
CA ALA F 37 11.36 -6.33 -15.38
C ALA F 37 11.54 -4.95 -14.79
N LEU F 38 12.56 -4.26 -15.28
CA LEU F 38 12.90 -2.93 -14.83
C LEU F 38 12.62 -1.92 -15.91
N ALA F 39 11.81 -2.28 -16.89
CA ALA F 39 11.66 -1.39 -18.02
C ALA F 39 10.79 -0.18 -17.71
N SER F 40 9.56 -0.41 -17.27
CA SER F 40 8.62 0.68 -17.08
C SER F 40 9.01 1.59 -15.93
N TYR F 41 9.80 1.06 -15.01
CA TYR F 41 10.31 1.84 -13.89
C TYR F 41 11.43 2.76 -14.34
N LEU F 42 12.31 2.25 -15.20
CA LEU F 42 13.40 3.04 -15.73
C LEU F 42 12.89 4.12 -16.65
N TYR F 43 11.69 3.95 -17.15
CA TYR F 43 11.08 4.98 -17.99
C TYR F 43 10.47 6.03 -17.11
N SER F 44 9.77 5.60 -16.08
CA SER F 44 9.12 6.54 -15.18
C SER F 44 10.17 7.44 -14.54
N THR F 45 11.25 6.82 -14.10
CA THR F 45 12.27 7.52 -13.33
C THR F 45 13.19 8.38 -14.19
N ILE F 46 13.72 7.80 -15.26
CA ILE F 46 14.77 8.46 -16.01
C ILE F 46 14.39 8.85 -17.43
N LEU F 47 13.93 7.90 -18.22
CA LEU F 47 13.79 8.09 -19.65
C LEU F 47 12.67 9.01 -20.09
N SER F 48 11.73 9.27 -19.21
CA SER F 48 10.61 10.14 -19.57
C SER F 48 10.85 11.56 -19.14
N HIS F 49 12.09 11.87 -18.75
CA HIS F 49 12.44 13.18 -18.25
C HIS F 49 13.64 13.77 -18.97
N SER F 50 13.68 15.09 -19.03
CA SER F 50 14.73 15.79 -19.77
C SER F 50 15.74 16.46 -18.86
N SER F 51 15.62 16.25 -17.56
CA SER F 51 16.51 16.89 -16.61
C SER F 51 16.82 15.98 -15.44
N LEU F 52 18.09 15.94 -15.06
CA LEU F 52 18.53 15.15 -13.92
C LEU F 52 17.84 15.61 -12.65
N GLU F 53 17.43 16.87 -12.62
CA GLU F 53 16.76 17.43 -11.46
C GLU F 53 15.42 16.76 -11.24
N ARG F 54 14.63 16.71 -12.30
CA ARG F 54 13.30 16.17 -12.21
C ARG F 54 13.37 14.68 -11.95
N SER F 55 14.35 14.02 -12.57
CA SER F 55 14.52 12.58 -12.43
C SER F 55 15.03 12.17 -11.07
N LEU F 56 15.81 13.04 -10.44
CA LEU F 56 16.35 12.76 -9.12
C LEU F 56 15.31 13.04 -8.05
N SER F 57 14.40 13.96 -8.37
CA SER F 57 13.33 14.32 -7.48
C SER F 57 12.32 13.20 -7.47
N PHE F 58 11.97 12.78 -8.67
CA PHE F 58 11.05 11.68 -8.91
C PHE F 58 11.42 10.44 -8.12
N HIS F 59 12.68 10.07 -8.17
CA HIS F 59 13.15 8.85 -7.56
C HIS F 59 13.12 8.95 -6.05
N LEU F 60 13.52 10.09 -5.52
CA LEU F 60 13.49 10.32 -4.10
C LEU F 60 12.08 10.29 -3.59
N GLY F 61 11.19 10.89 -4.37
CA GLY F 61 9.79 10.99 -4.01
C GLY F 61 9.12 9.65 -3.86
N ASN F 62 9.55 8.68 -4.65
CA ASN F 62 9.01 7.33 -4.58
C ASN F 62 9.76 6.45 -3.61
N LYS F 63 10.98 6.83 -3.26
CA LYS F 63 11.80 6.05 -2.34
C LYS F 63 11.59 6.46 -0.89
N LEU F 64 11.25 7.72 -0.69
CA LEU F 64 11.18 8.26 0.66
C LEU F 64 9.78 8.39 1.20
N CYS F 65 8.79 8.18 0.35
CA CYS F 65 7.42 8.41 0.73
C CYS F 65 6.96 7.43 1.79
N SER F 66 5.83 7.75 2.41
CA SER F 66 5.22 6.90 3.42
C SER F 66 3.74 7.16 3.46
N SER F 67 3.13 6.73 4.56
CA SER F 67 1.71 6.98 4.81
C SER F 67 1.52 8.44 5.20
N THR F 68 2.45 8.94 5.98
CA THR F 68 2.50 10.34 6.39
C THR F 68 2.74 11.25 5.21
N LEU F 69 3.67 10.86 4.34
CA LEU F 69 4.11 11.73 3.26
C LEU F 69 3.90 11.14 1.87
N LEU F 70 3.12 11.84 1.05
CA LEU F 70 2.79 11.40 -0.28
C LEU F 70 3.98 11.44 -1.19
N SER F 71 4.00 10.55 -2.18
CA SER F 71 5.12 10.47 -3.11
C SER F 71 5.09 11.66 -4.04
N THR F 72 3.90 12.18 -4.29
CA THR F 72 3.74 13.28 -5.21
C THR F 72 3.99 14.58 -4.49
N LEU F 73 3.99 14.52 -3.17
CA LEU F 73 4.26 15.69 -2.36
C LEU F 73 5.75 15.90 -2.28
N LEU F 74 6.47 14.87 -1.89
CA LEU F 74 7.92 14.94 -1.81
C LEU F 74 8.53 15.15 -3.17
N TYR F 75 7.85 14.68 -4.20
CA TYR F 75 8.28 14.94 -5.57
C TYR F 75 8.21 16.43 -5.84
N ASP F 76 7.14 17.07 -5.38
CA ASP F 76 7.03 18.51 -5.47
C ASP F 76 8.16 19.12 -4.67
N LEU F 77 8.19 18.79 -3.39
CA LEU F 77 9.13 19.35 -2.45
C LEU F 77 10.58 19.29 -2.89
N PHE F 78 10.91 18.31 -3.72
CA PHE F 78 12.28 18.16 -4.21
C PHE F 78 12.50 18.90 -5.51
N LEU F 79 11.52 18.86 -6.40
CA LEU F 79 11.63 19.56 -7.67
C LEU F 79 11.74 21.06 -7.42
N ASN F 80 11.12 21.51 -6.34
CA ASN F 80 11.21 22.90 -5.92
C ASN F 80 12.64 23.27 -5.54
N ALA F 81 13.19 22.51 -4.61
CA ALA F 81 14.56 22.69 -4.17
C ALA F 81 15.54 22.76 -5.33
N PHE F 82 15.57 21.73 -6.16
CA PHE F 82 16.54 21.68 -7.26
C PHE F 82 16.31 22.76 -8.31
N SER F 83 15.22 23.50 -8.17
CA SER F 83 14.95 24.58 -9.10
C SER F 83 15.37 25.92 -8.49
N SER F 84 15.27 26.02 -7.17
CA SER F 84 15.53 27.28 -6.50
C SER F 84 16.97 27.40 -6.05
N ASP F 85 17.78 26.39 -6.37
CA ASP F 85 19.15 26.33 -5.88
C ASP F 85 20.07 25.60 -6.82
N PRO F 86 20.93 26.34 -7.52
CA PRO F 86 21.87 25.81 -8.51
C PRO F 86 22.93 24.92 -7.87
N SER F 87 23.30 25.25 -6.64
CA SER F 87 24.33 24.51 -5.93
C SER F 87 23.95 23.05 -5.78
N LEU F 88 22.66 22.82 -5.56
CA LEU F 88 22.12 21.48 -5.41
C LEU F 88 22.35 20.62 -6.65
N ARG F 89 22.08 21.19 -7.82
CA ARG F 89 22.29 20.46 -9.05
C ARG F 89 23.78 20.26 -9.24
N SER F 90 24.56 21.24 -8.79
CA SER F 90 26.01 21.18 -8.91
C SER F 90 26.54 20.08 -8.02
N ALA F 91 25.99 20.01 -6.81
CA ALA F 91 26.39 19.03 -5.83
C ALA F 91 26.07 17.64 -6.33
N ALA F 92 24.95 17.50 -7.02
CA ALA F 92 24.53 16.20 -7.50
C ALA F 92 25.56 15.65 -8.45
N VAL F 93 25.62 16.25 -9.64
CA VAL F 93 26.50 15.81 -10.71
C VAL F 93 27.90 15.50 -10.24
N ALA F 94 28.39 16.30 -9.30
CA ALA F 94 29.72 16.14 -8.77
C ALA F 94 29.81 14.93 -7.85
N ASP F 95 28.68 14.60 -7.21
CA ASP F 95 28.63 13.41 -6.38
C ASP F 95 28.55 12.16 -7.25
N LEU F 96 27.94 12.32 -8.42
CA LEU F 96 27.87 11.27 -9.42
C LEU F 96 29.24 10.96 -9.99
N ARG F 97 29.98 12.02 -10.32
CA ARG F 97 31.33 11.89 -10.84
C ARG F 97 32.20 11.20 -9.81
N ALA F 98 32.15 11.70 -8.59
CA ALA F 98 33.00 11.20 -7.52
C ALA F 98 32.66 9.77 -7.10
N ALA F 99 31.59 9.24 -7.66
CA ALA F 99 31.22 7.85 -7.40
C ALA F 99 31.66 7.02 -8.59
N ARG F 100 31.50 7.61 -9.76
CA ARG F 100 31.97 7.01 -10.99
C ARG F 100 33.50 6.96 -10.97
N GLU F 101 34.12 8.02 -10.43
CA GLU F 101 35.58 8.08 -10.32
C GLU F 101 36.12 7.17 -9.22
N ARG F 102 35.79 7.50 -7.97
CA ARG F 102 36.45 6.91 -6.81
C ARG F 102 35.98 5.53 -6.35
N ASP F 103 34.69 5.22 -6.50
CA ASP F 103 34.16 3.97 -5.96
C ASP F 103 34.82 2.73 -6.54
N SER F 108 28.05 2.37 -13.04
CA SER F 108 27.68 3.29 -14.10
C SER F 108 26.83 4.42 -13.55
N TYR F 109 26.78 5.52 -14.28
CA TYR F 109 26.15 6.75 -13.81
C TYR F 109 24.71 6.54 -13.40
N SER F 110 24.02 5.69 -14.15
CA SER F 110 22.60 5.44 -13.88
C SER F 110 22.43 4.56 -12.65
N HIS F 111 23.32 3.60 -12.47
CA HIS F 111 23.20 2.65 -11.37
C HIS F 111 23.38 3.31 -10.02
N CYS F 112 24.16 4.39 -10.01
CA CYS F 112 24.41 5.14 -8.78
C CYS F 112 23.26 6.10 -8.54
N LEU F 113 22.63 6.55 -9.62
CA LEU F 113 21.49 7.44 -9.51
C LEU F 113 20.29 6.71 -8.91
N LEU F 114 20.22 5.40 -9.11
CA LEU F 114 19.06 4.65 -8.71
C LEU F 114 19.28 3.81 -7.48
N ASN F 115 20.41 3.10 -7.46
CA ASN F 115 20.59 2.04 -6.49
C ASN F 115 21.49 2.40 -5.32
N TYR F 116 22.16 3.53 -5.41
CA TYR F 116 23.10 3.90 -4.36
C TYR F 116 22.46 4.73 -3.26
N LYS F 117 22.29 4.10 -2.11
CA LYS F 117 21.67 4.72 -0.96
C LYS F 117 22.35 6.01 -0.61
N GLY F 118 23.66 5.91 -0.38
CA GLY F 118 24.45 7.05 0.01
C GLY F 118 24.26 8.28 -0.86
N PHE F 119 24.33 8.08 -2.17
CA PHE F 119 24.22 9.21 -3.09
C PHE F 119 22.88 9.87 -2.97
N LEU F 120 21.86 9.04 -2.83
CA LEU F 120 20.50 9.51 -2.71
C LEU F 120 20.26 10.13 -1.34
N ALA F 121 20.84 9.53 -0.32
CA ALA F 121 20.69 10.06 1.03
C ALA F 121 21.45 11.37 1.17
N CYS F 122 22.39 11.61 0.27
CA CYS F 122 23.16 12.84 0.28
C CYS F 122 22.32 13.94 -0.32
N GLN F 123 21.86 13.71 -1.56
CA GLN F 123 21.06 14.69 -2.28
C GLN F 123 19.69 14.93 -1.67
N ALA F 124 19.28 14.06 -0.77
CA ALA F 124 18.03 14.25 -0.09
C ALA F 124 18.28 15.03 1.18
N HIS F 125 19.48 14.92 1.70
CA HIS F 125 19.83 15.59 2.93
C HIS F 125 20.05 17.08 2.71
N ARG F 126 20.65 17.42 1.59
CA ARG F 126 20.90 18.80 1.26
C ARG F 126 19.60 19.59 1.28
N VAL F 127 18.50 18.91 0.95
CA VAL F 127 17.19 19.54 0.98
C VAL F 127 16.62 19.54 2.39
N ALA F 128 17.11 18.65 3.24
CA ALA F 128 16.72 18.66 4.64
C ALA F 128 17.43 19.80 5.31
N HIS F 129 18.64 20.06 4.83
CA HIS F 129 19.48 21.14 5.34
C HIS F 129 18.89 22.46 4.92
N LEU F 130 18.53 22.55 3.64
CA LEU F 130 17.89 23.73 3.10
C LEU F 130 16.60 24.06 3.83
N LEU F 131 15.87 23.04 4.24
CA LEU F 131 14.61 23.26 4.95
C LEU F 131 14.84 23.75 6.36
N TRP F 132 16.04 23.52 6.87
CA TRP F 132 16.39 23.86 8.23
C TRP F 132 16.89 25.28 8.31
N ARG F 133 17.40 25.77 7.19
CA ARG F 133 17.84 27.15 7.11
C ARG F 133 16.64 28.04 6.81
N GLN F 134 15.69 27.52 6.05
CA GLN F 134 14.48 28.28 5.77
C GLN F 134 13.51 28.23 6.95
N SER F 135 13.98 27.74 8.09
CA SER F 135 13.15 27.58 9.29
C SER F 135 11.90 26.76 9.07
N ARG F 136 12.01 25.72 8.25
CA ARG F 136 10.95 24.73 8.13
C ARG F 136 11.43 23.48 8.84
N ARG F 137 11.80 23.65 10.08
CA ARG F 137 12.44 22.56 10.83
C ARG F 137 11.63 21.29 11.09
N PRO F 138 10.32 21.40 11.40
CA PRO F 138 9.59 20.15 11.61
C PRO F 138 9.53 19.26 10.36
N LEU F 139 9.34 19.87 9.21
CA LEU F 139 9.36 19.15 7.94
C LEU F 139 10.77 18.64 7.67
N ALA F 140 11.77 19.39 8.11
CA ALA F 140 13.15 19.00 7.89
C ALA F 140 13.54 17.85 8.78
N LEU F 141 12.90 17.75 9.94
CA LEU F 141 13.20 16.66 10.86
C LEU F 141 12.38 15.42 10.55
N ALA F 142 11.39 15.59 9.69
CA ALA F 142 10.57 14.50 9.22
C ALA F 142 11.27 13.84 8.07
N LEU F 143 11.71 14.69 7.15
CA LEU F 143 12.46 14.26 5.99
C LEU F 143 13.83 13.74 6.40
N HIS F 144 14.22 14.04 7.62
CA HIS F 144 15.45 13.50 8.14
C HIS F 144 15.22 12.09 8.62
N SER F 145 14.04 11.84 9.15
CA SER F 145 13.71 10.54 9.72
C SER F 145 13.44 9.51 8.64
N ARG F 146 12.93 9.97 7.51
CA ARG F 146 12.72 9.10 6.36
C ARG F 146 14.06 8.63 5.87
N ILE F 147 14.96 9.58 5.63
CA ILE F 147 16.31 9.28 5.17
C ILE F 147 17.02 8.32 6.10
N ALA F 148 16.68 8.33 7.38
CA ALA F 148 17.24 7.35 8.28
C ALA F 148 16.55 6.01 8.06
N ASN F 149 15.23 6.03 7.97
CA ASN F 149 14.43 4.82 7.72
C ASN F 149 14.78 4.10 6.42
N VAL F 150 14.83 4.84 5.33
CA VAL F 150 15.01 4.25 4.01
C VAL F 150 16.47 3.96 3.64
N PHE F 151 17.34 4.97 3.72
CA PHE F 151 18.73 4.79 3.28
C PHE F 151 19.71 4.46 4.39
N ALA F 152 19.22 4.37 5.62
CA ALA F 152 20.05 4.08 6.78
C ALA F 152 21.23 5.04 6.94
N VAL F 153 20.99 6.32 6.64
CA VAL F 153 21.98 7.37 6.86
C VAL F 153 21.43 8.46 7.75
N ASP F 154 22.04 8.60 8.93
CA ASP F 154 21.55 9.51 9.95
C ASP F 154 22.39 10.77 10.05
N ILE F 155 22.06 11.77 9.24
CA ILE F 155 22.74 13.04 9.30
C ILE F 155 21.78 14.10 9.78
N HIS F 156 22.16 14.81 10.84
CA HIS F 156 21.32 15.88 11.34
C HIS F 156 21.27 16.99 10.30
N PRO F 157 20.08 17.57 10.08
CA PRO F 157 19.93 18.59 9.04
C PRO F 157 20.86 19.78 9.24
N ALA F 158 21.32 19.99 10.47
CA ALA F 158 22.20 21.09 10.78
C ALA F 158 23.60 20.85 10.26
N ALA F 159 23.91 19.61 9.91
CA ALA F 159 25.25 19.28 9.47
C ALA F 159 25.55 19.92 8.14
N ARG F 160 26.82 20.20 7.90
CA ARG F 160 27.23 20.82 6.67
C ARG F 160 28.15 19.91 5.92
N ILE F 161 27.76 19.58 4.69
CA ILE F 161 28.56 18.72 3.84
C ILE F 161 28.90 19.45 2.55
N GLY F 162 30.07 19.16 2.01
CA GLY F 162 30.49 19.76 0.78
C GLY F 162 29.97 18.99 -0.40
N LYS F 163 30.71 19.02 -1.50
CA LYS F 163 30.34 18.23 -2.66
C LYS F 163 31.48 17.36 -3.17
N GLY F 164 31.13 16.33 -3.92
CA GLY F 164 32.09 15.33 -4.35
C GLY F 164 32.15 14.22 -3.33
N ILE F 165 31.08 14.08 -2.55
CA ILE F 165 31.07 13.13 -1.45
C ILE F 165 30.82 11.70 -1.91
N LEU F 166 31.42 10.75 -1.19
CA LEU F 166 31.23 9.34 -1.43
C LEU F 166 30.71 8.69 -0.17
N PHE F 167 29.63 7.95 -0.31
CA PHE F 167 29.05 7.21 0.81
C PHE F 167 29.01 5.73 0.51
N ASP F 168 30.19 5.12 0.47
CA ASP F 168 30.34 3.72 0.09
C ASP F 168 29.71 2.80 1.12
N HIS F 169 28.70 2.04 0.67
CA HIS F 169 27.93 1.16 1.54
C HIS F 169 27.32 1.97 2.66
N ALA F 170 26.18 2.58 2.36
CA ALA F 170 25.69 3.67 3.17
C ALA F 170 25.35 3.27 4.59
N THR F 171 24.83 2.07 4.76
CA THR F 171 24.26 1.66 6.03
C THR F 171 25.16 1.97 7.21
N GLY F 172 24.57 2.64 8.21
CA GLY F 172 25.17 2.75 9.53
C GLY F 172 25.94 4.01 9.84
N VAL F 173 25.92 4.98 8.94
CA VAL F 173 26.65 6.23 9.14
C VAL F 173 25.87 7.24 9.95
N VAL F 174 26.47 7.69 11.05
CA VAL F 174 25.87 8.70 11.91
C VAL F 174 26.68 9.97 11.92
N VAL F 175 26.06 11.06 11.50
CA VAL F 175 26.71 12.36 11.46
C VAL F 175 25.92 13.33 12.32
N GLY F 176 26.60 13.96 13.26
CA GLY F 176 25.95 14.78 14.26
C GLY F 176 25.58 16.20 13.86
N GLU F 177 24.97 16.92 14.80
CA GLU F 177 24.41 18.25 14.54
C GLU F 177 25.42 19.34 14.20
N THR F 178 26.62 19.25 14.74
CA THR F 178 27.58 20.34 14.63
C THR F 178 28.82 19.92 13.88
N ALA F 179 28.70 18.94 13.00
CA ALA F 179 29.83 18.41 12.26
C ALA F 179 29.95 19.05 10.90
N VAL F 180 31.15 19.00 10.33
CA VAL F 180 31.39 19.62 9.03
C VAL F 180 32.20 18.70 8.13
N ILE F 181 31.69 18.49 6.92
CA ILE F 181 32.33 17.64 5.94
C ILE F 181 32.64 18.45 4.69
N GLY F 182 33.93 18.53 4.36
CA GLY F 182 34.35 19.34 3.23
C GLY F 182 34.09 18.69 1.89
N ASN F 183 34.91 19.03 0.91
CA ASN F 183 34.77 18.48 -0.42
C ASN F 183 35.61 17.23 -0.65
N ASN F 184 35.14 16.39 -1.56
CA ASN F 184 35.82 15.17 -1.96
C ASN F 184 36.21 14.26 -0.80
N VAL F 185 35.28 14.09 0.14
CA VAL F 185 35.50 13.21 1.27
C VAL F 185 34.85 11.86 0.99
N SER F 186 35.50 10.79 1.44
CA SER F 186 35.02 9.45 1.20
C SER F 186 34.74 8.73 2.50
N ILE F 187 33.50 8.85 2.95
CA ILE F 187 33.06 8.19 4.17
C ILE F 187 32.49 6.84 3.85
N LEU F 188 33.08 5.81 4.42
CA LEU F 188 32.67 4.46 4.10
C LEU F 188 31.62 3.95 5.05
N HIS F 189 31.47 2.64 5.01
CA HIS F 189 30.53 1.89 5.80
C HIS F 189 30.67 2.18 7.29
N HIS F 190 29.55 2.43 7.95
CA HIS F 190 29.48 2.41 9.41
C HIS F 190 30.32 3.44 10.18
N VAL F 191 30.65 4.55 9.54
CA VAL F 191 31.43 5.62 10.17
C VAL F 191 30.56 6.42 11.12
N THR F 192 31.08 6.71 12.29
CA THR F 192 30.37 7.53 13.25
C THR F 192 31.07 8.86 13.46
N LEU F 193 30.40 9.95 13.13
CA LEU F 193 30.94 11.27 13.37
C LEU F 193 30.11 11.92 14.44
N GLY F 194 30.51 11.73 15.68
CA GLY F 194 29.73 12.23 16.79
C GLY F 194 30.59 12.98 17.77
N GLY F 195 30.09 13.07 18.99
CA GLY F 195 30.82 13.74 20.05
C GLY F 195 30.72 12.93 21.31
N THR F 196 31.46 13.34 22.32
CA THR F 196 31.40 12.70 23.62
C THR F 196 30.18 13.18 24.41
N GLY F 200 25.81 20.33 24.46
CA GLY F 200 25.51 21.47 23.63
C GLY F 200 26.72 22.18 23.05
N GLY F 201 26.47 23.08 22.10
CA GLY F 201 27.53 23.87 21.51
C GLY F 201 28.06 23.27 20.25
N ASP F 202 29.28 23.63 19.90
CA ASP F 202 29.97 23.03 18.77
C ASP F 202 30.72 21.83 19.30
N ARG F 203 30.20 20.65 19.03
CA ARG F 203 30.60 19.47 19.76
C ARG F 203 30.80 18.25 18.88
N HIS F 204 30.91 18.46 17.58
CA HIS F 204 31.14 17.38 16.63
C HIS F 204 32.34 17.70 15.75
N PRO F 205 32.92 16.67 15.11
CA PRO F 205 34.16 16.92 14.37
C PRO F 205 34.02 17.54 13.01
N LYS F 206 35.10 18.16 12.56
CA LYS F 206 35.16 18.80 11.26
C LYS F 206 36.04 17.98 10.35
N ILE F 207 35.52 17.64 9.17
CA ILE F 207 36.26 16.85 8.21
C ILE F 207 36.80 17.71 7.10
N GLY F 208 38.10 17.61 6.86
CA GLY F 208 38.75 18.40 5.84
C GLY F 208 38.38 17.94 4.45
N ASP F 209 38.94 18.60 3.46
CA ASP F 209 38.74 18.22 2.08
C ASP F 209 39.66 17.08 1.74
N GLY F 210 39.16 16.15 0.93
CA GLY F 210 39.96 15.06 0.41
C GLY F 210 40.30 13.99 1.43
N VAL F 211 39.59 13.97 2.53
CA VAL F 211 39.84 12.99 3.56
C VAL F 211 39.14 11.68 3.21
N LEU F 212 39.74 10.57 3.63
CA LEU F 212 39.14 9.26 3.46
C LEU F 212 38.92 8.64 4.82
N ILE F 213 37.67 8.32 5.14
CA ILE F 213 37.36 7.72 6.42
C ILE F 213 37.00 6.25 6.29
N GLY F 214 37.85 5.40 6.84
CA GLY F 214 37.67 3.97 6.78
C GLY F 214 36.36 3.48 7.35
N ALA F 215 36.06 2.22 7.09
CA ALA F 215 34.79 1.67 7.49
C ALA F 215 34.71 1.38 8.98
N GLY F 216 33.63 1.84 9.61
CA GLY F 216 33.38 1.52 11.00
C GLY F 216 34.10 2.38 12.00
N ALA F 217 34.94 3.28 11.51
CA ALA F 217 35.69 4.19 12.36
C ALA F 217 34.76 5.13 13.11
N THR F 218 35.14 5.49 14.33
CA THR F 218 34.38 6.47 15.07
C THR F 218 35.26 7.67 15.39
N ILE F 219 34.87 8.83 14.91
CA ILE F 219 35.58 10.06 15.20
C ILE F 219 34.72 10.90 16.14
N LEU F 220 35.18 11.08 17.36
CA LEU F 220 34.39 11.75 18.37
C LEU F 220 34.93 13.13 18.75
N GLY F 221 34.06 14.01 19.21
CA GLY F 221 34.45 15.29 19.75
C GLY F 221 34.59 16.41 18.73
N ASN F 222 34.79 17.62 19.22
CA ASN F 222 34.96 18.79 18.34
C ASN F 222 36.38 18.87 17.81
N ILE F 223 36.87 17.75 17.28
CA ILE F 223 38.21 17.68 16.77
C ILE F 223 38.21 17.86 15.26
N LYS F 224 39.40 17.90 14.67
CA LYS F 224 39.53 18.16 13.26
C LYS F 224 40.33 17.06 12.59
N ILE F 225 39.94 16.71 11.38
CA ILE F 225 40.65 15.74 10.58
C ILE F 225 41.17 16.48 9.36
N GLY F 226 42.49 16.50 9.22
CA GLY F 226 43.14 17.38 8.27
C GLY F 226 42.91 17.05 6.82
N GLU F 227 43.09 18.04 5.96
CA GLU F 227 42.97 17.86 4.52
C GLU F 227 43.90 16.80 4.00
N GLY F 228 43.33 15.75 3.41
CA GLY F 228 44.11 14.71 2.77
C GLY F 228 44.46 13.59 3.71
N ALA F 229 44.03 13.70 4.96
CA ALA F 229 44.31 12.66 5.94
C ALA F 229 43.52 11.41 5.64
N LYS F 230 43.87 10.32 6.29
CA LYS F 230 43.17 9.07 6.09
C LYS F 230 42.94 8.36 7.40
N VAL F 231 41.68 8.12 7.72
CA VAL F 231 41.35 7.41 8.94
C VAL F 231 41.09 5.95 8.64
N GLY F 232 41.82 5.09 9.35
CA GLY F 232 41.73 3.67 9.16
C GLY F 232 40.39 3.13 9.55
N ALA F 233 40.11 1.90 9.12
CA ALA F 233 38.87 1.25 9.47
C ALA F 233 38.94 0.74 10.89
N GLY F 234 37.82 0.82 11.60
CA GLY F 234 37.76 0.36 12.98
C GLY F 234 38.46 1.30 13.93
N SER F 235 38.83 2.47 13.43
CA SER F 235 39.57 3.44 14.23
C SER F 235 38.69 4.16 15.24
N VAL F 236 39.30 4.54 16.36
CA VAL F 236 38.65 5.40 17.34
C VAL F 236 39.48 6.66 17.51
N VAL F 237 39.09 7.72 16.81
CA VAL F 237 39.83 8.97 16.83
C VAL F 237 39.27 9.93 17.86
N LEU F 238 40.02 10.16 18.93
CA LEU F 238 39.62 11.11 19.94
C LEU F 238 40.40 12.41 19.81
N ILE F 239 41.59 12.34 19.21
CA ILE F 239 42.47 13.49 19.08
C ILE F 239 42.40 14.10 17.69
N ASP F 240 42.98 15.27 17.53
CA ASP F 240 43.05 15.90 16.22
C ASP F 240 43.96 15.08 15.31
N VAL F 241 43.79 15.27 14.01
CA VAL F 241 44.60 14.57 13.04
C VAL F 241 45.08 15.54 11.98
N PRO F 242 46.39 15.76 11.93
CA PRO F 242 47.05 16.66 10.98
C PRO F 242 46.88 16.20 9.54
N PRO F 243 46.73 17.15 8.60
CA PRO F 243 46.54 16.89 7.18
C PRO F 243 47.54 15.89 6.62
N ARG F 244 47.20 15.29 5.49
CA ARG F 244 48.12 14.45 4.73
C ARG F 244 48.72 13.31 5.54
N THR F 245 48.20 13.05 6.73
CA THR F 245 48.72 11.96 7.53
C THR F 245 47.74 10.79 7.59
N THR F 246 48.02 9.81 8.43
CA THR F 246 47.15 8.64 8.54
C THR F 246 46.97 8.22 9.99
N ALA F 247 45.72 8.15 10.41
CA ALA F 247 45.38 7.79 11.78
C ALA F 247 44.83 6.38 11.80
N VAL F 248 45.14 5.64 12.85
CA VAL F 248 44.76 4.23 12.88
C VAL F 248 44.80 3.60 14.26
N GLY F 249 43.88 2.68 14.50
CA GLY F 249 43.89 1.89 15.72
C GLY F 249 42.78 2.20 16.72
N ASN F 250 42.96 1.71 17.94
CA ASN F 250 42.05 1.99 19.05
C ASN F 250 42.80 1.90 20.37
N PRO F 251 43.30 3.04 20.85
CA PRO F 251 43.08 4.38 20.30
C PRO F 251 43.94 4.73 19.10
N ALA F 252 43.46 5.68 18.31
CA ALA F 252 44.06 5.99 17.01
C ALA F 252 45.41 6.67 17.12
N ARG F 253 46.40 6.09 16.47
CA ARG F 253 47.75 6.62 16.51
C ARG F 253 48.23 6.97 15.12
N LEU F 254 48.84 8.13 15.00
CA LEU F 254 49.35 8.59 13.72
C LEU F 254 50.40 7.63 13.23
N VAL F 255 50.45 7.43 11.92
CA VAL F 255 51.37 6.48 11.33
C VAL F 255 52.21 7.16 10.26
#